data_9MNH
#
_entry.id   9MNH
#
_cell.length_a   1.00
_cell.length_b   1.00
_cell.length_c   1.00
_cell.angle_alpha   90.00
_cell.angle_beta   90.00
_cell.angle_gamma   90.00
#
_symmetry.space_group_name_H-M   'P 1'
#
loop_
_entity.id
_entity.type
_entity.pdbx_description
1 polymer 'Fusion Protein'
2 branched beta-D-mannopyranose-(1-4)-2-acetamido-2-deoxy-beta-D-glucopyranose-(1-4)-2-acetamido-2-deoxy-beta-D-glucopyranose
3 branched beta-D-mannopyranose-(1-4)-2-acetamido-2-deoxy-beta-D-glucopyranose-(1-4)-[alpha-L-fucopyranose-(1-6)]2-acetamido-2-deoxy-beta-D-glucopyranose
4 non-polymer 2-acetamido-2-deoxy-beta-D-glucopyranose
#
_entity_poly.entity_id   1
_entity_poly.type   'polypeptide(L)'
_entity_poly.pdbx_seq_one_letter_code
;VDFERLASIGGIKGHSKLYKIKGHPTTKDIVIKLVPNLNNLTVCSEMSIDGYLNLINAVIIPISQSLELMRNNVKDGTPN
ENIFGAIVAGAALGIATAAQVTSVVALHKSNQNAAKINSLRDSITKTNQAVEQLSLGVQETVSVLMGLQDQINTNLVPKI
NILSCKQLSNTLNIMLLQYYSQILTVFGPNLRDPATVPVSIQALSQLFEGNLELLTSSLGISSTDFNDLLTGKLITGSII
WADTQGHYLILRVNIPDLIEVPGAVIQEFIKIGYNFGGSLWMPTIPNKIIIRGYHLSLIDSTNCIITDNSYVCDRDYSLP
MNPILRECFEGNTSSCGREMVLNSYIPLYALSEGVIYANCLATSCKCATTNKPIVQSTSTVITMIDNSKCPVVEVGKQMI
SVGSYLGQVSPNNLTIEIGPPVYTEPVDITNQLGNINETLSKTLDLIKQSNSILDMITGGLGSGYIPEAPRDGQAYVRKD
GEWVLLSTFLGRSLEVLFQGPGHHHHHHHHSAWSHPQFEKGGGSGGGGSGGSAWSHPQFEK
;
_entity_poly.pdbx_strand_id   A,B,C
#
loop_
_chem_comp.id
_chem_comp.type
_chem_comp.name
_chem_comp.formula
BMA D-saccharide, beta linking beta-D-mannopyranose 'C6 H12 O6'
FUC L-saccharide, alpha linking alpha-L-fucopyranose 'C6 H12 O5'
NAG D-saccharide, beta linking 2-acetamido-2-deoxy-beta-D-glucopyranose 'C8 H15 N O6'
#
# COMPACT_ATOMS: atom_id res chain seq x y z
N VAL A 1 -23.72 -19.76 -17.80
CA VAL A 1 -23.66 -19.84 -16.35
C VAL A 1 -25.07 -20.12 -15.78
N ASP A 2 -25.13 -21.00 -14.78
CA ASP A 2 -26.38 -21.35 -14.12
C ASP A 2 -26.37 -20.77 -12.70
N PHE A 3 -27.26 -19.82 -12.43
CA PHE A 3 -27.28 -19.16 -11.14
C PHE A 3 -28.05 -19.92 -10.07
N GLU A 4 -28.83 -20.95 -10.44
CA GLU A 4 -29.54 -21.73 -9.43
C GLU A 4 -28.59 -22.61 -8.63
N ARG A 5 -27.69 -23.31 -9.33
CA ARG A 5 -26.70 -24.14 -8.65
C ARG A 5 -25.69 -23.29 -7.87
N LEU A 6 -25.31 -22.15 -8.44
CA LEU A 6 -24.39 -21.25 -7.75
C LEU A 6 -25.07 -20.53 -6.59
N ALA A 7 -26.40 -20.41 -6.61
CA ALA A 7 -27.13 -19.94 -5.44
C ALA A 7 -27.26 -21.03 -4.39
N SER A 8 -27.32 -22.29 -4.83
CA SER A 8 -27.33 -23.41 -3.89
C SER A 8 -25.99 -23.55 -3.18
N ILE A 9 -24.89 -23.27 -3.88
CA ILE A 9 -23.57 -23.43 -3.26
C ILE A 9 -23.24 -22.24 -2.35
N GLY A 10 -23.91 -21.10 -2.51
CA GLY A 10 -23.69 -19.98 -1.62
C GLY A 10 -23.25 -18.68 -2.26
N GLY A 11 -23.58 -18.51 -3.54
CA GLY A 11 -23.24 -17.27 -4.23
C GLY A 11 -24.47 -16.63 -4.87
N ILE A 12 -24.69 -15.35 -4.62
CA ILE A 12 -25.91 -14.68 -5.05
C ILE A 12 -25.54 -13.67 -6.12
N LYS A 13 -26.32 -13.65 -7.21
CA LYS A 13 -26.04 -12.79 -8.35
C LYS A 13 -26.27 -11.32 -7.99
N GLY A 14 -25.22 -10.53 -8.12
CA GLY A 14 -25.28 -9.10 -7.83
C GLY A 14 -25.65 -8.28 -9.04
N HIS A 15 -25.20 -7.04 -9.04
CA HIS A 15 -25.53 -6.11 -10.10
C HIS A 15 -24.80 -6.46 -11.40
N SER A 16 -25.36 -5.99 -12.51
CA SER A 16 -24.76 -6.12 -13.83
C SER A 16 -24.25 -4.76 -14.27
N LYS A 17 -22.95 -4.68 -14.57
CA LYS A 17 -22.32 -3.43 -14.97
C LYS A 17 -21.56 -3.62 -16.27
N LEU A 18 -21.35 -2.52 -16.98
CA LEU A 18 -20.67 -2.52 -18.26
C LEU A 18 -19.16 -2.40 -18.07
N TYR A 19 -18.44 -2.33 -19.19
CA TYR A 19 -16.98 -2.27 -19.18
C TYR A 19 -16.53 -1.27 -20.24
N LYS A 20 -15.76 -0.27 -19.84
CA LYS A 20 -15.30 0.77 -20.74
C LYS A 20 -13.80 1.02 -20.54
N ILE A 21 -13.11 1.30 -21.63
CA ILE A 21 -11.65 1.46 -21.64
C ILE A 21 -11.31 2.85 -22.15
N LYS A 22 -10.37 3.51 -21.49
CA LYS A 22 -9.83 4.75 -22.02
C LYS A 22 -8.97 4.46 -23.25
N GLY A 23 -9.22 5.19 -24.33
CA GLY A 23 -8.50 4.94 -25.57
C GLY A 23 -8.71 6.07 -26.55
N HIS A 24 -7.97 5.97 -27.68
CA HIS A 24 -7.88 6.95 -28.76
C HIS A 24 -7.51 8.33 -28.22
N PRO A 25 -6.26 8.57 -27.83
CA PRO A 25 -5.91 9.87 -27.25
C PRO A 25 -5.40 10.88 -28.26
N THR A 26 -5.85 12.12 -28.10
CA THR A 26 -5.28 13.26 -28.80
C THR A 26 -4.38 14.03 -27.85
N THR A 27 -3.52 14.87 -28.41
CA THR A 27 -2.44 15.48 -27.66
C THR A 27 -2.67 16.98 -27.48
N LYS A 28 -2.32 17.49 -26.30
CA LYS A 28 -2.30 18.91 -26.02
C LYS A 28 -0.98 19.26 -25.35
N ASP A 29 -0.54 20.50 -25.53
CA ASP A 29 0.75 20.94 -25.04
C ASP A 29 0.58 22.02 -23.98
N ILE A 30 1.25 21.84 -22.85
CA ILE A 30 1.30 22.85 -21.80
C ILE A 30 2.76 23.17 -21.53
N VAL A 31 2.98 24.33 -20.91
CA VAL A 31 4.32 24.73 -20.48
C VAL A 31 4.27 25.12 -19.01
N ILE A 32 5.25 24.66 -18.25
CA ILE A 32 5.34 24.92 -16.82
C ILE A 32 6.64 25.66 -16.59
N LYS A 33 6.53 26.93 -16.22
CA LYS A 33 7.70 27.65 -15.75
C LYS A 33 7.96 27.31 -14.29
N LEU A 34 9.23 27.41 -13.89
CA LEU A 34 9.61 27.03 -12.54
C LEU A 34 10.04 28.21 -11.67
N VAL A 35 10.69 29.21 -12.25
CA VAL A 35 11.08 30.41 -11.52
C VAL A 35 9.89 31.35 -11.46
N PRO A 36 9.40 31.72 -10.28
CA PRO A 36 8.28 32.67 -10.21
C PRO A 36 8.72 34.08 -10.61
N ASN A 37 7.86 34.74 -11.39
CA ASN A 37 8.17 36.05 -11.92
C ASN A 37 7.74 37.12 -10.91
N LEU A 38 8.69 37.91 -10.45
CA LEU A 38 8.43 39.00 -9.52
C LEU A 38 8.86 40.31 -10.15
N ASN A 39 7.95 41.30 -10.10
CA ASN A 39 8.26 42.65 -10.54
C ASN A 39 7.88 43.72 -9.53
N ASN A 40 6.91 43.46 -8.65
CA ASN A 40 6.65 44.36 -7.53
C ASN A 40 7.77 44.32 -6.51
N LEU A 41 8.49 43.20 -6.42
CA LEU A 41 9.54 43.01 -5.42
C LEU A 41 10.91 43.44 -5.90
N THR A 42 10.98 44.40 -6.82
CA THR A 42 12.27 44.90 -7.29
C THR A 42 12.95 45.82 -6.28
N VAL A 43 12.27 46.23 -5.22
CA VAL A 43 12.85 47.10 -4.20
C VAL A 43 13.54 46.31 -3.11
N CYS A 44 12.85 45.36 -2.49
CA CYS A 44 13.38 44.60 -1.36
C CYS A 44 13.16 43.11 -1.58
N SER A 45 14.04 42.49 -2.37
CA SER A 45 14.09 41.04 -2.45
C SER A 45 15.50 40.48 -2.42
N GLU A 46 16.53 41.33 -2.54
CA GLU A 46 17.96 41.01 -2.60
C GLU A 46 18.20 40.04 -3.78
N MET A 47 19.20 39.18 -3.65
CA MET A 47 19.54 38.20 -4.67
C MET A 47 19.21 36.78 -4.19
N SER A 48 18.07 36.62 -3.53
CA SER A 48 17.66 35.33 -2.97
C SER A 48 17.23 34.32 -4.05
N ILE A 49 17.03 34.77 -5.28
CA ILE A 49 16.67 33.86 -6.37
C ILE A 49 17.88 33.01 -6.80
N ASP A 50 19.09 33.45 -6.48
CA ASP A 50 20.31 32.78 -6.95
C ASP A 50 20.48 31.40 -6.31
N GLY A 51 20.13 31.27 -5.03
CA GLY A 51 20.19 29.96 -4.39
C GLY A 51 19.17 29.00 -4.95
N TYR A 52 17.97 29.48 -5.28
CA TYR A 52 16.96 28.65 -5.92
C TYR A 52 17.39 28.24 -7.32
N LEU A 53 18.06 29.14 -8.06
CA LEU A 53 18.58 28.81 -9.38
C LEU A 53 19.68 27.75 -9.29
N ASN A 54 20.56 27.87 -8.30
CA ASN A 54 21.60 26.86 -8.10
C ASN A 54 21.02 25.54 -7.63
N LEU A 55 19.86 25.57 -6.96
CA LEU A 55 19.21 24.32 -6.57
C LEU A 55 18.54 23.65 -7.77
N ILE A 56 17.89 24.43 -8.64
CA ILE A 56 17.13 23.82 -9.75
C ILE A 56 17.98 23.57 -10.99
N ASN A 57 19.21 24.09 -11.06
CA ASN A 57 20.09 23.75 -12.17
C ASN A 57 20.57 22.31 -12.09
N ALA A 58 20.57 21.70 -10.92
CA ALA A 58 20.86 20.28 -10.80
C ALA A 58 19.70 19.40 -11.22
N VAL A 59 18.51 19.97 -11.38
CA VAL A 59 17.33 19.23 -11.82
C VAL A 59 17.09 19.40 -13.31
N ILE A 60 17.22 20.63 -13.82
CA ILE A 60 16.82 20.93 -15.18
C ILE A 60 17.81 20.35 -16.20
N ILE A 61 19.13 20.52 -15.93
CA ILE A 61 20.14 20.24 -16.96
C ILE A 61 20.28 18.76 -17.35
N PRO A 62 20.35 17.78 -16.42
CA PRO A 62 20.43 16.37 -16.88
C PRO A 62 19.21 15.88 -17.65
N ILE A 63 18.04 16.45 -17.36
CA ILE A 63 16.84 16.15 -18.14
C ILE A 63 17.03 16.60 -19.59
N SER A 64 17.57 17.81 -19.78
CA SER A 64 17.83 18.32 -21.12
C SER A 64 18.89 17.50 -21.84
N GLN A 65 19.92 17.05 -21.12
CA GLN A 65 20.97 16.22 -21.71
C GLN A 65 20.42 14.88 -22.20
N SER A 66 19.60 14.23 -21.37
CA SER A 66 19.02 12.94 -21.76
C SER A 66 18.03 13.10 -22.91
N LEU A 67 17.25 14.20 -22.90
CA LEU A 67 16.32 14.46 -24.00
C LEU A 67 17.04 14.69 -25.32
N GLU A 68 18.12 15.49 -25.31
CA GLU A 68 18.82 15.75 -26.58
C GLU A 68 19.57 14.52 -27.05
N LEU A 69 20.01 13.66 -26.13
CA LEU A 69 20.56 12.37 -26.54
C LEU A 69 19.49 11.51 -27.21
N MET A 70 18.26 11.52 -26.67
CA MET A 70 17.18 10.75 -27.29
C MET A 70 16.77 11.31 -28.65
N ARG A 71 16.89 12.64 -28.84
CA ARG A 71 16.69 13.17 -30.20
C ARG A 71 17.84 12.80 -31.11
N ASN A 72 19.06 12.65 -30.57
CA ASN A 72 20.20 12.27 -31.40
C ASN A 72 20.13 10.81 -31.83
N ASN A 73 19.46 9.95 -31.05
CA ASN A 73 19.39 8.53 -31.41
C ASN A 73 18.54 8.29 -32.65
N VAL A 74 17.43 9.00 -32.79
CA VAL A 74 16.56 8.86 -33.95
C VAL A 74 17.19 9.63 -35.11
N LYS A 75 16.92 9.20 -36.35
CA LYS A 75 17.55 9.82 -37.52
C LYS A 75 16.54 9.82 -38.66
N ASP A 76 16.16 11.01 -39.12
CA ASP A 76 15.20 11.11 -40.21
C ASP A 76 15.88 10.77 -41.53
N GLY A 77 15.43 9.70 -42.17
CA GLY A 77 16.02 9.25 -43.42
C GLY A 77 15.09 8.29 -44.13
N THR A 78 15.57 7.76 -45.25
CA THR A 78 14.80 6.85 -46.09
C THR A 78 15.69 5.90 -46.88
N PRO A 79 15.91 4.69 -46.35
CA PRO A 79 16.50 3.63 -47.18
C PRO A 79 15.53 3.16 -48.27
N ASN A 80 15.86 3.47 -49.52
CA ASN A 80 15.05 3.23 -50.72
C ASN A 80 13.62 3.74 -50.57
N GLU A 81 12.65 2.89 -50.90
CA GLU A 81 11.22 3.26 -50.83
C GLU A 81 10.70 2.97 -49.43
N ASN A 82 10.97 3.91 -48.53
CA ASN A 82 10.63 3.76 -47.12
C ASN A 82 9.47 4.72 -46.80
N ILE A 83 9.06 4.76 -45.54
CA ILE A 83 7.94 5.59 -45.07
C ILE A 83 8.41 6.98 -44.70
N PHE A 84 9.67 7.30 -45.02
CA PHE A 84 10.28 8.64 -44.93
C PHE A 84 10.32 9.15 -43.48
N GLY A 85 10.94 8.35 -42.62
CA GLY A 85 11.06 8.73 -41.22
C GLY A 85 11.60 7.59 -40.38
N ALA A 86 11.25 7.65 -39.08
CA ALA A 86 11.64 6.71 -38.04
C ALA A 86 13.17 6.55 -37.95
N ILE A 87 13.64 5.30 -38.00
CA ILE A 87 15.05 4.87 -37.95
C ILE A 87 15.67 5.20 -36.60
N VAL A 88 15.88 4.18 -35.77
CA VAL A 88 16.60 4.34 -34.51
C VAL A 88 17.76 3.36 -34.49
N ALA A 89 18.91 3.81 -34.00
CA ALA A 89 20.12 3.00 -34.04
C ALA A 89 20.16 2.06 -32.85
N GLY A 90 20.37 0.77 -33.14
CA GLY A 90 20.47 -0.21 -32.06
C GLY A 90 21.71 -0.04 -31.21
N ALA A 91 22.82 0.36 -31.82
CA ALA A 91 24.06 0.57 -31.07
C ALA A 91 23.98 1.80 -30.19
N ALA A 92 23.29 2.84 -30.65
CA ALA A 92 23.19 4.07 -29.87
C ALA A 92 22.13 3.99 -28.78
N LEU A 93 21.29 2.97 -28.80
CA LEU A 93 20.19 2.84 -27.84
C LEU A 93 20.51 1.82 -26.74
N GLY A 94 21.47 0.95 -26.96
CA GLY A 94 21.87 -0.03 -25.96
C GLY A 94 20.85 -1.10 -25.68
N ILE A 95 20.20 -1.05 -24.52
CA ILE A 95 19.16 -1.99 -24.13
C ILE A 95 17.88 -1.20 -23.88
N ALA A 96 16.80 -1.61 -24.54
CA ALA A 96 15.56 -0.85 -24.49
C ALA A 96 14.37 -1.78 -24.71
N THR A 97 13.19 -1.27 -24.34
CA THR A 97 11.92 -1.95 -24.54
C THR A 97 11.16 -1.28 -25.68
N ALA A 98 9.92 -1.73 -25.89
CA ALA A 98 9.11 -1.20 -26.99
C ALA A 98 8.59 0.20 -26.69
N ALA A 99 8.21 0.45 -25.43
CA ALA A 99 7.66 1.75 -25.05
C ALA A 99 8.70 2.85 -25.11
N GLN A 100 9.97 2.52 -24.88
CA GLN A 100 11.03 3.52 -25.00
C GLN A 100 11.25 3.92 -26.45
N VAL A 101 11.18 2.95 -27.37
CA VAL A 101 11.25 3.24 -28.80
C VAL A 101 10.05 4.08 -29.24
N THR A 102 8.87 3.77 -28.70
CA THR A 102 7.67 4.56 -29.00
C THR A 102 7.79 5.99 -28.48
N SER A 103 8.43 6.15 -27.31
CA SER A 103 8.66 7.49 -26.78
C SER A 103 9.67 8.27 -27.63
N VAL A 104 10.70 7.59 -28.15
CA VAL A 104 11.65 8.22 -29.06
C VAL A 104 10.96 8.69 -30.34
N VAL A 105 10.06 7.86 -30.87
CA VAL A 105 9.24 8.25 -32.02
C VAL A 105 8.32 9.43 -31.67
N ALA A 106 7.82 9.47 -30.43
CA ALA A 106 6.97 10.58 -29.99
C ALA A 106 7.74 11.91 -29.93
N LEU A 107 8.97 11.89 -29.40
CA LEU A 107 9.80 13.09 -29.43
C LEU A 107 10.17 13.53 -30.85
N HIS A 108 10.47 12.57 -31.72
CA HIS A 108 10.78 12.92 -33.11
C HIS A 108 9.56 13.44 -33.85
N LYS A 109 8.36 13.03 -33.43
CA LYS A 109 7.13 13.58 -34.02
C LYS A 109 6.83 14.97 -33.47
N SER A 110 7.13 15.22 -32.19
CA SER A 110 6.76 16.47 -31.54
C SER A 110 7.86 17.52 -31.53
N ASN A 111 8.99 17.24 -32.20
CA ASN A 111 10.10 18.20 -32.27
C ASN A 111 9.70 19.53 -32.91
N GLN A 112 8.90 19.49 -33.99
CA GLN A 112 8.52 20.70 -34.69
C GLN A 112 7.61 21.59 -33.84
N ASN A 113 6.64 21.00 -33.14
CA ASN A 113 5.79 21.78 -32.26
C ASN A 113 6.54 22.26 -31.02
N ALA A 114 7.54 21.48 -30.57
CA ALA A 114 8.39 21.94 -29.48
C ALA A 114 9.20 23.16 -29.88
N ALA A 115 9.71 23.18 -31.11
CA ALA A 115 10.42 24.36 -31.62
C ALA A 115 9.47 25.55 -31.80
N LYS A 116 8.22 25.28 -32.22
CA LYS A 116 7.23 26.34 -32.37
C LYS A 116 6.87 26.98 -31.03
N ILE A 117 6.77 26.17 -29.97
CA ILE A 117 6.54 26.73 -28.63
C ILE A 117 7.80 27.45 -28.14
N ASN A 118 8.99 26.88 -28.41
CA ASN A 118 10.25 27.47 -27.97
C ASN A 118 10.57 28.78 -28.66
N SER A 119 9.93 29.07 -29.80
CA SER A 119 10.12 30.35 -30.46
C SER A 119 9.55 31.54 -29.69
N LEU A 120 8.74 31.31 -28.66
CA LEU A 120 8.16 32.40 -27.87
C LEU A 120 8.67 32.38 -26.44
N ARG A 121 9.99 32.21 -26.28
CA ARG A 121 10.62 32.13 -24.96
C ARG A 121 10.48 33.46 -24.21
N ASP A 122 10.61 34.59 -24.91
CA ASP A 122 10.41 35.89 -24.29
C ASP A 122 8.95 36.12 -23.92
N SER A 123 8.02 35.49 -24.63
CA SER A 123 6.61 35.56 -24.24
C SER A 123 6.32 34.68 -23.04
N ILE A 124 7.05 33.56 -22.91
CA ILE A 124 6.83 32.66 -21.78
C ILE A 124 7.34 33.29 -20.48
N THR A 125 8.50 33.95 -20.53
CA THR A 125 9.13 34.47 -19.33
C THR A 125 8.54 35.80 -18.84
N LYS A 126 7.59 36.39 -19.55
CA LYS A 126 7.06 37.70 -19.19
C LYS A 126 5.72 37.64 -18.48
N THR A 127 5.20 36.44 -18.18
CA THR A 127 3.91 36.33 -17.53
C THR A 127 3.97 36.79 -16.08
N ASN A 128 2.83 37.24 -15.56
CA ASN A 128 2.74 37.72 -14.19
C ASN A 128 1.47 37.28 -13.48
N GLN A 129 0.71 36.35 -14.06
CA GLN A 129 -0.49 35.82 -13.44
C GLN A 129 -0.35 34.32 -13.27
N ALA A 130 -1.33 33.73 -12.59
CA ALA A 130 -1.34 32.29 -12.30
C ALA A 130 -1.46 31.46 -13.57
N VAL A 131 -2.59 31.54 -14.26
CA VAL A 131 -2.79 30.87 -15.54
C VAL A 131 -3.28 31.89 -16.56
N GLU A 132 -2.59 31.98 -17.70
CA GLU A 132 -3.08 32.80 -18.80
C GLU A 132 -2.69 32.16 -20.12
N GLN A 133 -3.11 32.79 -21.21
CA GLN A 133 -2.98 32.26 -22.55
C GLN A 133 -2.09 33.16 -23.41
N LEU A 134 -1.40 32.56 -24.36
CA LEU A 134 -0.63 33.28 -25.37
C LEU A 134 -1.00 32.75 -26.74
N SER A 135 -0.94 33.62 -27.74
CA SER A 135 -1.35 33.28 -29.10
C SER A 135 -0.23 32.51 -29.77
N LEU A 136 -0.39 31.18 -29.86
CA LEU A 136 0.61 30.35 -30.51
C LEU A 136 0.55 30.49 -32.03
N GLY A 137 -0.65 30.51 -32.59
CA GLY A 137 -0.83 30.59 -34.03
C GLY A 137 -2.09 31.36 -34.36
N VAL A 138 -2.65 31.09 -35.54
CA VAL A 138 -3.88 31.78 -35.94
C VAL A 138 -5.09 31.22 -35.22
N GLN A 139 -5.04 29.96 -34.79
CA GLN A 139 -6.13 29.36 -34.03
C GLN A 139 -5.66 28.52 -32.85
N GLU A 140 -4.35 28.39 -32.63
CA GLU A 140 -3.81 27.59 -31.54
C GLU A 140 -3.25 28.52 -30.46
N THR A 141 -3.34 28.07 -29.22
CA THR A 141 -2.87 28.84 -28.08
C THR A 141 -2.17 27.91 -27.09
N VAL A 142 -1.30 28.49 -26.28
CA VAL A 142 -0.67 27.78 -25.18
C VAL A 142 -1.34 28.21 -23.88
N SER A 143 -1.10 27.43 -22.84
CA SER A 143 -1.77 27.55 -21.56
C SER A 143 -0.76 27.62 -20.43
N VAL A 144 0.17 28.59 -20.54
CA VAL A 144 1.23 28.79 -19.56
C VAL A 144 0.66 29.04 -18.17
N LEU A 145 1.24 28.39 -17.17
CA LEU A 145 0.65 28.32 -15.84
C LEU A 145 1.73 28.24 -14.78
N MET A 146 1.53 28.99 -13.69
CA MET A 146 2.41 29.03 -12.54
C MET A 146 1.59 28.99 -11.27
N GLY A 147 1.99 28.16 -10.32
CA GLY A 147 1.24 28.01 -9.09
C GLY A 147 1.50 29.09 -8.05
N LEU A 148 2.77 29.46 -7.86
CA LEU A 148 3.14 30.44 -6.86
C LEU A 148 2.99 31.88 -7.35
N GLN A 149 2.63 32.08 -8.62
CA GLN A 149 2.49 33.43 -9.15
C GLN A 149 1.33 34.19 -8.53
N ASP A 150 0.33 33.48 -8.00
CA ASP A 150 -0.72 34.14 -7.24
C ASP A 150 -0.20 34.60 -5.88
N GLN A 151 0.64 33.79 -5.23
CA GLN A 151 1.04 34.05 -3.85
C GLN A 151 2.07 35.16 -3.73
N ILE A 152 2.74 35.55 -4.81
CA ILE A 152 3.57 36.75 -4.80
C ILE A 152 2.89 37.73 -5.75
N ASN A 153 1.56 37.72 -5.74
CA ASN A 153 0.78 38.81 -6.30
C ASN A 153 -0.41 39.21 -5.43
N THR A 154 -0.67 38.51 -4.33
CA THR A 154 -1.73 38.92 -3.41
C THR A 154 -1.36 38.85 -1.94
N ASN A 155 -0.24 38.23 -1.58
CA ASN A 155 0.14 38.07 -0.17
C ASN A 155 1.43 38.78 0.18
N LEU A 156 2.51 38.50 -0.56
CA LEU A 156 3.80 39.12 -0.25
C LEU A 156 3.89 40.54 -0.79
N VAL A 157 3.20 40.83 -1.89
CA VAL A 157 3.17 42.15 -2.51
C VAL A 157 2.54 43.25 -1.62
N PRO A 158 1.37 43.08 -0.96
CA PRO A 158 0.84 44.21 -0.16
C PRO A 158 1.66 44.55 1.08
N LYS A 159 2.49 43.66 1.58
CA LYS A 159 3.42 43.99 2.68
C LYS A 159 4.80 44.34 2.12
N ILE A 160 4.81 45.38 1.28
CA ILE A 160 6.05 45.81 0.66
C ILE A 160 6.80 46.84 1.51
N ASN A 161 6.09 47.62 2.33
CA ASN A 161 6.73 48.63 3.16
C ASN A 161 6.32 48.56 4.63
N ILE A 162 5.25 47.86 4.98
CA ILE A 162 4.89 47.68 6.38
C ILE A 162 5.90 46.75 7.06
N LEU A 163 6.33 45.71 6.37
CA LEU A 163 7.26 44.72 6.89
C LEU A 163 8.68 45.05 6.44
N SER A 164 9.66 44.65 7.27
CA SER A 164 11.05 44.91 6.96
C SER A 164 11.53 44.04 5.81
N CYS A 165 12.51 44.56 5.06
CA CYS A 165 12.94 43.93 3.81
C CYS A 165 13.65 42.60 4.04
N LYS A 166 14.40 42.48 5.15
CA LYS A 166 15.02 41.20 5.48
C LYS A 166 13.99 40.14 5.86
N GLN A 167 12.84 40.56 6.39
CA GLN A 167 11.76 39.61 6.67
C GLN A 167 11.11 39.12 5.39
N LEU A 168 10.98 40.01 4.39
CA LEU A 168 10.53 39.57 3.06
C LEU A 168 11.52 38.62 2.41
N SER A 169 12.82 38.88 2.56
CA SER A 169 13.84 37.99 2.01
C SER A 169 13.80 36.61 2.69
N ASN A 170 13.63 36.59 4.02
CA ASN A 170 13.56 35.34 4.75
C ASN A 170 12.31 34.54 4.39
N THR A 171 11.16 35.23 4.28
CA THR A 171 9.92 34.56 3.93
C THR A 171 9.97 34.02 2.50
N LEU A 172 10.57 34.79 1.58
CA LEU A 172 10.73 34.33 0.20
C LEU A 172 11.66 33.13 0.11
N ASN A 173 12.74 33.13 0.91
CA ASN A 173 13.64 31.99 0.92
C ASN A 173 12.98 30.74 1.50
N ILE A 174 12.18 30.90 2.55
CA ILE A 174 11.47 29.75 3.14
C ILE A 174 10.45 29.18 2.14
N MET A 175 9.70 30.06 1.47
CA MET A 175 8.71 29.62 0.50
C MET A 175 9.36 28.96 -0.72
N LEU A 176 10.50 29.50 -1.18
CA LEU A 176 11.18 28.90 -2.33
C LEU A 176 11.85 27.58 -1.98
N LEU A 177 12.37 27.43 -0.77
CA LEU A 177 12.92 26.14 -0.36
C LEU A 177 11.82 25.08 -0.22
N GLN A 178 10.65 25.48 0.31
CA GLN A 178 9.52 24.56 0.37
C GLN A 178 9.04 24.17 -1.02
N TYR A 179 9.03 25.12 -1.95
CA TYR A 179 8.61 24.78 -3.32
C TYR A 179 9.65 23.93 -4.03
N TYR A 180 10.95 24.13 -3.74
CA TYR A 180 11.98 23.25 -4.30
C TYR A 180 11.84 21.83 -3.77
N SER A 181 11.44 21.69 -2.51
CA SER A 181 11.08 20.38 -2.00
C SER A 181 9.83 19.82 -2.67
N GLN A 182 8.94 20.70 -3.17
CA GLN A 182 7.77 20.21 -3.90
C GLN A 182 8.12 19.71 -5.32
N ILE A 183 9.05 20.40 -6.02
CA ILE A 183 9.57 19.83 -7.28
C ILE A 183 10.31 18.52 -7.02
N LEU A 184 11.13 18.46 -5.96
CA LEU A 184 11.90 17.21 -5.77
C LEU A 184 11.05 15.98 -5.29
N THR A 185 9.72 16.02 -5.28
CA THR A 185 8.88 14.86 -5.02
C THR A 185 8.17 14.37 -6.28
N VAL A 186 7.55 15.28 -7.05
CA VAL A 186 6.80 14.87 -8.23
C VAL A 186 7.74 14.41 -9.35
N PHE A 187 8.83 15.13 -9.59
CA PHE A 187 9.82 14.72 -10.59
C PHE A 187 10.93 13.91 -9.93
N GLY A 188 10.56 12.88 -9.18
CA GLY A 188 11.51 12.03 -8.51
C GLY A 188 11.96 10.85 -9.36
N PRO A 189 11.02 9.97 -9.73
CA PRO A 189 11.36 8.90 -10.69
C PRO A 189 11.67 9.40 -12.09
N ASN A 190 11.29 10.64 -12.43
CA ASN A 190 11.50 11.16 -13.77
C ASN A 190 12.96 11.51 -14.02
N LEU A 191 13.78 11.66 -12.98
CA LEU A 191 15.18 12.01 -13.20
C LEU A 191 16.02 10.84 -13.71
N ARG A 192 15.51 9.61 -13.60
CA ARG A 192 16.27 8.44 -14.04
C ARG A 192 16.36 8.39 -15.56
N ASP A 193 15.23 8.56 -16.25
CA ASP A 193 15.20 8.56 -17.72
C ASP A 193 14.03 9.44 -18.13
N PRO A 194 14.27 10.73 -18.36
CA PRO A 194 13.15 11.67 -18.53
C PRO A 194 12.55 11.75 -19.92
N ALA A 195 12.36 10.61 -20.57
CA ALA A 195 11.62 10.56 -21.82
C ALA A 195 10.59 9.45 -21.89
N THR A 196 10.72 8.40 -21.08
CA THR A 196 9.84 7.25 -21.11
C THR A 196 9.00 7.11 -19.86
N VAL A 197 9.16 8.00 -18.89
CA VAL A 197 8.45 7.93 -17.61
C VAL A 197 7.36 8.99 -17.61
N PRO A 198 6.09 8.62 -17.44
CA PRO A 198 5.01 9.59 -17.48
C PRO A 198 4.85 10.33 -16.16
N VAL A 199 4.01 11.37 -16.20
CA VAL A 199 3.68 12.18 -15.03
C VAL A 199 2.17 12.07 -14.82
N SER A 200 1.77 11.58 -13.65
CA SER A 200 0.36 11.56 -13.30
C SER A 200 -0.13 12.99 -13.01
N ILE A 201 -1.38 13.25 -13.37
CA ILE A 201 -1.91 14.60 -13.23
C ILE A 201 -2.22 14.95 -11.77
N GLN A 202 -2.39 13.95 -10.90
CA GLN A 202 -2.56 14.25 -9.48
C GLN A 202 -1.25 14.70 -8.85
N ALA A 203 -0.15 14.01 -9.17
CA ALA A 203 1.16 14.42 -8.70
C ALA A 203 1.59 15.76 -9.30
N LEU A 204 1.20 16.03 -10.55
CA LEU A 204 1.48 17.33 -11.14
C LEU A 204 0.64 18.43 -10.51
N SER A 205 -0.61 18.12 -10.15
CA SER A 205 -1.46 19.08 -9.46
C SER A 205 -1.07 19.28 -8.01
N GLN A 206 -0.25 18.38 -7.44
CA GLN A 206 0.29 18.59 -6.09
C GLN A 206 1.20 19.81 -5.98
N LEU A 207 1.72 20.33 -7.10
CA LEU A 207 2.50 21.56 -7.05
C LEU A 207 1.64 22.77 -6.72
N PHE A 208 0.35 22.72 -7.06
CA PHE A 208 -0.57 23.84 -6.87
C PHE A 208 -1.50 23.65 -5.68
N GLU A 209 -0.94 23.08 -4.59
CA GLU A 209 -1.66 22.74 -3.35
C GLU A 209 -2.84 21.80 -3.61
N GLY A 210 -2.65 20.84 -4.50
CA GLY A 210 -3.65 19.84 -4.79
C GLY A 210 -4.88 20.35 -5.50
N ASN A 211 -4.69 21.15 -6.55
CA ASN A 211 -5.79 21.74 -7.31
C ASN A 211 -5.85 21.05 -8.67
N LEU A 212 -6.57 19.93 -8.73
CA LEU A 212 -6.71 19.20 -9.98
C LEU A 212 -7.70 19.86 -10.94
N GLU A 213 -8.72 20.51 -10.40
CA GLU A 213 -9.75 21.12 -11.25
C GLU A 213 -9.23 22.34 -11.98
N LEU A 214 -8.23 23.03 -11.43
CA LEU A 214 -7.58 24.13 -12.14
C LEU A 214 -6.85 23.64 -13.38
N LEU A 215 -6.09 22.54 -13.25
CA LEU A 215 -5.39 21.95 -14.39
C LEU A 215 -6.38 21.38 -15.40
N THR A 216 -7.47 20.77 -14.93
CA THR A 216 -8.46 20.19 -15.83
C THR A 216 -9.21 21.27 -16.60
N SER A 217 -9.57 22.37 -15.93
CA SER A 217 -10.27 23.47 -16.60
C SER A 217 -9.35 24.24 -17.54
N SER A 218 -8.08 24.44 -17.16
CA SER A 218 -7.16 25.12 -18.05
C SER A 218 -6.63 24.22 -19.16
N LEU A 219 -6.82 22.91 -19.06
CA LEU A 219 -6.38 21.99 -20.10
C LEU A 219 -7.37 21.88 -21.26
N GLY A 220 -8.66 21.97 -20.99
CA GLY A 220 -9.67 21.85 -22.02
C GLY A 220 -10.68 20.74 -21.81
N ILE A 221 -10.40 19.77 -20.93
CA ILE A 221 -11.35 18.69 -20.64
C ILE A 221 -12.43 19.26 -19.74
N SER A 222 -13.69 19.16 -20.19
CA SER A 222 -14.85 19.63 -19.43
C SER A 222 -15.85 18.48 -19.37
N SER A 223 -15.73 17.65 -18.33
CA SER A 223 -16.67 16.56 -18.14
C SER A 223 -18.01 17.08 -17.68
N THR A 224 -19.09 16.57 -18.28
CA THR A 224 -20.43 17.04 -18.00
C THR A 224 -21.38 15.98 -17.48
N ASP A 225 -21.00 14.71 -17.52
CA ASP A 225 -21.85 13.64 -17.03
C ASP A 225 -21.29 13.07 -15.72
N PHE A 226 -22.00 12.09 -15.18
CA PHE A 226 -21.62 11.51 -13.90
C PHE A 226 -20.42 10.57 -14.02
N ASN A 227 -20.27 9.89 -15.16
CA ASN A 227 -19.23 8.87 -15.29
C ASN A 227 -17.85 9.50 -15.44
N ASP A 228 -17.73 10.58 -16.20
CA ASP A 228 -16.45 11.23 -16.43
C ASP A 228 -16.11 12.25 -15.35
N LEU A 229 -17.00 12.45 -14.36
CA LEU A 229 -16.73 13.40 -13.29
C LEU A 229 -15.68 12.86 -12.33
N LEU A 230 -15.82 11.58 -11.93
CA LEU A 230 -14.83 10.96 -11.07
C LEU A 230 -13.55 10.62 -11.83
N THR A 231 -13.67 10.35 -13.12
CA THR A 231 -12.49 10.16 -13.96
C THR A 231 -11.76 11.49 -14.12
N GLY A 232 -10.43 11.44 -14.16
CA GLY A 232 -9.65 12.65 -14.14
C GLY A 232 -8.37 12.48 -13.36
N LYS A 233 -8.15 11.28 -12.83
CA LYS A 233 -6.87 10.90 -12.24
C LYS A 233 -6.02 10.08 -13.21
N LEU A 234 -6.45 9.96 -14.47
CA LEU A 234 -5.78 9.12 -15.46
C LEU A 234 -5.45 9.90 -16.72
N ILE A 235 -5.21 11.21 -16.60
CA ILE A 235 -4.93 12.04 -17.77
C ILE A 235 -3.52 11.76 -18.30
N THR A 236 -2.54 11.70 -17.38
CA THR A 236 -1.11 11.46 -17.63
C THR A 236 -0.46 12.43 -18.61
N GLY A 237 0.78 12.16 -18.98
CA GLY A 237 1.51 13.02 -19.88
C GLY A 237 3.00 12.83 -19.74
N SER A 238 3.74 13.34 -20.74
CA SER A 238 5.19 13.16 -20.80
C SER A 238 5.86 14.48 -21.13
N ILE A 239 7.18 14.52 -20.91
CA ILE A 239 8.00 15.71 -21.13
C ILE A 239 8.53 15.68 -22.54
N ILE A 240 8.53 16.83 -23.22
CA ILE A 240 9.19 16.95 -24.51
C ILE A 240 10.30 17.99 -24.53
N TRP A 241 10.33 18.96 -23.61
CA TRP A 241 11.43 19.92 -23.63
C TRP A 241 11.74 20.42 -22.22
N ALA A 242 13.00 20.79 -22.01
CA ALA A 242 13.55 21.11 -20.69
C ALA A 242 14.40 22.37 -20.75
N ASP A 243 13.83 23.47 -21.24
CA ASP A 243 14.61 24.66 -21.59
C ASP A 243 15.20 25.33 -20.35
N THR A 244 16.50 25.63 -20.43
CA THR A 244 17.29 26.07 -19.29
C THR A 244 17.38 27.58 -19.15
N GLN A 245 17.13 28.33 -20.23
CA GLN A 245 17.28 29.79 -20.17
C GLN A 245 16.13 30.43 -19.39
N GLY A 246 14.90 30.14 -19.78
CA GLY A 246 13.75 30.57 -19.01
C GLY A 246 13.39 29.67 -17.85
N HIS A 247 14.11 28.55 -17.71
CA HIS A 247 13.89 27.52 -16.68
C HIS A 247 12.46 26.98 -16.73
N TYR A 248 12.09 26.39 -17.85
CA TYR A 248 10.73 25.89 -18.01
C TYR A 248 10.75 24.52 -18.68
N LEU A 249 9.65 23.80 -18.50
CA LEU A 249 9.46 22.48 -19.05
C LEU A 249 8.24 22.49 -19.97
N ILE A 250 8.43 22.03 -21.20
CA ILE A 250 7.34 21.88 -22.14
C ILE A 250 6.87 20.43 -22.08
N LEU A 251 5.59 20.26 -21.76
CA LEU A 251 4.99 18.97 -21.45
C LEU A 251 3.85 18.70 -22.42
N ARG A 252 3.68 17.43 -22.79
CA ARG A 252 2.61 17.01 -23.69
C ARG A 252 1.73 16.00 -22.95
N VAL A 253 0.42 16.26 -22.93
CA VAL A 253 -0.54 15.43 -22.22
C VAL A 253 -1.58 14.90 -23.21
N ASN A 254 -2.29 13.87 -22.77
CA ASN A 254 -3.28 13.19 -23.61
C ASN A 254 -4.67 13.49 -23.08
N ILE A 255 -5.53 14.02 -23.95
CA ILE A 255 -6.94 14.24 -23.63
C ILE A 255 -7.65 12.89 -23.72
N PRO A 256 -8.30 12.43 -22.66
CA PRO A 256 -8.86 11.08 -22.66
C PRO A 256 -10.20 10.99 -23.39
N ASP A 257 -10.54 9.76 -23.76
CA ASP A 257 -11.83 9.44 -24.35
C ASP A 257 -12.17 8.00 -23.97
N LEU A 258 -13.39 7.77 -23.52
CA LEU A 258 -13.81 6.45 -23.05
C LEU A 258 -14.58 5.75 -24.16
N ILE A 259 -14.00 4.66 -24.66
CA ILE A 259 -14.69 3.81 -25.61
C ILE A 259 -15.26 2.62 -24.86
N GLU A 260 -16.21 1.93 -25.49
CA GLU A 260 -16.89 0.79 -24.88
C GLU A 260 -16.51 -0.47 -25.64
N VAL A 261 -15.99 -1.45 -24.92
CA VAL A 261 -15.73 -2.77 -25.52
C VAL A 261 -17.08 -3.44 -25.80
N PRO A 262 -17.30 -3.98 -27.01
CA PRO A 262 -18.65 -4.44 -27.36
C PRO A 262 -18.99 -5.78 -26.73
N GLY A 263 -20.19 -5.85 -26.16
CA GLY A 263 -20.75 -7.09 -25.63
C GLY A 263 -20.06 -7.69 -24.44
N ALA A 264 -19.58 -6.87 -23.52
CA ALA A 264 -18.93 -7.33 -22.29
C ALA A 264 -19.71 -6.85 -21.09
N VAL A 265 -20.03 -7.79 -20.19
CA VAL A 265 -20.80 -7.51 -18.99
C VAL A 265 -19.96 -7.89 -17.77
N ILE A 266 -19.81 -6.95 -16.85
CA ILE A 266 -19.12 -7.21 -15.60
C ILE A 266 -20.15 -7.61 -14.55
N GLN A 267 -19.95 -8.77 -13.93
CA GLN A 267 -20.89 -9.33 -12.98
C GLN A 267 -20.23 -9.44 -11.62
N GLU A 268 -20.87 -8.85 -10.60
CA GLU A 268 -20.46 -9.05 -9.22
C GLU A 268 -21.23 -10.21 -8.59
N PHE A 269 -20.79 -10.60 -7.40
CA PHE A 269 -21.39 -11.70 -6.67
C PHE A 269 -21.34 -11.40 -5.18
N ILE A 270 -22.41 -11.76 -4.48
CA ILE A 270 -22.50 -11.61 -3.04
C ILE A 270 -22.25 -12.98 -2.41
N LYS A 271 -21.34 -13.02 -1.44
CA LYS A 271 -20.94 -14.26 -0.79
C LYS A 271 -21.50 -14.27 0.63
N ILE A 272 -22.28 -15.31 0.94
CA ILE A 272 -22.83 -15.50 2.27
C ILE A 272 -22.26 -16.78 2.85
N GLY A 273 -22.38 -16.93 4.17
CA GLY A 273 -21.88 -18.09 4.88
C GLY A 273 -22.99 -19.09 5.13
N TYR A 274 -22.66 -20.37 4.93
CA TYR A 274 -23.59 -21.46 5.14
C TYR A 274 -23.07 -22.40 6.21
N ASN A 275 -24.00 -22.98 6.96
CA ASN A 275 -23.68 -23.85 8.08
C ASN A 275 -23.69 -25.30 7.59
N PHE A 276 -22.52 -25.91 7.49
CA PHE A 276 -22.38 -27.29 7.07
C PHE A 276 -21.37 -27.99 7.96
N GLY A 277 -21.66 -29.24 8.32
CA GLY A 277 -20.76 -30.05 9.12
C GLY A 277 -20.51 -29.54 10.51
N GLY A 278 -21.42 -28.73 11.06
CA GLY A 278 -21.16 -28.07 12.32
C GLY A 278 -20.19 -26.91 12.23
N SER A 279 -19.96 -26.36 11.04
CA SER A 279 -19.04 -25.26 10.88
C SER A 279 -19.60 -24.27 9.86
N LEU A 280 -19.02 -23.08 9.85
CA LEU A 280 -19.45 -22.01 8.95
C LEU A 280 -18.48 -21.90 7.78
N TRP A 281 -19.00 -22.00 6.56
CA TRP A 281 -18.18 -22.05 5.36
C TRP A 281 -18.66 -21.00 4.36
N MET A 282 -17.73 -20.56 3.52
CA MET A 282 -18.05 -19.72 2.38
C MET A 282 -17.46 -20.33 1.11
N PRO A 283 -18.16 -20.22 -0.02
CA PRO A 283 -17.57 -20.67 -1.29
C PRO A 283 -16.43 -19.76 -1.73
N THR A 284 -15.46 -20.36 -2.41
CA THR A 284 -14.27 -19.65 -2.87
C THR A 284 -14.42 -19.32 -4.35
N ILE A 285 -15.09 -18.21 -4.62
CA ILE A 285 -15.30 -17.73 -5.98
C ILE A 285 -14.82 -16.28 -6.07
N PRO A 286 -14.32 -15.83 -7.22
CA PRO A 286 -13.98 -14.40 -7.36
C PRO A 286 -15.23 -13.54 -7.41
N ASN A 287 -15.06 -12.29 -7.01
CA ASN A 287 -16.19 -11.37 -7.00
C ASN A 287 -16.59 -10.95 -8.40
N LYS A 288 -15.63 -10.62 -9.25
CA LYS A 288 -15.88 -10.01 -10.55
C LYS A 288 -15.69 -11.04 -11.66
N ILE A 289 -16.67 -11.15 -12.54
CA ILE A 289 -16.60 -12.04 -13.70
C ILE A 289 -16.96 -11.23 -14.94
N ILE A 290 -16.07 -11.23 -15.94
CA ILE A 290 -16.35 -10.56 -17.20
C ILE A 290 -16.88 -11.59 -18.19
N ILE A 291 -18.05 -11.32 -18.76
CA ILE A 291 -18.73 -12.23 -19.67
C ILE A 291 -18.82 -11.56 -21.03
N ARG A 292 -18.36 -12.25 -22.07
CA ARG A 292 -18.36 -11.68 -23.41
C ARG A 292 -18.59 -12.83 -24.40
N GLY A 293 -19.86 -13.03 -24.77
CA GLY A 293 -20.26 -14.01 -25.77
C GLY A 293 -19.93 -15.44 -25.41
N TYR A 294 -20.23 -15.81 -24.16
CA TYR A 294 -19.82 -17.07 -23.53
C TYR A 294 -18.29 -17.24 -23.61
N HIS A 295 -17.61 -16.35 -22.88
CA HIS A 295 -16.15 -16.44 -22.72
C HIS A 295 -15.84 -15.75 -21.39
N LEU A 296 -15.61 -16.56 -20.36
CA LEU A 296 -15.38 -16.03 -19.02
C LEU A 296 -13.89 -15.80 -18.78
N SER A 297 -13.59 -14.67 -18.14
CA SER A 297 -12.22 -14.31 -17.80
C SER A 297 -12.23 -13.65 -16.42
N LEU A 298 -11.05 -13.22 -15.97
CA LEU A 298 -10.89 -12.55 -14.69
C LEU A 298 -10.26 -11.18 -14.89
N ILE A 299 -10.72 -10.21 -14.11
CA ILE A 299 -10.16 -8.87 -14.10
C ILE A 299 -9.80 -8.50 -12.67
N ASP A 300 -8.83 -7.61 -12.52
CA ASP A 300 -8.43 -7.10 -11.22
C ASP A 300 -8.75 -5.61 -11.17
N SER A 301 -9.54 -5.21 -10.18
CA SER A 301 -9.93 -3.81 -10.01
C SER A 301 -9.01 -3.10 -9.02
N THR A 302 -7.72 -3.14 -9.34
CA THR A 302 -6.71 -2.49 -8.52
C THR A 302 -6.35 -1.09 -9.01
N ASN A 303 -6.59 -0.80 -10.28
CA ASN A 303 -6.33 0.53 -10.82
C ASN A 303 -7.55 1.09 -11.56
N CYS A 304 -8.71 0.48 -11.42
CA CYS A 304 -9.92 0.88 -12.12
C CYS A 304 -10.91 1.47 -11.14
N ILE A 305 -11.44 2.64 -11.46
CA ILE A 305 -12.48 3.26 -10.63
C ILE A 305 -13.83 2.66 -10.98
N ILE A 306 -14.64 2.43 -9.96
CA ILE A 306 -15.94 1.78 -10.13
C ILE A 306 -17.02 2.84 -9.99
N THR A 307 -17.78 3.04 -11.06
CA THR A 307 -18.90 3.97 -11.05
C THR A 307 -20.17 3.23 -10.65
N ASP A 308 -21.32 3.90 -10.79
CA ASP A 308 -22.58 3.27 -10.42
C ASP A 308 -23.04 2.27 -11.46
N ASN A 309 -22.73 2.48 -12.74
CA ASN A 309 -23.26 1.66 -13.81
C ASN A 309 -22.22 0.89 -14.61
N SER A 310 -20.96 1.29 -14.58
CA SER A 310 -19.96 0.66 -15.43
C SER A 310 -18.58 0.75 -14.79
N TYR A 311 -17.69 -0.14 -15.25
CA TYR A 311 -16.30 -0.13 -14.85
C TYR A 311 -15.48 0.68 -15.83
N VAL A 312 -14.66 1.60 -15.31
CA VAL A 312 -13.77 2.41 -16.13
C VAL A 312 -12.34 2.02 -15.76
N CYS A 313 -11.59 1.54 -16.75
CA CYS A 313 -10.21 1.13 -16.55
C CYS A 313 -9.29 1.97 -17.41
N ASP A 314 -8.05 2.14 -16.93
CA ASP A 314 -7.03 2.80 -17.72
C ASP A 314 -6.65 1.96 -18.95
N ARG A 315 -6.67 0.65 -18.79
CA ARG A 315 -6.21 -0.27 -19.82
C ARG A 315 -6.83 -1.63 -19.54
N ASP A 316 -6.87 -2.48 -20.57
CA ASP A 316 -7.50 -3.79 -20.45
C ASP A 316 -6.71 -4.70 -19.51
N TYR A 317 -7.43 -5.38 -18.63
CA TYR A 317 -6.85 -6.18 -17.55
C TYR A 317 -7.48 -7.56 -17.50
N SER A 318 -7.59 -8.22 -18.64
CA SER A 318 -8.23 -9.52 -18.73
C SER A 318 -7.20 -10.61 -18.43
N LEU A 319 -7.42 -11.36 -17.34
CA LEU A 319 -6.57 -12.46 -16.90
C LEU A 319 -7.27 -13.80 -17.15
N PRO A 320 -6.52 -14.85 -17.47
CA PRO A 320 -7.15 -16.14 -17.73
C PRO A 320 -7.56 -16.83 -16.43
N MET A 321 -8.38 -17.86 -16.57
CA MET A 321 -8.93 -18.60 -15.44
C MET A 321 -8.83 -20.09 -15.68
N ASN A 322 -8.83 -20.84 -14.58
CA ASN A 322 -8.68 -22.28 -14.65
C ASN A 322 -9.95 -22.93 -15.20
N PRO A 323 -9.83 -23.97 -16.03
CA PRO A 323 -11.02 -24.68 -16.53
C PRO A 323 -11.85 -25.35 -15.45
N ILE A 324 -11.25 -25.70 -14.31
CA ILE A 324 -12.03 -26.23 -13.20
C ILE A 324 -12.91 -25.13 -12.61
N LEU A 325 -12.44 -23.89 -12.61
CA LEU A 325 -13.30 -22.76 -12.23
C LEU A 325 -14.41 -22.53 -13.26
N ARG A 326 -14.14 -22.82 -14.54
CA ARG A 326 -15.19 -22.75 -15.55
C ARG A 326 -16.25 -23.83 -15.31
N GLU A 327 -15.83 -25.02 -14.91
CA GLU A 327 -16.77 -26.07 -14.54
C GLU A 327 -17.51 -25.73 -13.25
N CYS A 328 -16.85 -25.02 -12.32
CA CYS A 328 -17.50 -24.48 -11.14
C CYS A 328 -18.61 -23.52 -11.49
N PHE A 329 -18.36 -22.62 -12.44
CA PHE A 329 -19.38 -21.64 -12.79
C PHE A 329 -20.49 -22.24 -13.65
N GLU A 330 -20.19 -23.25 -14.47
CA GLU A 330 -21.19 -23.73 -15.42
C GLU A 330 -22.17 -24.71 -14.79
N GLY A 331 -21.69 -25.90 -14.41
CA GLY A 331 -22.58 -26.91 -13.89
C GLY A 331 -22.19 -27.59 -12.59
N ASN A 332 -20.89 -27.64 -12.29
CA ASN A 332 -20.36 -28.51 -11.25
C ASN A 332 -20.23 -27.75 -9.95
N THR A 333 -21.11 -28.03 -9.00
CA THR A 333 -20.97 -27.46 -7.66
C THR A 333 -19.86 -28.14 -6.87
N SER A 334 -19.47 -29.36 -7.24
CA SER A 334 -18.40 -30.07 -6.56
C SER A 334 -17.02 -29.54 -6.93
N SER A 335 -16.91 -28.83 -8.05
CA SER A 335 -15.65 -28.20 -8.44
C SER A 335 -15.41 -26.89 -7.71
N CYS A 336 -16.38 -26.41 -6.93
CA CYS A 336 -16.28 -25.15 -6.23
C CYS A 336 -15.79 -25.38 -4.80
N GLY A 337 -14.71 -24.71 -4.44
CA GLY A 337 -14.11 -24.89 -3.13
C GLY A 337 -14.85 -24.14 -2.04
N ARG A 338 -14.33 -24.28 -0.82
CA ARG A 338 -14.94 -23.68 0.35
C ARG A 338 -13.86 -23.38 1.38
N GLU A 339 -14.17 -22.43 2.26
CA GLU A 339 -13.26 -22.04 3.33
C GLU A 339 -14.06 -21.90 4.62
N MET A 340 -13.35 -22.07 5.74
CA MET A 340 -13.97 -22.14 7.06
C MET A 340 -13.70 -20.86 7.82
N VAL A 341 -14.77 -20.24 8.36
CA VAL A 341 -14.65 -19.08 9.21
C VAL A 341 -15.48 -19.28 10.46
N LEU A 342 -15.15 -18.53 11.51
CA LEU A 342 -15.95 -18.50 12.73
C LEU A 342 -16.19 -17.08 13.23
N ASN A 343 -15.73 -16.06 12.50
CA ASN A 343 -15.90 -14.68 12.90
C ASN A 343 -17.35 -14.24 12.74
N SER A 344 -17.68 -13.13 13.40
CA SER A 344 -19.08 -12.69 13.49
C SER A 344 -19.53 -11.83 12.32
N TYR A 345 -18.61 -11.28 11.52
CA TYR A 345 -18.99 -10.39 10.44
C TYR A 345 -19.18 -11.13 9.11
N ILE A 346 -19.98 -12.19 9.16
CA ILE A 346 -20.36 -12.94 7.98
C ILE A 346 -21.84 -12.70 7.73
N PRO A 347 -22.23 -12.12 6.59
CA PRO A 347 -23.65 -11.93 6.31
C PRO A 347 -24.35 -13.26 6.08
N LEU A 348 -25.59 -13.35 6.56
CA LEU A 348 -26.34 -14.59 6.55
C LEU A 348 -27.60 -14.53 5.69
N TYR A 349 -27.93 -13.38 5.12
CA TYR A 349 -29.09 -13.25 4.26
C TYR A 349 -28.83 -12.15 3.25
N ALA A 350 -29.55 -12.20 2.14
CA ALA A 350 -29.49 -11.14 1.13
C ALA A 350 -30.83 -11.07 0.42
N LEU A 351 -30.89 -10.27 -0.64
CA LEU A 351 -32.12 -10.06 -1.39
C LEU A 351 -31.76 -9.89 -2.86
N SER A 352 -32.45 -10.62 -3.73
CA SER A 352 -32.23 -10.53 -5.17
C SER A 352 -33.56 -10.67 -5.88
N GLU A 353 -33.94 -9.61 -6.60
CA GLU A 353 -35.17 -9.54 -7.42
C GLU A 353 -36.43 -9.80 -6.58
N GLY A 354 -36.45 -9.28 -5.37
CA GLY A 354 -37.55 -9.53 -4.46
C GLY A 354 -37.58 -10.92 -3.87
N VAL A 355 -36.46 -11.65 -3.93
CA VAL A 355 -36.37 -13.03 -3.48
C VAL A 355 -35.35 -13.09 -2.35
N ILE A 356 -35.73 -13.68 -1.22
CA ILE A 356 -34.84 -13.77 -0.06
C ILE A 356 -34.04 -15.05 -0.14
N TYR A 357 -32.71 -14.91 -0.15
CA TYR A 357 -31.79 -16.03 0.06
C TYR A 357 -31.24 -15.87 1.47
N ALA A 358 -31.66 -16.76 2.38
CA ALA A 358 -31.30 -16.62 3.78
C ALA A 358 -30.88 -17.96 4.36
N ASN A 359 -29.90 -17.92 5.26
CA ASN A 359 -29.50 -19.10 6.02
C ASN A 359 -30.33 -19.13 7.30
N CYS A 360 -31.37 -19.95 7.32
CA CYS A 360 -32.31 -19.99 8.42
C CYS A 360 -31.88 -20.91 9.56
N LEU A 361 -30.73 -21.57 9.43
CA LEU A 361 -30.24 -22.41 10.52
C LEU A 361 -29.64 -21.57 11.64
N ALA A 362 -28.93 -20.49 11.29
CA ALA A 362 -28.29 -19.65 12.28
C ALA A 362 -29.13 -18.44 12.66
N THR A 363 -29.87 -17.88 11.71
CA THR A 363 -30.72 -16.72 11.94
C THR A 363 -32.18 -17.14 11.90
N SER A 364 -32.97 -16.62 12.84
CA SER A 364 -34.38 -16.99 12.93
C SER A 364 -35.17 -16.43 11.75
N CYS A 365 -35.93 -17.29 11.10
CA CYS A 365 -36.79 -16.91 9.98
C CYS A 365 -38.23 -17.16 10.36
N LYS A 366 -39.08 -16.14 10.21
CA LYS A 366 -40.49 -16.28 10.52
C LYS A 366 -41.31 -15.55 9.47
N CYS A 367 -42.63 -15.75 9.53
CA CYS A 367 -43.56 -15.03 8.67
C CYS A 367 -44.48 -14.19 9.54
N ALA A 368 -44.55 -12.89 9.22
CA ALA A 368 -45.31 -11.97 10.05
C ALA A 368 -46.82 -12.11 9.86
N THR A 369 -47.26 -12.53 8.67
CA THR A 369 -48.69 -12.63 8.41
C THR A 369 -49.32 -13.85 9.08
N THR A 370 -48.58 -14.94 9.22
CA THR A 370 -49.12 -16.18 9.76
C THR A 370 -48.60 -16.53 11.15
N ASN A 371 -47.48 -15.94 11.56
CA ASN A 371 -46.82 -16.14 12.87
C ASN A 371 -46.50 -17.62 13.11
N LYS A 372 -45.64 -18.16 12.24
CA LYS A 372 -45.12 -19.51 12.38
C LYS A 372 -43.63 -19.49 12.05
N PRO A 373 -42.82 -20.31 12.73
CA PRO A 373 -41.40 -20.39 12.39
C PRO A 373 -41.16 -21.14 11.10
N ILE A 374 -40.00 -20.88 10.51
CA ILE A 374 -39.54 -21.54 9.30
C ILE A 374 -38.34 -22.41 9.65
N VAL A 375 -38.41 -23.69 9.29
CA VAL A 375 -37.39 -24.66 9.66
C VAL A 375 -36.57 -25.01 8.42
N GLN A 376 -35.30 -25.32 8.64
CA GLN A 376 -34.42 -25.71 7.55
C GLN A 376 -34.80 -27.08 7.01
N SER A 377 -34.96 -27.18 5.70
CA SER A 377 -35.12 -28.47 5.06
C SER A 377 -33.79 -29.20 5.03
N THR A 378 -33.82 -30.52 5.18
CA THR A 378 -32.60 -31.31 5.19
C THR A 378 -31.97 -31.43 3.81
N SER A 379 -32.77 -31.27 2.74
CA SER A 379 -32.24 -31.39 1.38
C SER A 379 -31.43 -30.17 0.97
N THR A 380 -31.71 -29.00 1.54
CA THR A 380 -31.07 -27.76 1.12
C THR A 380 -30.28 -27.16 2.27
N VAL A 381 -29.40 -26.22 1.91
CA VAL A 381 -28.60 -25.48 2.88
C VAL A 381 -29.02 -24.02 2.95
N ILE A 382 -29.24 -23.39 1.80
CA ILE A 382 -29.65 -21.99 1.73
C ILE A 382 -31.14 -21.93 1.40
N THR A 383 -31.89 -21.21 2.21
CA THR A 383 -33.34 -21.16 2.10
C THR A 383 -33.78 -20.06 1.13
N MET A 384 -34.59 -20.45 0.16
CA MET A 384 -35.26 -19.54 -0.76
C MET A 384 -36.61 -19.15 -0.18
N ILE A 385 -36.91 -17.86 -0.20
CA ILE A 385 -38.18 -17.32 0.30
C ILE A 385 -38.76 -16.39 -0.75
N ASP A 386 -40.00 -16.65 -1.16
CA ASP A 386 -40.72 -15.78 -2.08
C ASP A 386 -42.11 -15.48 -1.52
N ASN A 387 -42.98 -14.89 -2.35
CA ASN A 387 -44.34 -14.58 -1.94
C ASN A 387 -45.25 -15.79 -1.86
N SER A 388 -44.83 -16.94 -2.38
CA SER A 388 -45.62 -18.17 -2.23
C SER A 388 -45.61 -18.67 -0.79
N LYS A 389 -44.52 -18.45 -0.06
CA LYS A 389 -44.44 -18.87 1.33
C LYS A 389 -45.23 -17.92 2.23
N CYS A 390 -44.80 -16.66 2.30
CA CYS A 390 -45.41 -15.62 3.12
C CYS A 390 -44.92 -14.25 2.65
N PRO A 391 -45.78 -13.23 2.62
CA PRO A 391 -45.36 -11.92 2.10
C PRO A 391 -44.36 -11.19 2.98
N VAL A 392 -44.66 -11.05 4.26
CA VAL A 392 -43.84 -10.27 5.19
C VAL A 392 -43.03 -11.24 6.04
N VAL A 393 -41.70 -11.13 5.95
CA VAL A 393 -40.78 -12.12 6.50
C VAL A 393 -39.98 -11.47 7.62
N GLU A 394 -40.02 -12.07 8.80
CA GLU A 394 -39.13 -11.75 9.91
C GLU A 394 -37.78 -12.39 9.64
N VAL A 395 -36.78 -11.56 9.34
CA VAL A 395 -35.40 -12.01 9.17
C VAL A 395 -34.53 -11.14 10.05
N GLY A 396 -33.77 -11.77 10.96
CA GLY A 396 -33.03 -11.04 11.97
C GLY A 396 -34.00 -10.37 12.94
N LYS A 397 -34.01 -9.04 12.95
CA LYS A 397 -35.03 -8.25 13.64
C LYS A 397 -35.87 -7.44 12.66
N GLN A 398 -35.85 -7.80 11.38
CA GLN A 398 -36.34 -6.93 10.32
C GLN A 398 -37.55 -7.52 9.61
N MET A 399 -38.50 -6.64 9.29
CA MET A 399 -39.55 -6.93 8.33
C MET A 399 -38.99 -6.80 6.92
N ILE A 400 -39.22 -7.80 6.07
CA ILE A 400 -38.88 -7.71 4.66
C ILE A 400 -40.10 -8.17 3.85
N SER A 401 -40.57 -7.31 2.96
CA SER A 401 -41.57 -7.72 1.98
C SER A 401 -40.89 -8.32 0.76
N VAL A 402 -41.53 -9.32 0.19
CA VAL A 402 -41.00 -10.01 -0.99
C VAL A 402 -41.98 -9.84 -2.14
N GLY A 403 -41.62 -10.39 -3.29
CA GLY A 403 -42.47 -10.28 -4.45
C GLY A 403 -41.85 -10.98 -5.64
N SER A 404 -42.29 -10.56 -6.82
CA SER A 404 -41.87 -11.06 -8.15
C SER A 404 -42.19 -12.56 -8.19
N TYR A 405 -41.33 -13.39 -8.76
CA TYR A 405 -41.53 -14.83 -8.78
C TYR A 405 -40.17 -15.49 -8.56
N LEU A 406 -40.18 -16.83 -8.61
CA LEU A 406 -39.01 -17.60 -8.18
C LEU A 406 -37.91 -17.59 -9.23
N GLY A 407 -38.23 -18.03 -10.45
CA GLY A 407 -37.24 -18.08 -11.51
C GLY A 407 -36.81 -19.49 -11.86
N GLN A 408 -37.41 -20.03 -12.93
CA GLN A 408 -37.17 -21.37 -13.47
C GLN A 408 -37.37 -22.47 -12.43
N VAL A 409 -36.27 -22.91 -11.81
CA VAL A 409 -36.32 -23.93 -10.78
C VAL A 409 -35.81 -23.33 -9.47
N SER A 410 -36.24 -23.92 -8.36
CA SER A 410 -35.81 -23.42 -7.07
C SER A 410 -34.46 -24.00 -6.68
N PRO A 411 -33.65 -23.24 -5.93
CA PRO A 411 -32.41 -23.79 -5.38
C PRO A 411 -32.58 -24.57 -4.09
N ASN A 412 -33.80 -24.95 -3.71
CA ASN A 412 -34.05 -25.69 -2.50
C ASN A 412 -34.38 -27.17 -2.73
N ASN A 413 -34.89 -27.53 -3.91
CA ASN A 413 -35.28 -28.91 -4.17
C ASN A 413 -34.21 -29.70 -4.92
N LEU A 414 -33.25 -29.03 -5.54
CA LEU A 414 -32.13 -29.71 -6.19
C LEU A 414 -31.18 -30.29 -5.14
N THR A 415 -30.40 -31.27 -5.57
CA THR A 415 -29.35 -31.80 -4.72
C THR A 415 -28.17 -30.82 -4.69
N ILE A 416 -27.32 -30.97 -3.67
CA ILE A 416 -26.17 -30.10 -3.46
C ILE A 416 -24.94 -30.97 -3.31
N GLU A 417 -23.94 -30.74 -4.16
CA GLU A 417 -22.67 -31.45 -4.11
C GLU A 417 -21.63 -30.52 -3.48
N ILE A 418 -21.32 -30.75 -2.21
CA ILE A 418 -20.32 -29.95 -1.51
C ILE A 418 -18.94 -30.38 -1.96
N GLY A 419 -18.13 -29.42 -2.41
CA GLY A 419 -16.80 -29.71 -2.89
C GLY A 419 -15.79 -29.93 -1.79
N PRO A 420 -14.52 -30.04 -2.15
CA PRO A 420 -13.48 -30.30 -1.15
C PRO A 420 -13.18 -29.06 -0.33
N PRO A 421 -12.78 -29.22 0.93
CA PRO A 421 -12.40 -28.06 1.75
C PRO A 421 -11.03 -27.54 1.36
N VAL A 422 -10.99 -26.35 0.75
CA VAL A 422 -9.75 -25.72 0.34
C VAL A 422 -9.15 -25.04 1.58
N TYR A 423 -8.11 -25.62 2.14
CA TYR A 423 -7.46 -25.08 3.33
C TYR A 423 -6.02 -25.57 3.34
N THR A 424 -5.09 -24.68 3.00
CA THR A 424 -3.71 -25.04 2.75
C THR A 424 -2.79 -24.47 3.83
N GLU A 425 -1.85 -25.29 4.30
CA GLU A 425 -0.92 -24.93 5.34
C GLU A 425 0.46 -25.47 4.96
N PRO A 426 1.53 -24.68 5.18
CA PRO A 426 2.87 -25.11 4.70
C PRO A 426 3.44 -26.35 5.36
N VAL A 427 3.22 -26.55 6.66
CA VAL A 427 3.76 -27.73 7.34
C VAL A 427 3.03 -28.99 6.88
N ASP A 428 1.71 -28.89 6.67
CA ASP A 428 0.93 -30.03 6.19
C ASP A 428 1.31 -30.41 4.76
N ILE A 429 1.52 -29.43 3.89
CA ILE A 429 1.92 -29.76 2.52
C ILE A 429 3.36 -30.25 2.50
N THR A 430 4.20 -29.80 3.43
CA THR A 430 5.55 -30.34 3.53
C THR A 430 5.53 -31.78 4.04
N ASN A 431 4.60 -32.10 4.94
CA ASN A 431 4.49 -33.47 5.45
C ASN A 431 3.97 -34.43 4.39
N GLN A 432 2.97 -34.03 3.61
CA GLN A 432 2.55 -34.89 2.52
C GLN A 432 3.56 -34.91 1.38
N LEU A 433 4.37 -33.86 1.22
CA LEU A 433 5.49 -33.95 0.29
C LEU A 433 6.55 -34.92 0.79
N GLY A 434 6.77 -34.99 2.10
CA GLY A 434 7.64 -36.03 2.65
C GLY A 434 7.06 -37.42 2.48
N ASN A 435 5.72 -37.52 2.47
CA ASN A 435 5.08 -38.77 2.06
C ASN A 435 5.38 -39.09 0.59
N ILE A 436 5.45 -38.07 -0.26
CA ILE A 436 5.87 -38.29 -1.65
C ILE A 436 7.36 -38.70 -1.73
N ASN A 437 8.21 -38.09 -0.88
CA ASN A 437 9.61 -38.45 -0.72
C ASN A 437 9.81 -39.94 -0.40
N GLU A 438 9.14 -40.41 0.66
CA GLU A 438 9.21 -41.83 0.99
C GLU A 438 8.49 -42.70 -0.04
N THR A 439 7.49 -42.13 -0.73
CA THR A 439 6.77 -42.89 -1.75
C THR A 439 7.64 -43.16 -2.96
N LEU A 440 8.36 -42.15 -3.48
CA LEU A 440 9.17 -42.45 -4.64
C LEU A 440 10.42 -43.22 -4.25
N SER A 441 10.88 -43.11 -2.99
CA SER A 441 12.02 -43.94 -2.62
C SER A 441 11.62 -45.41 -2.40
N LYS A 442 10.35 -45.68 -2.00
CA LYS A 442 9.71 -47.04 -2.13
C LYS A 442 9.55 -47.50 -3.57
N THR A 443 9.04 -46.64 -4.46
CA THR A 443 8.77 -47.09 -5.82
C THR A 443 10.07 -47.33 -6.59
N LEU A 444 11.09 -46.50 -6.36
CA LEU A 444 12.39 -46.75 -6.97
C LEU A 444 13.07 -47.99 -6.40
N ASP A 445 12.91 -48.28 -5.11
CA ASP A 445 13.45 -49.53 -4.56
C ASP A 445 12.76 -50.75 -5.18
N LEU A 446 11.42 -50.70 -5.30
CA LEU A 446 10.69 -51.81 -5.90
C LEU A 446 10.94 -51.92 -7.40
N ILE A 447 11.22 -50.81 -8.07
CA ILE A 447 11.54 -50.86 -9.50
C ILE A 447 12.96 -51.38 -9.72
N LYS A 448 13.89 -51.08 -8.81
CA LYS A 448 15.21 -51.73 -8.87
C LYS A 448 15.10 -53.23 -8.63
N GLN A 449 14.27 -53.64 -7.67
CA GLN A 449 14.03 -55.06 -7.44
C GLN A 449 13.38 -55.73 -8.65
N SER A 450 12.38 -55.07 -9.25
CA SER A 450 11.73 -55.64 -10.41
C SER A 450 12.61 -55.62 -11.66
N ASN A 451 13.56 -54.68 -11.75
CA ASN A 451 14.51 -54.70 -12.88
C ASN A 451 15.52 -55.82 -12.72
N SER A 452 15.95 -56.10 -11.49
CA SER A 452 16.77 -57.28 -11.22
C SER A 452 16.01 -58.56 -11.56
N ILE A 453 14.70 -58.57 -11.28
CA ILE A 453 13.85 -59.69 -11.69
C ILE A 453 13.69 -59.74 -13.22
N LEU A 454 13.64 -58.59 -13.89
CA LEU A 454 13.62 -58.53 -15.35
C LEU A 454 14.93 -58.99 -15.96
N ASP A 455 16.01 -59.00 -15.19
CA ASP A 455 17.30 -59.43 -15.74
C ASP A 455 17.50 -60.94 -15.61
N MET A 456 17.45 -61.46 -14.39
CA MET A 456 18.01 -62.79 -14.14
C MET A 456 16.96 -63.87 -13.89
N ILE A 457 15.67 -63.58 -14.07
CA ILE A 457 14.62 -64.60 -14.02
C ILE A 457 13.78 -64.63 -15.29
N THR A 458 13.65 -63.49 -16.00
CA THR A 458 13.13 -63.52 -17.35
C THR A 458 14.05 -64.28 -18.31
N GLY A 459 15.35 -64.35 -18.01
CA GLY A 459 16.24 -65.27 -18.68
C GLY A 459 16.58 -66.45 -17.77
N GLY A 460 15.73 -66.70 -16.79
CA GLY A 460 15.97 -67.79 -15.86
C GLY A 460 15.58 -69.13 -16.46
N LEU A 461 16.35 -70.17 -16.14
CA LEU A 461 16.20 -71.54 -16.64
C LEU A 461 16.17 -71.64 -18.16
N VAL B 1 25.99 -18.16 -15.39
CA VAL B 1 24.72 -17.93 -16.06
C VAL B 1 24.93 -17.93 -17.58
N ASP B 2 23.99 -18.55 -18.31
CA ASP B 2 24.03 -18.60 -19.76
C ASP B 2 22.87 -17.78 -20.31
N PHE B 3 23.20 -16.69 -21.01
CA PHE B 3 22.17 -15.79 -21.52
C PHE B 3 21.56 -16.25 -22.83
N GLU B 4 22.21 -17.16 -23.55
CA GLU B 4 21.66 -17.63 -24.82
C GLU B 4 20.46 -18.55 -24.60
N ARG B 5 20.59 -19.51 -23.67
CA ARG B 5 19.48 -20.39 -23.34
C ARG B 5 18.33 -19.64 -22.68
N LEU B 6 18.66 -18.69 -21.80
CA LEU B 6 17.62 -17.91 -21.14
C LEU B 6 17.01 -16.88 -22.09
N ALA B 7 17.71 -16.51 -23.16
CA ALA B 7 17.11 -15.71 -24.23
C ALA B 7 16.20 -16.56 -25.10
N SER B 8 16.55 -17.81 -25.34
CA SER B 8 15.69 -18.72 -26.09
C SER B 8 14.46 -19.13 -25.29
N ILE B 9 14.52 -19.09 -23.95
CA ILE B 9 13.34 -19.40 -23.15
C ILE B 9 12.43 -18.18 -22.95
N GLY B 10 12.92 -16.98 -23.22
CA GLY B 10 12.07 -15.80 -23.17
C GLY B 10 12.47 -14.72 -22.19
N GLY B 11 13.75 -14.69 -21.81
CA GLY B 11 14.23 -13.67 -20.90
C GLY B 11 15.45 -12.95 -21.45
N ILE B 12 15.41 -11.63 -21.50
CA ILE B 12 16.42 -10.83 -22.18
C ILE B 12 17.20 -10.04 -21.13
N LYS B 13 18.53 -10.06 -21.23
CA LYS B 13 19.39 -9.43 -20.23
C LYS B 13 19.29 -7.91 -20.34
N GLY B 14 18.93 -7.26 -19.24
CA GLY B 14 18.79 -5.82 -19.18
C GLY B 14 20.04 -5.14 -18.69
N HIS B 15 19.85 -4.01 -17.99
CA HIS B 15 20.97 -3.23 -17.49
C HIS B 15 21.65 -3.94 -16.33
N SER B 16 22.90 -3.57 -16.09
CA SER B 16 23.68 -4.04 -14.95
C SER B 16 23.95 -2.86 -14.03
N LYS B 17 23.54 -2.99 -12.77
CA LYS B 17 23.64 -1.90 -11.81
C LYS B 17 24.42 -2.36 -10.58
N LEU B 18 24.99 -1.38 -9.88
CA LEU B 18 25.79 -1.64 -8.69
C LEU B 18 24.88 -1.76 -7.46
N TYR B 19 25.49 -1.94 -6.30
CA TYR B 19 24.76 -2.14 -5.06
C TYR B 19 25.45 -1.37 -3.94
N LYS B 20 24.70 -0.53 -3.24
CA LYS B 20 25.24 0.30 -2.18
C LYS B 20 24.33 0.28 -0.97
N ILE B 21 24.93 0.25 0.22
CA ILE B 21 24.22 0.16 1.49
C ILE B 21 24.60 1.34 2.35
N LYS B 22 23.63 1.92 3.04
CA LYS B 22 23.91 2.90 4.09
C LYS B 22 24.68 2.25 5.23
N GLY B 23 25.73 2.92 5.69
CA GLY B 23 26.53 2.39 6.79
C GLY B 23 27.47 3.44 7.33
N HIS B 24 28.03 3.12 8.50
CA HIS B 24 28.91 3.95 9.32
C HIS B 24 28.30 5.33 9.57
N PRO B 25 27.31 5.45 10.46
CA PRO B 25 26.69 6.76 10.70
C PRO B 25 27.32 7.53 11.84
N THR B 26 27.48 8.84 11.63
CA THR B 26 27.81 9.76 12.70
C THR B 26 26.53 10.42 13.21
N THR B 27 26.61 10.99 14.41
CA THR B 27 25.43 11.51 15.09
C THR B 27 25.50 13.03 15.18
N LYS B 28 24.35 13.67 15.04
CA LYS B 28 24.24 15.11 15.25
C LYS B 28 22.94 15.42 15.99
N ASP B 29 23.00 16.37 16.91
CA ASP B 29 21.90 16.67 17.83
C ASP B 29 21.16 17.91 17.36
N ILE B 30 19.83 17.80 17.31
CA ILE B 30 18.95 18.94 17.06
C ILE B 30 17.98 19.04 18.23
N VAL B 31 17.34 20.19 18.36
CA VAL B 31 16.31 20.40 19.37
C VAL B 31 15.08 20.99 18.69
N ILE B 32 13.91 20.51 19.11
CA ILE B 32 12.63 20.96 18.59
C ILE B 32 11.80 21.49 19.74
N LYS B 33 11.47 22.77 19.71
CA LYS B 33 10.54 23.35 20.66
C LYS B 33 9.12 23.24 20.10
N LEU B 34 8.15 23.23 21.02
CA LEU B 34 6.77 22.94 20.65
C LEU B 34 5.81 24.09 20.94
N VAL B 35 6.11 24.94 21.90
CA VAL B 35 5.28 26.11 22.20
C VAL B 35 5.85 27.30 21.43
N PRO B 36 5.07 27.96 20.58
CA PRO B 36 5.62 29.09 19.81
C PRO B 36 5.88 30.30 20.69
N ASN B 37 7.02 30.95 20.43
CA ASN B 37 7.44 32.12 21.19
C ASN B 37 6.81 33.36 20.58
N LEU B 38 5.89 33.98 21.30
CA LEU B 38 5.23 35.21 20.85
C LEU B 38 5.58 36.33 21.81
N ASN B 39 6.02 37.45 21.25
CA ASN B 39 6.31 38.66 22.03
C ASN B 39 5.73 39.92 21.45
N ASN B 40 5.45 39.97 20.14
CA ASN B 40 4.68 41.07 19.58
C ASN B 40 3.23 41.05 20.04
N LEU B 41 2.70 39.86 20.35
CA LEU B 41 1.29 39.69 20.70
C LEU B 41 1.03 39.76 22.19
N THR B 42 1.85 40.51 22.94
CA THR B 42 1.60 40.69 24.37
C THR B 42 0.42 41.62 24.66
N VAL B 43 -0.10 42.31 23.64
CA VAL B 43 -1.24 43.20 23.85
C VAL B 43 -2.54 42.41 23.84
N CYS B 44 -2.75 41.60 22.80
CA CYS B 44 -4.01 40.87 22.61
C CYS B 44 -3.72 39.40 22.25
N SER B 45 -3.52 38.58 23.28
CA SER B 45 -3.46 37.14 23.09
C SER B 45 -4.27 36.34 24.09
N GLU B 46 -4.72 36.96 25.18
CA GLU B 46 -5.46 36.38 26.31
C GLU B 46 -4.63 35.23 26.90
N MET B 47 -5.28 34.16 27.33
CA MET B 47 -4.57 33.02 27.88
C MET B 47 -4.93 31.82 27.00
N SER B 48 -4.83 32.02 25.68
CA SER B 48 -5.13 30.96 24.72
C SER B 48 -4.05 29.89 24.66
N ILE B 49 -2.86 30.16 25.22
CA ILE B 49 -1.79 29.17 25.22
C ILE B 49 -2.03 28.08 26.27
N ASP B 50 -2.90 28.33 27.25
CA ASP B 50 -3.13 27.39 28.35
C ASP B 50 -3.82 26.12 27.88
N GLY B 51 -4.75 26.24 26.92
CA GLY B 51 -5.36 25.06 26.35
C GLY B 51 -4.39 24.22 25.56
N TYR B 52 -3.48 24.86 24.83
CA TYR B 52 -2.44 24.15 24.10
C TYR B 52 -1.46 23.46 25.06
N LEU B 53 -1.14 24.12 26.18
CA LEU B 53 -0.27 23.52 27.19
C LEU B 53 -0.93 22.30 27.84
N ASN B 54 -2.23 22.39 28.15
CA ASN B 54 -2.94 21.24 28.70
C ASN B 54 -3.11 20.14 27.67
N LEU B 55 -3.12 20.48 26.38
CA LEU B 55 -3.18 19.46 25.34
C LEU B 55 -1.86 18.74 25.19
N ILE B 56 -0.74 19.48 25.24
CA ILE B 56 0.57 18.86 25.01
C ILE B 56 1.20 18.28 26.27
N ASN B 57 0.66 18.57 27.47
CA ASN B 57 1.16 17.93 28.67
C ASN B 57 0.77 16.46 28.77
N ALA B 58 -0.26 16.04 28.03
CA ALA B 58 -0.60 14.63 27.94
C ALA B 58 0.26 13.87 26.94
N VAL B 59 1.09 14.59 26.17
CA VAL B 59 1.98 13.97 25.21
C VAL B 59 3.43 13.99 25.70
N ILE B 60 3.86 15.13 26.26
CA ILE B 60 5.27 15.29 26.63
C ILE B 60 5.60 14.49 27.88
N ILE B 61 4.72 14.55 28.90
CA ILE B 61 4.99 13.89 30.18
C ILE B 61 5.07 12.36 30.11
N PRO B 62 4.12 11.64 29.47
CA PRO B 62 4.31 10.17 29.38
C PRO B 62 5.47 9.73 28.52
N ILE B 63 5.98 10.58 27.63
CA ILE B 63 7.24 10.29 26.94
C ILE B 63 8.40 10.38 27.92
N SER B 64 8.42 11.44 28.74
CA SER B 64 9.56 11.70 29.62
C SER B 64 9.63 10.70 30.77
N GLN B 65 8.47 10.27 31.29
CA GLN B 65 8.45 9.30 32.38
C GLN B 65 9.00 7.95 31.94
N SER B 66 8.58 7.48 30.76
CA SER B 66 9.13 6.24 30.21
C SER B 66 10.59 6.40 29.82
N LEU B 67 10.99 7.59 29.40
CA LEU B 67 12.39 7.85 29.04
C LEU B 67 13.30 7.75 30.27
N GLU B 68 12.90 8.37 31.38
CA GLU B 68 13.74 8.30 32.58
C GLU B 68 13.66 6.93 33.26
N LEU B 69 12.52 6.23 33.14
CA LEU B 69 12.46 4.86 33.63
C LEU B 69 13.32 3.93 32.80
N MET B 70 13.48 4.22 31.51
CA MET B 70 14.47 3.53 30.70
C MET B 70 15.89 3.95 31.04
N ARG B 71 16.08 5.17 31.53
CA ARG B 71 17.41 5.68 31.83
C ARG B 71 17.98 5.08 33.12
N ASN B 72 17.13 4.86 34.13
CA ASN B 72 17.63 4.19 35.34
C ASN B 72 18.15 2.77 35.17
N ASN B 73 17.60 2.02 34.23
CA ASN B 73 17.88 0.58 34.16
C ASN B 73 19.22 0.24 33.51
N VAL B 74 20.07 1.23 33.21
CA VAL B 74 21.44 0.99 32.80
C VAL B 74 22.37 1.71 33.78
N LYS B 75 23.39 1.00 34.25
CA LYS B 75 24.32 1.55 35.22
C LYS B 75 25.75 1.15 34.85
N ASP B 76 26.66 2.12 34.96
CA ASP B 76 28.07 1.88 34.70
C ASP B 76 28.74 1.47 36.01
N GLY B 77 30.07 1.45 36.04
CA GLY B 77 30.80 0.93 37.17
C GLY B 77 31.49 -0.37 36.81
N THR B 78 32.75 -0.52 37.21
CA THR B 78 33.58 -1.65 36.79
C THR B 78 33.10 -3.00 37.31
N PRO B 79 32.88 -3.96 36.41
CA PRO B 79 32.74 -5.35 36.86
C PRO B 79 34.11 -5.95 37.10
N ASN B 80 34.48 -6.12 38.38
CA ASN B 80 35.77 -6.57 38.94
C ASN B 80 37.01 -6.24 38.09
N GLU B 81 37.74 -7.24 37.59
CA GLU B 81 38.96 -6.98 36.83
C GLU B 81 38.67 -6.35 35.46
N ASN B 82 37.47 -6.55 34.91
CA ASN B 82 37.14 -5.94 33.62
C ASN B 82 36.95 -4.43 33.77
N ILE B 83 37.19 -3.70 32.69
CA ILE B 83 37.31 -2.24 32.78
C ILE B 83 35.94 -1.58 32.95
N PHE B 84 35.04 -1.72 31.97
CA PHE B 84 33.75 -1.05 31.93
C PHE B 84 32.81 -1.77 30.97
N GLY B 85 31.74 -1.10 30.55
CA GLY B 85 30.84 -1.70 29.60
C GLY B 85 29.37 -1.32 29.72
N ALA B 86 29.03 -0.49 30.71
CA ALA B 86 27.70 0.14 30.86
C ALA B 86 26.59 -0.90 30.98
N ILE B 87 26.61 -1.57 32.15
CA ILE B 87 25.77 -2.75 32.41
C ILE B 87 24.29 -2.39 32.31
N VAL B 88 23.58 -3.08 31.43
CA VAL B 88 22.13 -2.98 31.32
C VAL B 88 21.55 -4.02 32.26
N ALA B 89 20.76 -3.56 33.24
CA ALA B 89 20.22 -4.45 34.27
C ALA B 89 18.98 -5.15 33.73
N GLY B 90 19.06 -6.47 33.57
CA GLY B 90 17.95 -7.23 33.02
C GLY B 90 16.82 -7.52 33.99
N ALA B 91 16.93 -7.09 35.24
CA ALA B 91 15.87 -7.34 36.22
C ALA B 91 14.66 -6.46 35.95
N ALA B 92 14.89 -5.27 35.40
CA ALA B 92 13.83 -4.27 35.28
C ALA B 92 13.49 -3.93 33.83
N LEU B 93 13.93 -4.74 32.87
CA LEU B 93 13.50 -4.58 31.49
C LEU B 93 12.33 -5.47 31.11
N GLY B 94 12.04 -6.51 31.90
CA GLY B 94 10.99 -7.45 31.54
C GLY B 94 11.34 -8.26 30.31
N ILE B 95 10.68 -7.94 29.19
CA ILE B 95 10.95 -8.58 27.91
C ILE B 95 11.47 -7.50 26.96
N ALA B 96 12.66 -7.73 26.39
CA ALA B 96 13.28 -6.77 25.51
C ALA B 96 14.05 -7.49 24.41
N THR B 97 14.27 -6.79 23.31
CA THR B 97 15.02 -7.31 22.18
C THR B 97 16.42 -6.72 22.16
N ALA B 98 17.18 -7.05 21.11
CA ALA B 98 18.56 -6.58 21.00
C ALA B 98 18.62 -5.09 20.65
N ALA B 99 17.71 -4.63 19.78
CA ALA B 99 17.68 -3.23 19.38
C ALA B 99 17.26 -2.32 20.54
N GLN B 100 16.40 -2.82 21.44
CA GLN B 100 16.03 -2.05 22.60
C GLN B 100 17.20 -1.86 23.56
N VAL B 101 18.01 -2.92 23.75
CA VAL B 101 19.21 -2.82 24.57
C VAL B 101 20.23 -1.88 23.94
N THR B 102 20.35 -1.93 22.60
CA THR B 102 21.24 -1.02 21.89
C THR B 102 20.78 0.44 22.05
N SER B 103 19.47 0.67 22.02
CA SER B 103 18.94 2.02 22.24
C SER B 103 19.18 2.49 23.68
N VAL B 104 19.07 1.59 24.65
CA VAL B 104 19.35 1.92 26.05
C VAL B 104 20.82 2.32 26.23
N VAL B 105 21.72 1.59 25.59
CA VAL B 105 23.14 1.94 25.60
C VAL B 105 23.39 3.26 24.89
N ALA B 106 22.60 3.55 23.83
CA ALA B 106 22.72 4.83 23.13
C ALA B 106 22.31 6.01 24.01
N LEU B 107 21.21 5.87 24.77
CA LEU B 107 20.84 6.90 25.75
C LEU B 107 21.90 7.07 26.84
N HIS B 108 22.46 5.95 27.33
CA HIS B 108 23.49 6.05 28.37
C HIS B 108 24.77 6.68 27.83
N LYS B 109 25.04 6.52 26.54
CA LYS B 109 26.17 7.19 25.91
C LYS B 109 25.91 8.67 25.68
N SER B 110 24.66 9.03 25.35
CA SER B 110 24.32 10.41 25.01
C SER B 110 23.83 11.23 26.19
N ASN B 111 23.86 10.65 27.41
CA ASN B 111 23.44 11.37 28.62
C ASN B 111 24.23 12.65 28.86
N GLN B 112 25.56 12.62 28.67
CA GLN B 112 26.40 13.78 28.94
C GLN B 112 26.10 14.93 27.98
N ASN B 113 25.97 14.63 26.69
CA ASN B 113 25.65 15.67 25.72
C ASN B 113 24.21 16.15 25.87
N ALA B 114 23.31 15.28 26.33
CA ALA B 114 21.95 15.71 26.64
C ALA B 114 21.93 16.71 27.80
N ALA B 115 22.76 16.47 28.82
CA ALA B 115 22.89 17.42 29.91
C ALA B 115 23.54 18.72 29.46
N LYS B 116 24.51 18.63 28.54
CA LYS B 116 25.15 19.84 28.01
C LYS B 116 24.19 20.69 27.21
N ILE B 117 23.30 20.07 26.42
CA ILE B 117 22.27 20.83 25.72
C ILE B 117 21.23 21.37 26.71
N ASN B 118 20.86 20.58 27.71
CA ASN B 118 19.86 20.99 28.70
C ASN B 118 20.35 22.10 29.62
N SER B 119 21.66 22.34 29.68
CA SER B 119 22.19 23.46 30.45
C SER B 119 21.86 24.83 29.86
N LEU B 120 21.35 24.90 28.63
CA LEU B 120 21.01 26.17 28.00
C LEU B 120 19.51 26.29 27.75
N ARG B 121 18.72 25.96 28.77
CA ARG B 121 17.26 25.98 28.64
C ARG B 121 16.73 27.40 28.42
N ASP B 122 17.30 28.38 29.11
CA ASP B 122 16.91 29.77 28.90
C ASP B 122 17.37 30.28 27.54
N SER B 123 18.44 29.70 26.98
CA SER B 123 18.87 30.07 25.64
C SER B 123 17.96 29.46 24.57
N ILE B 124 17.45 28.24 24.83
CA ILE B 124 16.58 27.58 23.86
C ILE B 124 15.22 28.27 23.78
N THR B 125 14.67 28.66 24.93
CA THR B 125 13.31 29.20 24.98
C THR B 125 13.22 30.65 24.53
N LYS B 126 14.34 31.33 24.25
CA LYS B 126 14.31 32.75 23.92
C LYS B 126 14.37 33.03 22.42
N THR B 127 14.40 31.99 21.58
CA THR B 127 14.47 32.19 20.14
C THR B 127 13.17 32.75 19.58
N ASN B 128 13.29 33.60 18.55
CA ASN B 128 12.12 34.22 17.94
C ASN B 128 12.17 34.18 16.42
N GLN B 129 12.92 33.25 15.84
CA GLN B 129 12.94 33.05 14.40
C GLN B 129 12.66 31.59 14.09
N ALA B 130 12.54 31.29 12.80
CA ALA B 130 12.25 29.93 12.34
C ALA B 130 13.41 28.99 12.65
N VAL B 131 14.57 29.21 12.05
CA VAL B 131 15.77 28.42 12.30
C VAL B 131 16.92 29.37 12.62
N GLU B 132 17.58 29.14 13.74
CA GLU B 132 18.82 29.86 14.03
C GLU B 132 19.76 28.95 14.81
N GLN B 133 20.95 29.47 15.10
CA GLN B 133 22.01 28.70 15.74
C GLN B 133 22.38 29.33 17.07
N LEU B 134 22.81 28.48 18.02
CA LEU B 134 23.31 28.94 19.30
C LEU B 134 24.66 28.27 19.56
N SER B 135 25.52 28.99 20.29
CA SER B 135 26.89 28.51 20.53
C SER B 135 26.86 27.49 21.66
N LEU B 136 27.00 26.22 21.31
CA LEU B 136 27.05 25.16 22.32
C LEU B 136 28.37 25.16 23.07
N GLY B 137 29.47 25.30 22.35
CA GLY B 137 30.80 25.28 22.94
C GLY B 137 31.74 26.17 22.17
N VAL B 138 33.02 25.81 22.17
CA VAL B 138 34.00 26.61 21.46
C VAL B 138 33.94 26.36 19.95
N GLN B 139 33.51 25.17 19.54
CA GLN B 139 33.37 24.86 18.12
C GLN B 139 32.10 24.10 17.79
N GLU B 140 31.28 23.73 18.78
CA GLU B 140 30.03 23.02 18.54
C GLU B 140 28.86 23.97 18.65
N THR B 141 27.77 23.64 17.94
CA THR B 141 26.59 24.49 17.93
C THR B 141 25.34 23.62 17.84
N VAL B 142 24.23 24.18 18.28
CA VAL B 142 22.93 23.56 18.11
C VAL B 142 22.18 24.31 17.01
N SER B 143 21.12 23.67 16.52
CA SER B 143 20.37 24.11 15.34
C SER B 143 18.89 24.17 15.65
N VAL B 144 18.55 24.93 16.71
CA VAL B 144 17.18 25.05 17.20
C VAL B 144 16.26 25.59 16.10
N LEU B 145 15.08 24.99 16.00
CA LEU B 145 14.20 25.23 14.86
C LEU B 145 12.75 25.03 15.26
N MET B 146 11.87 25.91 14.76
CA MET B 146 10.44 25.84 15.02
C MET B 146 9.69 26.27 13.76
N GLY B 147 8.72 25.46 13.35
CA GLY B 147 8.05 25.70 12.08
C GLY B 147 7.11 26.89 12.10
N LEU B 148 6.33 27.04 13.17
CA LEU B 148 5.27 28.04 13.21
C LEU B 148 5.75 29.43 13.59
N GLN B 149 7.02 29.59 14.00
CA GLN B 149 7.51 30.88 14.47
C GLN B 149 7.58 31.91 13.35
N ASP B 150 7.72 31.47 12.10
CA ASP B 150 7.63 32.38 10.97
C ASP B 150 6.21 32.90 10.79
N GLN B 151 5.21 32.06 11.03
CA GLN B 151 3.82 32.41 10.77
C GLN B 151 3.24 33.37 11.82
N ILE B 152 3.89 33.53 12.96
CA ILE B 152 3.47 34.52 13.95
C ILE B 152 4.65 35.48 14.00
N ASN B 153 5.29 35.69 12.86
CA ASN B 153 6.20 36.81 12.68
C ASN B 153 6.07 37.52 11.33
N THR B 154 5.22 37.02 10.43
CA THR B 154 5.00 37.71 9.17
C THR B 154 3.55 37.76 8.73
N ASN B 155 2.64 37.04 9.39
CA ASN B 155 1.24 37.00 8.99
C ASN B 155 0.31 37.53 10.06
N LEU B 156 0.47 37.12 11.31
CA LEU B 156 -0.41 37.55 12.38
C LEU B 156 0.05 38.82 13.06
N VAL B 157 1.35 39.09 13.06
CA VAL B 157 1.94 40.29 13.65
C VAL B 157 1.50 41.60 12.97
N PRO B 158 1.51 41.76 11.62
CA PRO B 158 1.05 43.06 11.07
C PRO B 158 -0.43 43.36 11.25
N LYS B 159 -1.27 42.37 11.53
CA LYS B 159 -2.66 42.61 11.89
C LYS B 159 -2.82 42.63 13.40
N ILE B 160 -2.08 43.53 14.05
CA ILE B 160 -2.14 43.65 15.50
C ILE B 160 -3.22 44.64 15.94
N ASN B 161 -3.54 45.66 15.13
CA ASN B 161 -4.55 46.63 15.47
C ASN B 161 -5.59 46.83 14.39
N ILE B 162 -5.37 46.33 13.17
CA ILE B 162 -6.39 46.38 12.13
C ILE B 162 -7.54 45.45 12.47
N LEU B 163 -7.24 44.27 12.99
CA LEU B 163 -8.22 43.25 13.31
C LEU B 163 -8.51 43.24 14.80
N SER B 164 -9.71 42.79 15.15
CA SER B 164 -10.13 42.73 16.56
C SER B 164 -9.38 41.64 17.30
N CYS B 165 -9.17 41.87 18.60
CA CYS B 165 -8.31 41.01 19.42
C CYS B 165 -8.92 39.62 19.62
N LYS B 166 -10.25 39.52 19.72
CA LYS B 166 -10.89 38.23 19.84
C LYS B 166 -10.75 37.42 18.54
N GLN B 167 -10.66 38.09 17.40
CA GLN B 167 -10.43 37.37 16.15
C GLN B 167 -9.00 36.83 16.08
N LEU B 168 -8.03 37.58 16.60
CA LEU B 168 -6.67 37.06 16.73
C LEU B 168 -6.61 35.87 17.68
N SER B 169 -7.35 35.94 18.80
CA SER B 169 -7.38 34.83 19.74
C SER B 169 -8.03 33.58 19.12
N ASN B 170 -9.11 33.77 18.37
CA ASN B 170 -9.79 32.64 17.72
C ASN B 170 -8.92 32.04 16.62
N THR B 171 -8.25 32.88 15.83
CA THR B 171 -7.36 32.39 14.77
C THR B 171 -6.16 31.65 15.35
N LEU B 172 -5.61 32.17 16.46
CA LEU B 172 -4.52 31.51 17.15
C LEU B 172 -4.95 30.16 17.73
N ASN B 173 -6.18 30.09 18.27
CA ASN B 173 -6.69 28.83 18.79
C ASN B 173 -6.91 27.81 17.69
N ILE B 174 -7.43 28.24 16.53
CA ILE B 174 -7.64 27.33 15.40
C ILE B 174 -6.30 26.81 14.86
N MET B 175 -5.31 27.69 14.73
CA MET B 175 -4.02 27.28 14.20
C MET B 175 -3.27 26.38 15.20
N LEU B 176 -3.41 26.65 16.50
CA LEU B 176 -2.78 25.80 17.50
C LEU B 176 -3.45 24.44 17.62
N LEU B 177 -4.78 24.37 17.45
CA LEU B 177 -5.44 23.07 17.43
C LEU B 177 -5.04 22.26 16.20
N GLN B 178 -4.91 22.92 15.04
CA GLN B 178 -4.41 22.24 13.84
C GLN B 178 -2.99 21.74 14.03
N TYR B 179 -2.14 22.55 14.68
CA TYR B 179 -0.77 22.11 14.91
C TYR B 179 -0.70 21.01 15.96
N TYR B 180 -1.58 21.02 16.96
CA TYR B 180 -1.63 19.93 17.93
C TYR B 180 -2.07 18.63 17.26
N SER B 181 -2.98 18.73 16.29
CA SER B 181 -3.29 17.57 15.45
C SER B 181 -2.09 17.14 14.60
N GLN B 182 -1.20 18.07 14.26
CA GLN B 182 0.00 17.69 13.51
C GLN B 182 1.04 16.96 14.39
N ILE B 183 1.22 17.40 15.64
CA ILE B 183 2.03 16.60 16.58
C ILE B 183 1.39 15.24 16.84
N LEU B 184 0.06 15.18 17.00
CA LEU B 184 -0.56 13.86 17.29
C LEU B 184 -0.55 12.86 16.08
N THR B 185 0.09 13.14 14.95
CA THR B 185 0.27 12.19 13.86
C THR B 185 1.70 11.66 13.78
N VAL B 186 2.69 12.56 13.78
CA VAL B 186 4.08 12.13 13.66
C VAL B 186 4.58 11.42 14.91
N PHE B 187 4.23 11.92 16.10
CA PHE B 187 4.60 11.24 17.34
C PHE B 187 3.49 10.31 17.81
N GLY B 188 3.04 9.45 16.91
CA GLY B 188 2.02 8.47 17.21
C GLY B 188 2.56 7.16 17.73
N PRO B 189 3.38 6.46 16.93
CA PRO B 189 4.03 5.24 17.43
C PRO B 189 5.06 5.48 18.52
N ASN B 190 5.54 6.71 18.72
CA ASN B 190 6.52 6.97 19.77
C ASN B 190 5.91 6.91 21.16
N LEU B 191 4.59 7.05 21.30
CA LEU B 191 3.98 7.08 22.62
C LEU B 191 3.92 5.72 23.29
N ARG B 192 4.13 4.64 22.54
CA ARG B 192 4.16 3.30 23.13
C ARG B 192 5.40 3.11 23.98
N ASP B 193 6.57 3.44 23.44
CA ASP B 193 7.86 3.31 24.11
C ASP B 193 8.89 4.23 23.45
N PRO B 194 9.02 5.49 23.94
CA PRO B 194 9.79 6.53 23.24
C PRO B 194 11.31 6.46 23.42
N ALA B 195 11.86 5.25 23.33
CA ALA B 195 13.31 5.09 23.31
C ALA B 195 13.79 4.15 22.22
N THR B 196 12.94 3.27 21.69
CA THR B 196 13.33 2.29 20.69
C THR B 196 12.69 2.53 19.33
N VAL B 197 11.64 3.33 19.26
CA VAL B 197 10.93 3.60 18.01
C VAL B 197 11.52 4.88 17.42
N PRO B 198 12.11 4.84 16.23
CA PRO B 198 12.74 6.05 15.67
C PRO B 198 11.77 6.88 14.85
N VAL B 199 12.24 8.02 14.35
CA VAL B 199 11.42 8.97 13.62
C VAL B 199 12.04 9.17 12.23
N SER B 200 11.24 8.91 11.19
CA SER B 200 11.68 9.16 9.83
C SER B 200 11.71 10.66 9.55
N ILE B 201 12.60 11.07 8.64
CA ILE B 201 12.78 12.49 8.38
C ILE B 201 11.65 13.06 7.52
N GLN B 202 10.92 12.22 6.77
CA GLN B 202 9.78 12.71 6.01
C GLN B 202 8.60 13.05 6.94
N ALA B 203 8.31 12.16 7.89
CA ALA B 203 7.28 12.43 8.87
C ALA B 203 7.66 13.59 9.79
N LEU B 204 8.95 13.73 10.10
CA LEU B 204 9.40 14.87 10.89
C LEU B 204 9.30 16.17 10.09
N SER B 205 9.55 16.11 8.78
CA SER B 205 9.40 17.27 7.92
C SER B 205 7.95 17.61 7.63
N GLN B 206 7.02 16.68 7.90
CA GLN B 206 5.59 16.97 7.77
C GLN B 206 5.11 18.04 8.75
N LEU B 207 5.85 18.31 9.83
CA LEU B 207 5.47 19.38 10.75
C LEU B 207 5.68 20.75 10.15
N PHE B 208 6.59 20.88 9.19
CA PHE B 208 6.94 22.15 8.57
C PHE B 208 6.31 22.31 7.19
N GLU B 209 5.07 21.82 7.05
CA GLU B 209 4.30 21.83 5.80
C GLU B 209 5.04 21.13 4.66
N GLY B 210 5.68 20.01 4.97
CA GLY B 210 6.37 19.21 3.97
C GLY B 210 7.61 19.86 3.39
N ASN B 211 8.49 20.37 4.26
CA ASN B 211 9.70 21.06 3.83
C ASN B 211 10.89 20.22 4.28
N LEU B 212 11.29 19.26 3.44
CA LEU B 212 12.42 18.40 3.75
C LEU B 212 13.75 19.12 3.54
N GLU B 213 13.81 20.03 2.56
CA GLU B 213 15.06 20.68 2.23
C GLU B 213 15.50 21.67 3.32
N LEU B 214 14.53 22.24 4.05
CA LEU B 214 14.88 23.09 5.19
C LEU B 214 15.58 22.29 6.28
N LEU B 215 15.04 21.10 6.60
CA LEU B 215 15.68 20.23 7.59
C LEU B 215 17.04 19.73 7.12
N THR B 216 17.15 19.39 5.82
CA THR B 216 18.41 18.88 5.29
C THR B 216 19.49 19.97 5.28
N SER B 217 19.13 21.19 4.87
CA SER B 217 20.09 22.28 4.83
C SER B 217 20.45 22.79 6.22
N SER B 218 19.49 22.79 7.15
CA SER B 218 19.79 23.17 8.52
C SER B 218 20.56 22.09 9.27
N LEU B 219 20.47 20.84 8.83
CA LEU B 219 21.19 19.76 9.50
C LEU B 219 22.68 19.83 9.21
N GLY B 220 23.06 20.07 7.95
CA GLY B 220 24.46 20.13 7.55
C GLY B 220 24.81 19.24 6.39
N ILE B 221 23.99 18.23 6.10
CA ILE B 221 24.22 17.39 4.93
C ILE B 221 23.83 18.18 3.67
N SER B 222 24.72 18.20 2.70
CA SER B 222 24.52 18.97 1.47
C SER B 222 24.88 18.06 0.29
N SER B 223 23.86 17.55 -0.39
CA SER B 223 24.08 16.69 -1.54
C SER B 223 24.60 17.50 -2.73
N THR B 224 25.56 16.92 -3.45
CA THR B 224 26.15 17.58 -4.61
C THR B 224 26.15 16.73 -5.87
N ASP B 225 25.87 15.43 -5.78
CA ASP B 225 25.85 14.55 -6.92
C ASP B 225 24.42 14.03 -7.16
N PHE B 226 24.26 13.30 -8.25
CA PHE B 226 22.92 12.88 -8.67
C PHE B 226 22.39 11.74 -7.81
N ASN B 227 23.29 10.92 -7.25
CA ASN B 227 22.84 9.76 -6.48
C ASN B 227 22.28 10.15 -5.11
N ASP B 228 22.72 11.28 -4.56
CA ASP B 228 22.30 11.72 -3.25
C ASP B 228 21.15 12.73 -3.31
N LEU B 229 20.59 12.97 -4.50
CA LEU B 229 19.43 13.84 -4.59
C LEU B 229 18.15 13.11 -4.23
N LEU B 230 17.93 11.93 -4.82
CA LEU B 230 16.78 11.11 -4.45
C LEU B 230 16.94 10.54 -3.05
N THR B 231 18.17 10.23 -2.65
CA THR B 231 18.45 9.85 -1.27
C THR B 231 18.21 11.06 -0.36
N GLY B 232 17.55 10.83 0.77
CA GLY B 232 17.15 11.93 1.62
C GLY B 232 15.84 11.67 2.31
N LYS B 233 15.18 10.57 1.93
CA LYS B 233 14.00 10.07 2.61
C LYS B 233 14.32 8.93 3.56
N LEU B 234 15.58 8.83 4.01
CA LEU B 234 16.00 7.72 4.85
C LEU B 234 16.91 8.13 6.01
N ILE B 235 17.05 9.42 6.31
CA ILE B 235 17.74 9.84 7.52
C ILE B 235 16.87 9.53 8.72
N THR B 236 17.44 8.83 9.70
CA THR B 236 16.69 8.25 10.81
C THR B 236 17.17 8.88 12.12
N GLY B 237 16.21 9.32 12.95
CA GLY B 237 16.53 9.95 14.21
C GLY B 237 15.68 9.40 15.33
N SER B 238 16.18 9.57 16.55
CA SER B 238 15.53 9.06 17.75
C SER B 238 15.57 10.10 18.86
N ILE B 239 14.64 9.96 19.82
CA ILE B 239 14.48 10.90 20.92
C ILE B 239 15.48 10.57 22.01
N ILE B 240 16.21 11.58 22.49
CA ILE B 240 17.07 11.39 23.65
C ILE B 240 16.62 12.23 24.86
N TRP B 241 15.82 13.28 24.68
CA TRP B 241 15.33 14.01 25.84
C TRP B 241 13.99 14.65 25.54
N ALA B 242 13.19 14.80 26.60
CA ALA B 242 11.78 15.21 26.50
C ALA B 242 11.45 16.26 27.56
N ASP B 243 12.22 17.36 27.58
CA ASP B 243 12.17 18.32 28.68
C ASP B 243 10.83 19.06 28.73
N THR B 244 10.26 19.13 29.94
CA THR B 244 8.90 19.60 30.16
C THR B 244 8.81 21.06 30.57
N GLN B 245 9.93 21.68 30.98
CA GLN B 245 9.87 23.07 31.43
C GLN B 245 9.71 24.03 30.26
N GLY B 246 10.61 23.93 29.27
CA GLY B 246 10.45 24.67 28.04
C GLY B 246 9.59 24.00 27.01
N HIS B 247 9.10 22.79 27.31
CA HIS B 247 8.33 21.94 26.40
C HIS B 247 9.06 21.69 25.08
N TYR B 248 10.22 21.07 25.18
CA TYR B 248 11.03 20.82 24.00
C TYR B 248 11.59 19.40 24.03
N LEU B 249 11.98 18.92 22.85
CA LEU B 249 12.51 17.59 22.66
C LEU B 249 13.91 17.69 22.07
N ILE B 250 14.87 17.04 22.71
CA ILE B 250 16.21 16.92 22.17
C ILE B 250 16.28 15.61 21.41
N LEU B 251 16.66 15.71 20.13
CA LEU B 251 16.62 14.62 19.18
C LEU B 251 18.02 14.41 18.61
N ARG B 252 18.36 13.15 18.32
CA ARG B 252 19.65 12.80 17.75
C ARG B 252 19.44 12.06 16.44
N VAL B 253 20.04 12.57 15.37
CA VAL B 253 19.87 11.98 14.05
C VAL B 253 21.22 11.45 13.56
N ASN B 254 21.15 10.52 12.62
CA ASN B 254 22.32 9.88 12.03
C ASN B 254 22.52 10.41 10.62
N ILE B 255 23.68 11.00 10.37
CA ILE B 255 24.06 11.40 9.02
C ILE B 255 24.47 10.16 8.27
N PRO B 256 23.83 9.84 7.14
CA PRO B 256 24.12 8.60 6.44
C PRO B 256 25.40 8.70 5.60
N ASP B 257 25.93 7.53 5.26
CA ASP B 257 27.08 7.42 4.37
C ASP B 257 26.89 6.16 3.53
N LEU B 258 27.04 6.29 2.22
CA LEU B 258 26.76 5.19 1.31
C LEU B 258 28.06 4.44 1.03
N ILE B 259 28.15 3.21 1.52
CA ILE B 259 29.29 2.34 1.27
C ILE B 259 28.89 1.35 0.20
N GLU B 260 29.87 0.82 -0.52
CA GLU B 260 29.63 -0.11 -1.61
C GLU B 260 30.09 -1.50 -1.19
N VAL B 261 29.20 -2.47 -1.27
CA VAL B 261 29.60 -3.87 -1.09
C VAL B 261 30.45 -4.30 -2.27
N PRO B 262 31.63 -4.90 -2.04
CA PRO B 262 32.56 -5.14 -3.16
C PRO B 262 32.15 -6.31 -4.02
N GLY B 263 32.25 -6.09 -5.33
CA GLY B 263 32.01 -7.13 -6.33
C GLY B 263 30.59 -7.63 -6.43
N ALA B 264 29.60 -6.74 -6.32
CA ALA B 264 28.19 -7.11 -6.42
C ALA B 264 27.56 -6.38 -7.60
N VAL B 265 26.90 -7.14 -8.46
CA VAL B 265 26.26 -6.60 -9.65
C VAL B 265 24.78 -6.98 -9.61
N ILE B 266 23.92 -5.98 -9.73
CA ILE B 266 22.48 -6.21 -9.80
C ILE B 266 22.09 -6.30 -11.27
N GLN B 267 21.42 -7.38 -11.63
CA GLN B 267 21.06 -7.68 -13.01
C GLN B 267 19.55 -7.63 -13.17
N GLU B 268 19.09 -6.88 -14.16
CA GLU B 268 17.68 -6.77 -14.50
C GLU B 268 17.37 -7.61 -15.73
N PHE B 269 16.12 -8.02 -15.84
CA PHE B 269 15.69 -8.88 -16.95
C PHE B 269 14.40 -8.33 -17.54
N ILE B 270 14.26 -8.48 -18.86
CA ILE B 270 13.05 -8.12 -19.58
C ILE B 270 12.36 -9.41 -19.99
N LYS B 271 11.07 -9.50 -19.67
CA LYS B 271 10.27 -10.69 -19.97
C LYS B 271 9.32 -10.39 -21.11
N ILE B 272 9.36 -11.22 -22.15
CA ILE B 272 8.48 -11.08 -23.29
C ILE B 272 7.61 -12.33 -23.38
N GLY B 273 6.53 -12.22 -24.15
CA GLY B 273 5.60 -13.31 -24.34
C GLY B 273 5.89 -14.07 -25.63
N TYR B 274 5.84 -15.39 -25.54
CA TYR B 274 6.09 -16.25 -26.69
C TYR B 274 4.86 -17.10 -26.97
N ASN B 275 4.67 -17.41 -28.25
CA ASN B 275 3.50 -18.16 -28.71
C ASN B 275 3.87 -19.65 -28.80
N PHE B 276 3.29 -20.45 -27.92
CA PHE B 276 3.51 -21.89 -27.92
C PHE B 276 2.19 -22.58 -27.60
N GLY B 277 1.93 -23.70 -28.29
CA GLY B 277 0.73 -24.49 -28.07
C GLY B 277 -0.56 -23.79 -28.42
N GLY B 278 -0.50 -22.79 -29.29
CA GLY B 278 -1.67 -21.96 -29.54
C GLY B 278 -2.00 -21.00 -28.42
N SER B 279 -1.04 -20.69 -27.55
CA SER B 279 -1.29 -19.81 -26.43
C SER B 279 -0.07 -18.92 -26.18
N LEU B 280 -0.30 -17.85 -25.43
CA LEU B 280 0.75 -16.89 -25.10
C LEU B 280 1.27 -17.16 -23.70
N TRP B 281 2.59 -17.36 -23.59
CA TRP B 281 3.21 -17.72 -22.33
C TRP B 281 4.34 -16.76 -21.99
N MET B 282 4.60 -16.63 -20.70
CA MET B 282 5.72 -15.86 -20.18
C MET B 282 6.53 -16.71 -19.20
N PRO B 283 7.85 -16.56 -19.20
CA PRO B 283 8.66 -17.29 -18.22
C PRO B 283 8.49 -16.71 -16.82
N THR B 284 8.50 -17.61 -15.83
CA THR B 284 8.34 -17.22 -14.43
C THR B 284 9.71 -17.13 -13.78
N ILE B 285 10.37 -16.00 -14.05
CA ILE B 285 11.70 -15.73 -13.48
C ILE B 285 11.66 -14.37 -12.80
N PRO B 286 12.40 -14.16 -11.71
CA PRO B 286 12.42 -12.84 -11.08
C PRO B 286 13.15 -11.81 -11.92
N ASN B 287 12.80 -10.54 -11.70
CA ASN B 287 13.40 -9.46 -12.46
C ASN B 287 14.83 -9.16 -12.01
N LYS B 288 15.07 -9.18 -10.72
CA LYS B 288 16.35 -8.74 -10.14
C LYS B 288 17.15 -9.93 -9.66
N ILE B 289 18.41 -10.00 -10.06
CA ILE B 289 19.33 -11.05 -9.60
C ILE B 289 20.61 -10.37 -9.11
N ILE B 290 20.99 -10.63 -7.87
CA ILE B 290 22.25 -10.14 -7.32
C ILE B 290 23.34 -11.18 -7.54
N ILE B 291 24.43 -10.77 -8.18
CA ILE B 291 25.54 -11.66 -8.51
C ILE B 291 26.78 -11.15 -7.79
N ARG B 292 27.44 -12.03 -7.03
CA ARG B 292 28.63 -11.65 -6.28
C ARG B 292 29.54 -12.88 -6.20
N GLY B 293 30.55 -12.92 -7.09
CA GLY B 293 31.52 -14.01 -7.10
C GLY B 293 30.95 -15.37 -7.43
N TYR B 294 30.13 -15.42 -8.50
CA TYR B 294 29.41 -16.62 -8.95
C TYR B 294 28.53 -17.20 -7.86
N HIS B 295 27.90 -16.32 -7.08
CA HIS B 295 26.95 -16.71 -6.03
C HIS B 295 25.67 -15.90 -6.27
N LEU B 296 24.57 -16.60 -6.50
CA LEU B 296 23.32 -15.97 -6.88
C LEU B 296 22.35 -15.97 -5.71
N SER B 297 21.63 -14.86 -5.55
CA SER B 297 20.65 -14.71 -4.49
C SER B 297 19.49 -13.87 -5.00
N LEU B 298 18.58 -13.52 -4.10
CA LEU B 298 17.42 -12.69 -4.42
C LEU B 298 17.37 -11.49 -3.49
N ILE B 299 16.93 -10.35 -4.03
CA ILE B 299 16.71 -9.14 -3.26
C ILE B 299 15.32 -8.63 -3.58
N ASP B 300 14.77 -7.83 -2.66
CA ASP B 300 13.48 -7.20 -2.84
C ASP B 300 13.63 -5.69 -2.76
N SER B 301 13.15 -4.99 -3.79
CA SER B 301 13.22 -3.54 -3.84
C SER B 301 11.90 -2.92 -3.35
N THR B 302 11.54 -3.28 -2.13
CA THR B 302 10.34 -2.73 -1.50
C THR B 302 10.62 -1.49 -0.68
N ASN B 303 11.88 -1.24 -0.35
CA ASN B 303 12.27 -0.06 0.43
C ASN B 303 13.50 0.63 -0.15
N CYS B 304 14.00 0.16 -1.29
CA CYS B 304 15.23 0.68 -1.90
C CYS B 304 14.87 1.53 -3.11
N ILE B 305 15.45 2.72 -3.17
CA ILE B 305 15.28 3.58 -4.34
C ILE B 305 16.24 3.13 -5.44
N ILE B 306 15.78 3.22 -6.68
CA ILE B 306 16.54 2.78 -7.83
C ILE B 306 17.04 4.01 -8.59
N THR B 307 18.35 4.17 -8.64
CA THR B 307 18.95 5.28 -9.37
C THR B 307 19.22 4.85 -10.82
N ASP B 308 19.90 5.72 -11.57
CA ASP B 308 20.19 5.41 -12.97
C ASP B 308 21.31 4.39 -13.13
N ASN B 309 22.19 4.28 -12.13
CA ASN B 309 23.36 3.42 -12.24
C ASN B 309 23.51 2.38 -11.13
N SER B 310 22.85 2.56 -9.99
CA SER B 310 23.06 1.66 -8.87
C SER B 310 21.81 1.58 -8.01
N TYR B 311 21.73 0.50 -7.23
CA TYR B 311 20.67 0.33 -6.24
C TYR B 311 21.16 0.86 -4.90
N VAL B 312 20.38 1.72 -4.28
CA VAL B 312 20.68 2.27 -2.96
C VAL B 312 19.65 1.74 -1.99
N CYS B 313 20.11 0.99 -0.98
CA CYS B 313 19.24 0.39 0.01
C CYS B 313 19.56 0.95 1.38
N ASP B 314 18.55 0.92 2.25
CA ASP B 314 18.76 1.26 3.66
C ASP B 314 19.68 0.25 4.34
N ARG B 315 19.50 -1.03 4.01
CA ARG B 315 20.08 -2.14 4.75
C ARG B 315 20.04 -3.35 3.83
N ASP B 316 20.89 -4.33 4.11
CA ASP B 316 21.03 -5.50 3.24
C ASP B 316 19.77 -6.35 3.23
N TYR B 317 19.36 -6.76 2.03
CA TYR B 317 18.10 -7.48 1.80
C TYR B 317 18.36 -8.73 0.95
N SER B 318 19.37 -9.51 1.30
CA SER B 318 19.73 -10.69 0.55
C SER B 318 18.91 -11.88 1.04
N LEU B 319 18.19 -12.52 0.12
CA LEU B 319 17.38 -13.70 0.37
C LEU B 319 17.98 -14.92 -0.32
N PRO B 320 17.82 -16.13 0.23
CA PRO B 320 18.32 -17.32 -0.45
C PRO B 320 17.54 -17.64 -1.71
N MET B 321 18.20 -18.33 -2.62
CA MET B 321 17.67 -18.55 -3.96
C MET B 321 17.68 -20.05 -4.25
N ASN B 322 16.73 -20.47 -5.08
CA ASN B 322 16.41 -21.90 -5.23
C ASN B 322 17.50 -22.63 -6.00
N PRO B 323 17.84 -23.87 -5.59
CA PRO B 323 18.67 -24.72 -6.46
C PRO B 323 18.02 -25.06 -7.79
N ILE B 324 16.69 -25.23 -7.82
CA ILE B 324 15.99 -25.45 -9.07
C ILE B 324 16.05 -24.21 -9.95
N LEU B 325 15.86 -23.03 -9.35
CA LEU B 325 16.04 -21.79 -10.10
C LEU B 325 17.50 -21.54 -10.43
N ARG B 326 18.44 -22.08 -9.64
CA ARG B 326 19.85 -22.02 -9.99
C ARG B 326 20.14 -22.83 -11.25
N GLU B 327 19.55 -24.02 -11.37
CA GLU B 327 19.64 -24.79 -12.61
C GLU B 327 18.90 -24.12 -13.75
N CYS B 328 17.80 -23.41 -13.45
CA CYS B 328 17.06 -22.67 -14.45
C CYS B 328 17.89 -21.52 -15.03
N PHE B 329 18.61 -20.81 -14.16
CA PHE B 329 19.43 -19.70 -14.62
C PHE B 329 20.72 -20.17 -15.27
N GLU B 330 21.28 -21.29 -14.83
CA GLU B 330 22.58 -21.71 -15.36
C GLU B 330 22.45 -22.44 -16.69
N GLY B 331 21.87 -23.64 -16.68
CA GLY B 331 21.84 -24.43 -17.89
C GLY B 331 20.50 -24.99 -18.35
N ASN B 332 19.59 -25.21 -17.40
CA ASN B 332 18.42 -26.06 -17.64
C ASN B 332 17.20 -25.20 -17.95
N THR B 333 16.84 -25.11 -19.22
CA THR B 333 15.62 -24.38 -19.58
C THR B 333 14.36 -25.17 -19.25
N SER B 334 14.47 -26.48 -19.01
CA SER B 334 13.29 -27.27 -18.65
C SER B 334 12.85 -27.00 -17.22
N SER B 335 13.78 -26.59 -16.35
CA SER B 335 13.44 -26.28 -14.97
C SER B 335 12.74 -24.94 -14.80
N CYS B 336 12.79 -24.08 -15.81
CA CYS B 336 12.14 -22.77 -15.74
C CYS B 336 10.66 -22.93 -16.02
N GLY B 337 9.83 -22.29 -15.19
CA GLY B 337 8.40 -22.37 -15.32
C GLY B 337 7.86 -21.43 -16.39
N ARG B 338 6.54 -21.48 -16.57
CA ARG B 338 5.86 -20.64 -17.53
C ARG B 338 4.44 -20.38 -17.03
N GLU B 339 3.86 -19.28 -17.52
CA GLU B 339 2.50 -18.90 -17.17
C GLU B 339 1.77 -18.42 -18.42
N MET B 340 0.45 -18.52 -18.37
CA MET B 340 -0.42 -18.26 -19.52
C MET B 340 -1.05 -16.88 -19.40
N VAL B 341 -1.01 -16.10 -20.48
CA VAL B 341 -1.66 -14.80 -20.57
C VAL B 341 -2.44 -14.71 -21.87
N LEU B 342 -3.42 -13.81 -21.89
CA LEU B 342 -4.11 -13.45 -23.12
C LEU B 342 -4.34 -11.95 -23.24
N ASN B 343 -3.89 -11.16 -22.26
CA ASN B 343 -4.08 -9.71 -22.30
C ASN B 343 -3.21 -9.06 -23.37
N SER B 344 -3.60 -7.86 -23.77
CA SER B 344 -2.99 -7.19 -24.91
C SER B 344 -1.71 -6.45 -24.58
N TYR B 345 -1.44 -6.17 -23.30
CA TYR B 345 -0.26 -5.37 -22.93
C TYR B 345 0.95 -6.25 -22.62
N ILE B 346 1.26 -7.17 -23.53
CA ILE B 346 2.43 -8.03 -23.43
C ILE B 346 3.40 -7.63 -24.52
N PRO B 347 4.63 -7.22 -24.20
CA PRO B 347 5.60 -6.89 -25.24
C PRO B 347 6.06 -8.14 -25.99
N LEU B 348 6.33 -7.97 -27.28
CA LEU B 348 6.69 -9.08 -28.15
C LEU B 348 8.04 -8.95 -28.80
N TYR B 349 8.73 -7.83 -28.63
CA TYR B 349 10.06 -7.65 -29.18
C TYR B 349 10.86 -6.74 -28.26
N ALA B 350 12.18 -6.87 -28.33
CA ALA B 350 13.07 -6.02 -27.54
C ALA B 350 14.43 -5.90 -28.24
N LEU B 351 15.20 -4.92 -27.79
CA LEU B 351 16.49 -4.58 -28.37
C LEU B 351 17.55 -4.69 -27.28
N SER B 352 18.68 -5.31 -27.62
CA SER B 352 19.81 -5.44 -26.71
C SER B 352 21.09 -5.49 -27.53
N GLU B 353 21.95 -4.48 -27.34
CA GLU B 353 23.25 -4.35 -28.01
C GLU B 353 23.13 -4.37 -29.53
N GLY B 354 22.11 -3.69 -30.06
CA GLY B 354 21.86 -3.73 -31.48
C GLY B 354 21.30 -5.05 -31.98
N VAL B 355 20.72 -5.84 -31.08
CA VAL B 355 20.26 -7.20 -31.38
C VAL B 355 18.78 -7.25 -31.07
N ILE B 356 17.97 -7.66 -32.06
CA ILE B 356 16.53 -7.69 -31.90
C ILE B 356 16.09 -9.11 -31.56
N TYR B 357 15.46 -9.26 -30.40
CA TYR B 357 14.77 -10.50 -30.05
C TYR B 357 13.30 -10.26 -30.30
N ALA B 358 12.75 -10.90 -31.34
CA ALA B 358 11.38 -10.61 -31.76
C ALA B 358 10.59 -11.88 -31.96
N ASN B 359 9.37 -11.90 -31.44
CA ASN B 359 8.41 -12.98 -31.71
C ASN B 359 7.72 -12.64 -33.02
N CYS B 360 8.17 -13.24 -34.11
CA CYS B 360 7.66 -12.93 -35.43
C CYS B 360 6.41 -13.71 -35.81
N LEU B 361 5.92 -14.58 -34.93
CA LEU B 361 4.69 -15.32 -35.21
C LEU B 361 3.46 -14.41 -35.07
N ALA B 362 3.44 -13.57 -34.04
CA ALA B 362 2.30 -12.69 -33.80
C ALA B 362 2.50 -11.31 -34.41
N THR B 363 3.74 -10.82 -34.46
CA THR B 363 4.05 -9.50 -35.00
C THR B 363 4.74 -9.69 -36.34
N SER B 364 4.32 -8.90 -37.34
CA SER B 364 4.90 -9.01 -38.67
C SER B 364 6.32 -8.48 -38.70
N CYS B 365 7.23 -9.26 -39.25
CA CYS B 365 8.64 -8.92 -39.35
C CYS B 365 9.03 -8.81 -40.81
N LYS B 366 9.68 -7.71 -41.19
CA LYS B 366 10.12 -7.51 -42.56
C LYS B 366 11.47 -6.82 -42.57
N CYS B 367 12.05 -6.69 -43.76
CA CYS B 367 13.29 -5.95 -43.96
C CYS B 367 13.06 -4.86 -45.00
N ALA B 368 13.48 -3.64 -44.68
CA ALA B 368 13.24 -2.52 -45.58
C ALA B 368 14.19 -2.51 -46.77
N THR B 369 15.39 -3.07 -46.61
CA THR B 369 16.38 -3.03 -47.67
C THR B 369 16.05 -3.98 -48.83
N THR B 370 15.35 -5.08 -48.53
CA THR B 370 15.04 -6.10 -49.53
C THR B 370 13.57 -6.28 -49.81
N ASN B 371 12.69 -5.84 -48.89
CA ASN B 371 11.22 -5.95 -48.98
C ASN B 371 10.79 -7.41 -49.14
N LYS B 372 11.13 -8.21 -48.13
CA LYS B 372 10.67 -9.59 -48.05
C LYS B 372 10.25 -9.88 -46.62
N PRO B 373 9.23 -10.72 -46.43
CA PRO B 373 8.81 -11.06 -45.06
C PRO B 373 9.78 -12.02 -44.40
N ILE B 374 9.74 -12.01 -43.07
CA ILE B 374 10.54 -12.92 -42.24
C ILE B 374 9.59 -13.91 -41.59
N VAL B 375 9.87 -15.20 -41.76
CA VAL B 375 8.99 -16.26 -41.29
C VAL B 375 9.65 -16.92 -40.08
N GLN B 376 8.81 -17.43 -39.18
CA GLN B 376 9.29 -18.13 -37.99
C GLN B 376 9.96 -19.45 -38.36
N SER B 377 11.16 -19.67 -37.83
CA SER B 377 11.77 -20.98 -37.93
C SER B 377 11.08 -21.95 -36.98
N THR B 378 10.99 -23.21 -37.40
CA THR B 378 10.31 -24.21 -36.58
C THR B 378 11.16 -24.66 -35.39
N SER B 379 12.48 -24.48 -35.45
CA SER B 379 13.35 -24.96 -34.39
C SER B 379 13.38 -24.04 -33.17
N THR B 380 12.94 -22.79 -33.30
CA THR B 380 12.99 -21.83 -32.21
C THR B 380 11.68 -21.07 -32.14
N VAL B 381 11.49 -20.35 -31.04
CA VAL B 381 10.28 -19.56 -30.80
C VAL B 381 10.58 -18.07 -30.89
N ILE B 382 11.66 -17.62 -30.26
CA ILE B 382 12.07 -16.22 -30.27
C ILE B 382 13.11 -16.03 -31.36
N THR B 383 12.89 -15.04 -32.21
CA THR B 383 13.66 -14.88 -33.44
C THR B 383 14.79 -13.87 -33.26
N MET B 384 16.01 -14.31 -33.56
CA MET B 384 17.15 -13.43 -33.78
C MET B 384 16.97 -12.54 -34.99
N ILE B 385 17.26 -11.24 -34.81
CA ILE B 385 17.45 -10.32 -35.93
C ILE B 385 18.72 -9.53 -35.65
N ASP B 386 19.66 -9.55 -36.59
CA ASP B 386 20.90 -8.81 -36.49
C ASP B 386 21.18 -8.15 -37.83
N ASN B 387 22.40 -7.63 -38.01
CA ASN B 387 22.79 -7.04 -39.27
C ASN B 387 23.15 -8.06 -40.34
N SER B 388 23.31 -9.33 -39.98
CA SER B 388 23.56 -10.37 -40.98
C SER B 388 22.31 -10.67 -41.81
N LYS B 389 21.13 -10.50 -41.22
CA LYS B 389 19.89 -10.70 -41.97
C LYS B 389 19.59 -9.52 -42.88
N CYS B 390 19.40 -8.34 -42.28
CA CYS B 390 19.08 -7.12 -43.00
C CYS B 390 19.35 -5.92 -42.11
N PRO B 391 19.84 -4.79 -42.64
CA PRO B 391 20.14 -3.63 -41.79
C PRO B 391 18.93 -2.94 -41.21
N VAL B 392 17.94 -2.61 -42.05
CA VAL B 392 16.77 -1.86 -41.64
C VAL B 392 15.60 -2.83 -41.53
N VAL B 393 14.97 -2.88 -40.37
CA VAL B 393 14.01 -3.93 -40.02
C VAL B 393 12.66 -3.28 -39.74
N GLU B 394 11.60 -3.84 -40.32
CA GLU B 394 10.22 -3.48 -39.99
C GLU B 394 9.73 -4.42 -38.90
N VAL B 395 9.53 -3.88 -37.69
CA VAL B 395 8.98 -4.61 -36.57
C VAL B 395 7.83 -3.80 -35.99
N GLY B 396 6.65 -4.42 -35.89
CA GLY B 396 5.46 -3.70 -35.48
C GLY B 396 5.01 -2.77 -36.57
N LYS B 397 5.10 -1.46 -36.32
CA LYS B 397 4.95 -0.42 -37.33
C LYS B 397 6.24 0.37 -37.53
N GLN B 398 7.35 -0.12 -36.98
CA GLN B 398 8.55 0.69 -36.79
C GLN B 398 9.69 0.23 -37.69
N MET B 399 10.28 1.18 -38.40
CA MET B 399 11.66 1.06 -38.86
C MET B 399 12.61 1.08 -37.68
N ILE B 400 13.51 0.10 -37.62
CA ILE B 400 14.59 0.07 -36.63
C ILE B 400 15.87 -0.30 -37.35
N SER B 401 17.00 0.09 -36.76
CA SER B 401 18.32 -0.28 -37.25
C SER B 401 19.04 -1.13 -36.22
N VAL B 402 19.88 -2.04 -36.72
CA VAL B 402 20.55 -3.01 -35.85
C VAL B 402 22.07 -2.86 -36.00
N GLY B 403 22.80 -3.68 -35.27
CA GLY B 403 24.25 -3.63 -35.33
C GLY B 403 24.86 -4.76 -34.54
N SER B 404 26.18 -4.65 -34.36
CA SER B 404 27.05 -5.60 -33.63
C SER B 404 26.93 -6.98 -34.28
N TYR B 405 26.92 -8.05 -33.51
CA TYR B 405 26.86 -9.40 -34.06
C TYR B 405 26.12 -10.28 -33.06
N LEU B 406 26.22 -11.61 -33.23
CA LEU B 406 25.46 -12.55 -32.42
C LEU B 406 25.98 -12.62 -30.99
N GLY B 407 27.25 -12.96 -30.83
CA GLY B 407 27.83 -13.15 -29.52
C GLY B 407 27.90 -14.61 -29.14
N GLN B 408 29.12 -15.16 -29.13
CA GLN B 408 29.44 -16.57 -28.89
C GLN B 408 28.68 -17.47 -29.86
N VAL B 409 27.53 -17.99 -29.43
CA VAL B 409 26.70 -18.84 -30.27
C VAL B 409 25.34 -18.18 -30.41
N SER B 410 24.67 -18.47 -31.52
CA SER B 410 23.35 -17.91 -31.76
C SER B 410 22.31 -18.67 -30.96
N PRO B 411 21.38 -17.99 -30.28
CA PRO B 411 20.28 -18.69 -29.61
C PRO B 411 19.11 -19.05 -30.52
N ASN B 412 19.30 -18.99 -31.83
CA ASN B 412 18.24 -19.36 -32.77
C ASN B 412 18.32 -20.81 -33.25
N ASN B 413 19.51 -21.42 -33.23
CA ASN B 413 19.70 -22.69 -33.90
C ASN B 413 19.68 -23.91 -32.97
N LEU B 414 19.83 -23.71 -31.66
CA LEU B 414 19.93 -24.84 -30.75
C LEU B 414 18.54 -25.37 -30.42
N THR B 415 18.52 -26.49 -29.69
CA THR B 415 17.27 -27.09 -29.26
C THR B 415 16.66 -26.30 -28.10
N ILE B 416 15.38 -26.55 -27.86
CA ILE B 416 14.64 -25.86 -26.79
C ILE B 416 13.98 -26.91 -25.91
N GLU B 417 13.80 -26.56 -24.63
CA GLU B 417 13.17 -27.43 -23.65
C GLU B 417 12.15 -26.58 -22.89
N ILE B 418 10.87 -26.77 -23.21
CA ILE B 418 9.80 -25.99 -22.60
C ILE B 418 9.43 -26.63 -21.26
N GLY B 419 9.44 -25.83 -20.19
CA GLY B 419 9.12 -26.31 -18.87
C GLY B 419 7.63 -26.49 -18.66
N PRO B 420 7.28 -26.98 -17.47
CA PRO B 420 5.87 -27.22 -17.16
C PRO B 420 5.13 -25.94 -16.84
N PRO B 421 3.81 -25.90 -17.05
CA PRO B 421 3.04 -24.71 -16.64
C PRO B 421 2.89 -24.64 -15.12
N VAL B 422 2.84 -23.41 -14.62
CA VAL B 422 2.76 -23.13 -13.19
C VAL B 422 1.53 -22.27 -12.93
N TYR B 423 0.70 -22.69 -11.98
CA TYR B 423 -0.47 -21.93 -11.55
C TYR B 423 -0.30 -21.46 -10.11
N THR B 424 -1.23 -20.61 -9.68
CA THR B 424 -1.06 -19.84 -8.44
C THR B 424 -2.12 -20.10 -7.38
N GLU B 425 -3.41 -20.03 -7.74
CA GLU B 425 -4.52 -19.87 -6.81
C GLU B 425 -4.76 -21.14 -5.98
N PRO B 426 -5.23 -21.00 -4.73
CA PRO B 426 -5.23 -22.15 -3.80
C PRO B 426 -6.22 -23.26 -4.14
N VAL B 427 -7.30 -22.97 -4.87
CA VAL B 427 -8.19 -24.04 -5.30
C VAL B 427 -7.48 -24.92 -6.35
N ASP B 428 -6.64 -24.29 -7.18
CA ASP B 428 -5.86 -25.05 -8.14
C ASP B 428 -4.82 -25.93 -7.46
N ILE B 429 -4.21 -25.47 -6.37
CA ILE B 429 -3.26 -26.34 -5.71
C ILE B 429 -3.95 -27.39 -4.85
N THR B 430 -5.20 -27.15 -4.43
CA THR B 430 -5.99 -28.23 -3.83
C THR B 430 -6.32 -29.32 -4.87
N ASN B 431 -6.66 -28.90 -6.09
CA ASN B 431 -6.80 -29.85 -7.19
C ASN B 431 -5.46 -30.49 -7.57
N GLN B 432 -4.36 -29.79 -7.33
CA GLN B 432 -3.04 -30.38 -7.53
C GLN B 432 -2.77 -31.47 -6.50
N LEU B 433 -3.20 -31.25 -5.24
CA LEU B 433 -3.23 -32.34 -4.26
C LEU B 433 -4.10 -33.50 -4.72
N GLY B 434 -5.23 -33.19 -5.38
CA GLY B 434 -6.07 -34.21 -5.97
C GLY B 434 -5.36 -35.08 -7.00
N ASN B 435 -4.78 -34.45 -8.04
CA ASN B 435 -4.14 -35.25 -9.08
C ASN B 435 -2.74 -35.71 -8.70
N ILE B 436 -2.18 -35.23 -7.58
CA ILE B 436 -1.21 -36.04 -6.83
C ILE B 436 -1.87 -37.33 -6.40
N ASN B 437 -3.07 -37.25 -5.81
CA ASN B 437 -3.52 -38.32 -4.93
C ASN B 437 -4.14 -39.49 -5.71
N GLU B 438 -4.86 -39.22 -6.82
CA GLU B 438 -5.32 -40.37 -7.63
C GLU B 438 -4.13 -41.10 -8.27
N THR B 439 -3.14 -40.34 -8.75
CA THR B 439 -1.93 -40.93 -9.29
C THR B 439 -1.16 -41.71 -8.21
N LEU B 440 -1.21 -41.21 -6.97
CA LEU B 440 -0.59 -41.87 -5.84
C LEU B 440 -1.25 -43.22 -5.54
N SER B 441 -2.57 -43.27 -5.59
CA SER B 441 -3.27 -44.53 -5.33
C SER B 441 -3.29 -45.48 -6.51
N LYS B 442 -3.06 -44.98 -7.76
CA LYS B 442 -2.58 -45.84 -8.88
C LYS B 442 -1.19 -46.42 -8.64
N THR B 443 -0.26 -45.61 -8.12
CA THR B 443 1.09 -46.13 -7.87
C THR B 443 1.10 -47.18 -6.77
N LEU B 444 0.28 -46.98 -5.72
CA LEU B 444 0.17 -47.97 -4.67
C LEU B 444 -0.52 -49.25 -5.15
N ASP B 445 -1.54 -49.12 -6.01
CA ASP B 445 -2.16 -50.30 -6.60
C ASP B 445 -1.20 -51.06 -7.50
N LEU B 446 -0.38 -50.34 -8.28
CA LEU B 446 0.66 -50.99 -9.07
C LEU B 446 1.76 -51.59 -8.21
N ILE B 447 2.06 -51.01 -7.05
CA ILE B 447 2.98 -51.63 -6.09
C ILE B 447 2.45 -52.98 -5.64
N LYS B 448 1.17 -53.03 -5.25
CA LYS B 448 0.57 -54.28 -4.77
C LYS B 448 0.49 -55.33 -5.88
N GLN B 449 0.04 -54.92 -7.08
CA GLN B 449 -0.06 -55.84 -8.21
C GLN B 449 1.32 -56.35 -8.64
N SER B 450 2.29 -55.43 -8.75
CA SER B 450 3.64 -55.80 -9.17
C SER B 450 4.32 -56.71 -8.15
N ASN B 451 4.14 -56.45 -6.86
CA ASN B 451 4.78 -57.28 -5.84
C ASN B 451 4.13 -58.67 -5.75
N SER B 452 2.83 -58.78 -6.04
CA SER B 452 2.25 -60.13 -6.17
C SER B 452 2.77 -60.85 -7.40
N ILE B 453 2.92 -60.12 -8.52
CA ILE B 453 3.38 -60.76 -9.75
C ILE B 453 4.87 -61.10 -9.69
N LEU B 454 5.65 -60.44 -8.81
CA LEU B 454 7.03 -60.88 -8.58
C LEU B 454 7.06 -62.29 -8.02
N ASP B 455 6.25 -62.56 -6.99
CA ASP B 455 6.27 -63.89 -6.39
C ASP B 455 5.51 -64.94 -7.19
N MET B 456 4.67 -64.55 -8.17
CA MET B 456 4.22 -65.60 -9.09
C MET B 456 5.20 -65.78 -10.25
N ILE B 457 6.12 -64.84 -10.44
CA ILE B 457 7.19 -65.04 -11.43
C ILE B 457 8.43 -65.64 -10.80
N THR B 458 8.94 -65.03 -9.72
CA THR B 458 10.15 -65.52 -9.07
C THR B 458 9.91 -66.80 -8.28
N GLY B 459 8.78 -66.88 -7.57
CA GLY B 459 8.48 -68.07 -6.81
C GLY B 459 8.14 -69.26 -7.68
N GLY B 460 7.38 -69.04 -8.75
CA GLY B 460 6.94 -70.15 -9.58
C GLY B 460 8.06 -70.72 -10.45
N LEU B 461 8.86 -69.83 -11.04
CA LEU B 461 9.90 -70.15 -12.04
C LEU B 461 9.38 -70.98 -13.21
N VAL C 1 -0.46 -23.56 26.51
CA VAL C 1 0.77 -23.42 25.73
C VAL C 1 1.99 -23.64 26.63
N ASP C 2 2.98 -24.37 26.11
CA ASP C 2 4.24 -24.62 26.81
C ASP C 2 5.32 -23.74 26.19
N PHE C 3 5.76 -22.74 26.95
CA PHE C 3 6.76 -21.82 26.43
C PHE C 3 8.16 -22.40 26.42
N GLU C 4 8.40 -23.49 27.15
CA GLU C 4 9.75 -24.03 27.29
C GLU C 4 10.21 -24.76 26.03
N ARG C 5 9.35 -25.62 25.48
CA ARG C 5 9.69 -26.31 24.23
C ARG C 5 9.75 -25.33 23.06
N LEU C 6 8.85 -24.34 23.05
CA LEU C 6 8.84 -23.33 22.00
C LEU C 6 10.02 -22.37 22.15
N ALA C 7 10.58 -22.25 23.35
CA ALA C 7 11.85 -21.54 23.52
C ALA C 7 13.02 -22.40 23.12
N SER C 8 12.90 -23.72 23.28
CA SER C 8 13.94 -24.64 22.82
C SER C 8 14.03 -24.67 21.30
N ILE C 9 12.91 -24.47 20.61
CA ILE C 9 12.95 -24.44 19.15
C ILE C 9 13.31 -23.06 18.62
N GLY C 10 13.18 -22.00 19.44
CA GLY C 10 13.61 -20.69 19.00
C GLY C 10 12.54 -19.61 18.96
N GLY C 11 11.55 -19.71 19.84
CA GLY C 11 10.55 -18.66 19.96
C GLY C 11 10.38 -18.22 21.41
N ILE C 12 10.53 -16.93 21.66
CA ILE C 12 10.58 -16.40 23.02
C ILE C 12 9.30 -15.66 23.34
N LYS C 13 8.77 -15.89 24.53
CA LYS C 13 7.51 -15.27 24.94
C LYS C 13 7.67 -13.78 25.14
N GLY C 14 6.79 -13.01 24.51
CA GLY C 14 6.79 -11.56 24.60
C GLY C 14 5.82 -11.05 25.66
N HIS C 15 5.33 -9.83 25.44
CA HIS C 15 4.42 -9.20 26.37
C HIS C 15 3.02 -9.79 26.24
N SER C 16 2.18 -9.49 27.23
CA SER C 16 0.77 -9.86 27.22
C SER C 16 -0.08 -8.60 27.23
N LYS C 17 -0.98 -8.51 26.25
CA LYS C 17 -1.83 -7.33 26.09
C LYS C 17 -3.29 -7.75 26.06
N LEU C 18 -4.16 -6.81 26.42
CA LEU C 18 -5.58 -7.05 26.46
C LEU C 18 -6.19 -6.85 25.07
N TYR C 19 -7.51 -7.07 24.97
CA TYR C 19 -8.22 -6.96 23.70
C TYR C 19 -9.49 -6.16 23.93
N LYS C 20 -9.66 -5.08 23.16
CA LYS C 20 -10.81 -4.20 23.32
C LYS C 20 -11.38 -3.84 21.95
N ILE C 21 -12.71 -3.83 21.86
CA ILE C 21 -13.42 -3.64 20.59
C ILE C 21 -14.33 -2.43 20.73
N LYS C 22 -14.42 -1.63 19.67
CA LYS C 22 -15.43 -0.58 19.59
C LYS C 22 -16.82 -1.21 19.49
N GLY C 23 -17.76 -0.69 20.27
CA GLY C 23 -19.11 -1.22 20.24
C GLY C 23 -20.04 -0.39 21.09
N HIS C 24 -21.33 -0.69 20.97
CA HIS C 24 -22.48 -0.03 21.58
C HIS C 24 -22.46 1.49 21.39
N PRO C 25 -22.66 2.00 20.16
CA PRO C 25 -22.52 3.43 19.95
C PRO C 25 -23.83 4.21 20.09
N THR C 26 -23.69 5.46 20.50
CA THR C 26 -24.74 6.45 20.39
C THR C 26 -24.47 7.34 19.19
N THR C 27 -25.51 8.04 18.74
CA THR C 27 -25.45 8.81 17.50
C THR C 27 -25.61 10.29 17.80
N LYS C 28 -24.91 11.12 17.01
CA LYS C 28 -25.02 12.56 17.14
C LYS C 28 -24.97 13.20 15.76
N ASP C 29 -25.76 14.26 15.59
CA ASP C 29 -25.98 14.91 14.30
C ASP C 29 -25.16 16.19 14.22
N ILE C 30 -24.48 16.38 13.09
CA ILE C 30 -23.81 17.62 12.74
C ILE C 30 -24.31 18.05 11.37
N VAL C 31 -24.04 19.30 11.03
CA VAL C 31 -24.37 19.83 9.70
C VAL C 31 -23.14 20.49 9.11
N ILE C 32 -22.95 20.31 7.82
CA ILE C 32 -21.83 20.92 7.10
C ILE C 32 -22.43 21.70 5.93
N LYS C 33 -22.28 23.02 5.96
CA LYS C 33 -22.63 23.82 4.81
C LYS C 33 -21.46 23.82 3.83
N LEU C 34 -21.76 24.07 2.57
CA LEU C 34 -20.74 24.01 1.51
C LEU C 34 -20.45 25.36 0.89
N VAL C 35 -21.44 26.25 0.80
CA VAL C 35 -21.23 27.58 0.26
C VAL C 35 -20.73 28.50 1.37
N PRO C 36 -19.56 29.13 1.24
CA PRO C 36 -19.09 30.03 2.29
C PRO C 36 -19.88 31.32 2.31
N ASN C 37 -20.31 31.74 3.49
CA ASN C 37 -21.15 32.93 3.64
C ASN C 37 -20.26 34.17 3.66
N LEU C 38 -20.45 35.03 2.67
CA LEU C 38 -19.72 36.30 2.59
C LEU C 38 -20.73 37.45 2.64
N ASN C 39 -20.47 38.42 3.52
CA ASN C 39 -21.32 39.59 3.63
C ASN C 39 -20.46 40.85 3.64
N ASN C 40 -19.21 40.70 4.07
CA ASN C 40 -18.26 41.80 3.99
C ASN C 40 -17.85 42.09 2.56
N LEU C 41 -17.86 41.08 1.70
CA LEU C 41 -17.44 41.21 0.31
C LEU C 41 -18.60 41.53 -0.62
N THR C 42 -19.62 42.22 -0.13
CA THR C 42 -20.73 42.63 -0.99
C THR C 42 -20.38 43.78 -1.92
N VAL C 43 -19.22 44.42 -1.74
CA VAL C 43 -18.81 45.51 -2.61
C VAL C 43 -18.12 44.97 -3.85
N CYS C 44 -17.10 44.13 -3.67
CA CYS C 44 -16.26 43.63 -4.78
C CYS C 44 -16.11 42.12 -4.69
N SER C 45 -17.12 41.39 -5.16
CA SER C 45 -16.99 39.96 -5.38
C SER C 45 -17.55 39.48 -6.71
N GLU C 46 -18.32 40.30 -7.41
CA GLU C 46 -19.05 40.01 -8.67
C GLU C 46 -19.97 38.82 -8.44
N MET C 47 -20.19 38.02 -9.48
CA MET C 47 -21.03 36.83 -9.40
C MET C 47 -20.18 35.57 -9.56
N SER C 48 -19.01 35.56 -8.93
CA SER C 48 -18.09 34.42 -9.03
C SER C 48 -18.55 33.21 -8.24
N ILE C 49 -19.55 33.35 -7.37
CA ILE C 49 -20.08 32.21 -6.64
C ILE C 49 -20.97 31.33 -7.54
N ASP C 50 -21.44 31.87 -8.67
CA ASP C 50 -22.36 31.15 -9.54
C ASP C 50 -21.67 29.96 -10.23
N GLY C 51 -20.41 30.11 -10.59
CA GLY C 51 -19.66 28.99 -11.15
C GLY C 51 -19.43 27.88 -10.14
N TYR C 52 -19.18 28.26 -8.88
CA TYR C 52 -19.05 27.28 -7.81
C TYR C 52 -20.38 26.57 -7.55
N LEU C 53 -21.50 27.30 -7.63
CA LEU C 53 -22.82 26.70 -7.48
C LEU C 53 -23.12 25.73 -8.61
N ASN C 54 -22.76 26.09 -9.84
CA ASN C 54 -22.98 25.19 -10.97
C ASN C 54 -22.03 23.99 -10.92
N LEU C 55 -20.88 24.14 -10.27
CA LEU C 55 -19.99 23.00 -10.09
C LEU C 55 -20.50 22.04 -9.03
N ILE C 56 -21.06 22.57 -7.92
CA ILE C 56 -21.53 21.69 -6.84
C ILE C 56 -22.96 21.20 -7.03
N ASN C 57 -23.71 21.76 -7.98
CA ASN C 57 -25.06 21.25 -8.24
C ASN C 57 -25.03 19.92 -9.00
N ALA C 58 -23.91 19.58 -9.64
CA ALA C 58 -23.75 18.27 -10.23
C ALA C 58 -23.36 17.22 -9.21
N VAL C 59 -23.07 17.61 -7.98
CA VAL C 59 -22.70 16.69 -6.91
C VAL C 59 -23.82 16.54 -5.90
N ILE C 60 -24.43 17.66 -5.50
CA ILE C 60 -25.42 17.63 -4.42
C ILE C 60 -26.72 16.97 -4.89
N ILE C 61 -27.18 17.32 -6.10
CA ILE C 61 -28.46 16.81 -6.61
C ILE C 61 -28.49 15.30 -6.84
N PRO C 62 -27.50 14.66 -7.50
CA PRO C 62 -27.55 13.19 -7.60
C PRO C 62 -27.36 12.45 -6.29
N ILE C 63 -26.76 13.09 -5.28
CA ILE C 63 -26.75 12.51 -3.94
C ILE C 63 -28.15 12.56 -3.34
N SER C 64 -28.81 13.72 -3.49
CA SER C 64 -30.12 13.93 -2.86
C SER C 64 -31.21 13.08 -3.48
N GLN C 65 -31.13 12.82 -4.80
CA GLN C 65 -32.13 12.00 -5.48
C GLN C 65 -32.10 10.56 -4.98
N SER C 66 -30.91 9.97 -4.90
CA SER C 66 -30.79 8.62 -4.36
C SER C 66 -31.08 8.59 -2.86
N LEU C 67 -30.76 9.69 -2.15
CA LEU C 67 -31.01 9.74 -0.71
C LEU C 67 -32.50 9.77 -0.40
N GLU C 68 -33.29 10.47 -1.21
CA GLU C 68 -34.73 10.43 -1.00
C GLU C 68 -35.37 9.20 -1.62
N LEU C 69 -34.72 8.58 -2.62
CA LEU C 69 -35.30 7.36 -3.19
C LEU C 69 -35.10 6.16 -2.28
N MET C 70 -33.99 6.11 -1.52
CA MET C 70 -33.78 4.99 -0.62
C MET C 70 -34.70 5.07 0.60
N ARG C 71 -35.14 6.26 0.98
CA ARG C 71 -36.11 6.40 2.04
C ARG C 71 -37.55 6.41 1.54
N ASN C 72 -37.76 6.35 0.23
CA ASN C 72 -39.10 6.28 -0.33
C ASN C 72 -39.65 4.86 -0.38
N ASN C 73 -38.81 3.87 -0.09
CA ASN C 73 -39.23 2.47 -0.16
C ASN C 73 -39.71 1.99 1.21
N VAL C 74 -38.89 2.21 2.24
CA VAL C 74 -39.24 1.66 3.59
C VAL C 74 -40.53 2.30 4.10
N LYS C 75 -41.45 1.48 4.62
CA LYS C 75 -42.75 2.00 5.11
C LYS C 75 -43.03 1.43 6.50
N ASP C 76 -43.71 2.21 7.36
CA ASP C 76 -43.93 1.77 8.75
C ASP C 76 -45.35 1.23 8.91
N GLY C 77 -45.64 0.62 10.07
CA GLY C 77 -46.99 0.07 10.33
C GLY C 77 -47.08 -1.36 9.88
N THR C 78 -46.51 -2.29 10.67
CA THR C 78 -46.48 -3.71 10.25
C THR C 78 -47.91 -4.18 10.05
N PRO C 79 -48.22 -4.87 8.94
CA PRO C 79 -49.61 -5.30 8.62
C PRO C 79 -50.16 -6.16 9.74
N ASN C 80 -49.27 -6.89 10.43
CA ASN C 80 -49.71 -7.72 11.56
C ASN C 80 -50.62 -6.88 12.45
N GLU C 81 -51.79 -7.42 12.80
CA GLU C 81 -52.74 -6.69 13.68
C GLU C 81 -52.02 -6.35 14.99
N ASN C 82 -51.01 -7.14 15.36
CA ASN C 82 -50.29 -6.91 16.65
C ASN C 82 -48.89 -6.37 16.36
N ILE C 83 -48.08 -7.13 15.63
CA ILE C 83 -46.67 -6.71 15.37
C ILE C 83 -46.69 -5.40 14.58
N PHE C 84 -45.84 -4.46 14.96
CA PHE C 84 -45.75 -3.16 14.23
C PHE C 84 -44.29 -2.77 14.15
N GLY C 85 -43.92 -2.08 13.06
CA GLY C 85 -42.51 -1.69 12.87
C GLY C 85 -42.29 -1.17 11.47
N ALA C 86 -41.06 -1.26 10.96
CA ALA C 86 -40.75 -0.73 9.62
C ALA C 86 -40.63 -1.90 8.64
N ILE C 87 -41.15 -1.72 7.42
CA ILE C 87 -41.04 -2.79 6.39
C ILE C 87 -40.24 -2.26 5.19
N VAL C 88 -39.25 -3.02 4.70
CA VAL C 88 -38.46 -2.62 3.51
C VAL C 88 -39.05 -3.37 2.31
N ALA C 89 -39.54 -2.64 1.31
CA ALA C 89 -40.21 -3.28 0.19
C ALA C 89 -39.19 -3.86 -0.79
N GLY C 90 -38.91 -5.16 -0.67
CA GLY C 90 -37.89 -5.83 -1.44
C GLY C 90 -38.08 -5.84 -2.95
N ALA C 91 -39.32 -5.68 -3.41
CA ALA C 91 -39.63 -5.66 -4.83
C ALA C 91 -39.07 -4.41 -5.51
N ALA C 92 -38.87 -3.33 -4.74
CA ALA C 92 -38.34 -2.09 -5.30
C ALA C 92 -36.86 -1.87 -5.01
N LEU C 93 -36.28 -2.57 -4.04
CA LEU C 93 -34.85 -2.44 -3.79
C LEU C 93 -34.02 -3.13 -4.87
N GLY C 94 -34.48 -4.28 -5.36
CA GLY C 94 -33.73 -4.99 -6.37
C GLY C 94 -32.71 -5.95 -5.78
N ILE C 95 -31.46 -5.52 -5.70
CA ILE C 95 -30.37 -6.31 -5.14
C ILE C 95 -29.74 -5.51 -4.00
N ALA C 96 -29.71 -6.11 -2.81
CA ALA C 96 -29.17 -5.42 -1.64
C ALA C 96 -28.60 -6.43 -0.66
N THR C 97 -27.70 -5.95 0.18
CA THR C 97 -27.08 -6.74 1.23
C THR C 97 -27.73 -6.41 2.58
N ALA C 98 -27.16 -6.96 3.65
CA ALA C 98 -27.73 -6.73 4.98
C ALA C 98 -27.46 -5.32 5.49
N ALA C 99 -26.24 -4.81 5.27
CA ALA C 99 -25.88 -3.49 5.76
C ALA C 99 -26.62 -2.38 5.04
N GLN C 100 -26.98 -2.59 3.77
CA GLN C 100 -27.77 -1.61 3.04
C GLN C 100 -29.19 -1.51 3.61
N VAL C 101 -29.79 -2.65 3.96
CA VAL C 101 -31.11 -2.66 4.58
C VAL C 101 -31.05 -2.02 5.97
N THR C 102 -29.95 -2.29 6.71
CA THR C 102 -29.77 -1.67 8.02
C THR C 102 -29.62 -0.15 7.91
N SER C 103 -28.92 0.32 6.87
CA SER C 103 -28.80 1.77 6.66
C SER C 103 -30.12 2.39 6.25
N VAL C 104 -30.93 1.67 5.46
CA VAL C 104 -32.27 2.16 5.10
C VAL C 104 -33.15 2.29 6.34
N VAL C 105 -33.08 1.31 7.25
CA VAL C 105 -33.79 1.39 8.52
C VAL C 105 -33.28 2.56 9.37
N ALA C 106 -31.96 2.82 9.31
CA ALA C 106 -31.38 3.96 10.03
C ALA C 106 -31.89 5.30 9.50
N LEU C 107 -31.98 5.46 8.18
CA LEU C 107 -32.57 6.67 7.60
C LEU C 107 -34.05 6.82 7.96
N HIS C 108 -34.80 5.71 7.97
CA HIS C 108 -36.21 5.81 8.37
C HIS C 108 -36.36 6.15 9.84
N LYS C 109 -35.39 5.74 10.67
CA LYS C 109 -35.40 6.13 12.08
C LYS C 109 -35.02 7.60 12.25
N SER C 110 -34.11 8.11 11.41
CA SER C 110 -33.58 9.45 11.58
C SER C 110 -34.31 10.50 10.74
N ASN C 111 -35.38 10.12 10.04
CA ASN C 111 -36.15 11.08 9.23
C ASN C 111 -36.74 12.22 10.06
N GLN C 112 -37.27 11.92 11.25
CA GLN C 112 -37.90 12.94 12.08
C GLN C 112 -36.89 13.96 12.61
N ASN C 113 -35.73 13.48 13.05
CA ASN C 113 -34.69 14.39 13.51
C ASN C 113 -34.08 15.18 12.36
N ALA C 114 -34.00 14.57 11.16
CA ALA C 114 -33.54 15.30 9.99
C ALA C 114 -34.51 16.42 9.61
N ALA C 115 -35.81 16.17 9.74
CA ALA C 115 -36.80 17.22 9.50
C ALA C 115 -36.73 18.30 10.58
N LYS C 116 -36.44 17.91 11.83
CA LYS C 116 -36.30 18.88 12.90
C LYS C 116 -35.09 19.80 12.69
N ILE C 117 -33.98 19.25 12.19
CA ILE C 117 -32.84 20.08 11.82
C ILE C 117 -33.17 20.94 10.60
N ASN C 118 -33.89 20.36 9.62
CA ASN C 118 -34.26 21.09 8.40
C ASN C 118 -35.25 22.22 8.65
N SER C 119 -35.95 22.20 9.80
CA SER C 119 -36.86 23.29 10.16
C SER C 119 -36.15 24.61 10.44
N LEU C 120 -34.83 24.61 10.62
CA LEU C 120 -34.07 25.83 10.88
C LEU C 120 -33.11 26.12 9.72
N ARG C 121 -33.62 26.01 8.48
CA ARG C 121 -32.80 26.24 7.30
C ARG C 121 -32.30 27.68 7.22
N ASP C 122 -33.15 28.64 7.62
CA ASP C 122 -32.71 30.03 7.69
C ASP C 122 -31.69 30.26 8.80
N SER C 123 -31.73 29.43 9.85
CA SER C 123 -30.71 29.53 10.90
C SER C 123 -29.39 28.92 10.46
N ILE C 124 -29.44 27.87 9.63
CA ILE C 124 -28.23 27.20 9.17
C ILE C 124 -27.46 28.10 8.19
N THR C 125 -28.18 28.78 7.30
CA THR C 125 -27.54 29.55 6.24
C THR C 125 -27.08 30.93 6.68
N LYS C 126 -27.34 31.34 7.93
CA LYS C 126 -27.00 32.69 8.38
C LYS C 126 -25.71 32.76 9.18
N THR C 127 -25.00 31.65 9.33
CA THR C 127 -23.76 31.64 10.13
C THR C 127 -22.64 32.39 9.41
N ASN C 128 -21.76 32.99 10.21
CA ASN C 128 -20.64 33.74 9.67
C ASN C 128 -19.33 33.46 10.39
N GLN C 129 -19.29 32.48 11.29
CA GLN C 129 -18.07 32.09 11.98
C GLN C 129 -17.67 30.69 11.55
N ALA C 130 -16.50 30.27 12.03
CA ALA C 130 -15.98 28.93 11.73
C ALA C 130 -16.86 27.84 12.33
N VAL C 131 -16.92 27.76 13.66
CA VAL C 131 -17.75 26.79 14.37
C VAL C 131 -18.58 27.54 15.40
N GLU C 132 -19.89 27.34 15.38
CA GLU C 132 -20.76 27.89 16.42
C GLU C 132 -21.91 26.92 16.67
N GLN C 133 -22.79 27.32 17.58
CA GLN C 133 -23.91 26.49 18.02
C GLN C 133 -25.23 27.19 17.72
N LEU C 134 -26.27 26.39 17.50
CA LEU C 134 -27.63 26.88 17.33
C LEU C 134 -28.55 26.08 18.25
N SER C 135 -29.58 26.76 18.75
CA SER C 135 -30.50 26.16 19.72
C SER C 135 -31.50 25.27 18.96
N LEU C 136 -31.27 23.97 18.98
CA LEU C 136 -32.17 23.04 18.31
C LEU C 136 -33.46 22.86 19.10
N GLY C 137 -33.36 22.75 20.42
CA GLY C 137 -34.52 22.57 21.27
C GLY C 137 -34.29 23.21 22.62
N VAL C 138 -34.92 22.65 23.65
CA VAL C 138 -34.76 23.21 24.99
C VAL C 138 -33.46 22.75 25.63
N GLN C 139 -32.93 21.58 25.23
CA GLN C 139 -31.67 21.10 25.76
C GLN C 139 -30.74 20.52 24.71
N GLU C 140 -31.17 20.45 23.44
CA GLU C 140 -30.35 19.91 22.36
C GLU C 140 -29.87 21.04 21.46
N THR C 141 -28.70 20.85 20.86
CA THR C 141 -28.11 21.87 20.01
C THR C 141 -27.38 21.21 18.85
N VAL C 142 -27.18 21.98 17.78
CA VAL C 142 -26.39 21.55 16.64
C VAL C 142 -25.06 22.30 16.67
N SER C 143 -24.13 21.84 15.83
CA SER C 143 -22.74 22.28 15.87
C SER C 143 -22.28 22.63 14.45
N VAL C 144 -23.04 23.55 13.81
CA VAL C 144 -22.79 23.98 12.44
C VAL C 144 -21.37 24.52 12.28
N LEU C 145 -20.72 24.13 11.18
CA LEU C 145 -19.31 24.41 11.00
C LEU C 145 -18.95 24.54 9.54
N MET C 146 -18.11 25.52 9.22
CA MET C 146 -17.61 25.79 7.88
C MET C 146 -16.10 25.90 7.91
N GLY C 147 -15.45 25.22 6.96
CA GLY C 147 -14.00 25.24 6.87
C GLY C 147 -13.38 26.55 6.42
N LEU C 148 -13.95 27.17 5.41
CA LEU C 148 -13.38 28.38 4.82
C LEU C 148 -13.89 29.66 5.45
N GLN C 149 -14.83 29.59 6.40
CA GLN C 149 -15.42 30.79 6.96
C GLN C 149 -14.44 31.60 7.80
N ASP C 150 -13.36 30.98 8.28
CA ASP C 150 -12.31 31.74 8.93
C ASP C 150 -11.47 32.51 7.91
N GLN C 151 -11.15 31.89 6.78
CA GLN C 151 -10.21 32.46 5.82
C GLN C 151 -10.78 33.63 5.03
N ILE C 152 -12.10 33.77 4.98
CA ILE C 152 -12.70 34.96 4.38
C ILE C 152 -13.38 35.69 5.54
N ASN C 153 -12.74 35.64 6.71
CA ASN C 153 -13.02 36.58 7.78
C ASN C 153 -11.78 37.10 8.48
N THR C 154 -10.58 36.64 8.10
CA THR C 154 -9.34 37.16 8.68
C THR C 154 -8.24 37.41 7.65
N ASN C 155 -8.39 36.97 6.41
CA ASN C 155 -7.35 37.13 5.40
C ASN C 155 -7.81 37.94 4.21
N LEU C 156 -8.98 37.62 3.64
CA LEU C 156 -9.47 38.31 2.45
C LEU C 156 -10.26 39.57 2.79
N VAL C 157 -10.91 39.59 3.94
CA VAL C 157 -11.66 40.76 4.43
C VAL C 157 -10.79 42.00 4.67
N PRO C 158 -9.62 41.96 5.35
CA PRO C 158 -8.87 43.23 5.55
C PRO C 158 -8.28 43.85 4.27
N LYS C 159 -8.13 43.09 3.20
CA LYS C 159 -7.70 43.65 1.91
C LYS C 159 -8.91 43.97 1.01
N ILE C 160 -9.84 44.71 1.59
CA ILE C 160 -11.08 45.03 0.88
C ILE C 160 -10.89 46.24 -0.04
N ASN C 161 -9.96 47.15 0.28
CA ASN C 161 -9.72 48.33 -0.55
C ASN C 161 -8.25 48.54 -0.90
N ILE C 162 -7.33 47.84 -0.25
CA ILE C 162 -5.92 47.95 -0.62
C ILE C 162 -5.67 47.28 -1.96
N LEU C 163 -6.30 46.13 -2.19
CA LEU C 163 -6.13 45.35 -3.41
C LEU C 163 -7.31 45.58 -4.35
N SER C 164 -7.07 45.40 -5.64
CA SER C 164 -8.08 45.62 -6.65
C SER C 164 -9.15 44.54 -6.61
N CYS C 165 -10.36 44.91 -7.02
CA CYS C 165 -11.53 44.03 -6.87
C CYS C 165 -11.45 42.81 -7.77
N LYS C 166 -10.88 42.96 -8.97
CA LYS C 166 -10.71 41.81 -9.85
C LYS C 166 -9.67 40.83 -9.31
N GLN C 167 -8.70 41.32 -8.53
CA GLN C 167 -7.74 40.43 -7.91
C GLN C 167 -8.38 39.61 -6.79
N LEU C 168 -9.28 40.23 -6.01
CA LEU C 168 -10.07 39.48 -5.04
C LEU C 168 -10.98 38.46 -5.71
N SER C 169 -11.56 38.84 -6.87
CA SER C 169 -12.40 37.89 -7.62
C SER C 169 -11.58 36.71 -8.12
N ASN C 170 -10.38 36.96 -8.63
CA ASN C 170 -9.51 35.88 -9.12
C ASN C 170 -9.04 34.98 -7.97
N THR C 171 -8.68 35.58 -6.83
CA THR C 171 -8.23 34.80 -5.68
C THR C 171 -9.37 33.96 -5.10
N LEU C 172 -10.59 34.53 -5.06
CA LEU C 172 -11.76 33.79 -4.61
C LEU C 172 -12.10 32.64 -5.55
N ASN C 173 -11.94 32.86 -6.87
CA ASN C 173 -12.16 31.80 -7.83
C ASN C 173 -11.13 30.67 -7.69
N ILE C 174 -9.87 31.02 -7.47
CA ILE C 174 -8.82 30.01 -7.28
C ILE C 174 -9.07 29.21 -6.00
N MET C 175 -9.44 29.89 -4.91
CA MET C 175 -9.72 29.22 -3.64
C MET C 175 -10.96 28.34 -3.74
N LEU C 176 -12.00 28.80 -4.44
CA LEU C 176 -13.21 27.98 -4.60
C LEU C 176 -12.98 26.78 -5.51
N LEU C 177 -12.15 26.91 -6.55
CA LEU C 177 -11.84 25.75 -7.38
C LEU C 177 -11.00 24.73 -6.63
N GLN C 178 -10.04 25.19 -5.81
CA GLN C 178 -9.26 24.28 -4.98
C GLN C 178 -10.13 23.58 -3.94
N TYR C 179 -11.07 24.32 -3.34
CA TYR C 179 -11.96 23.71 -2.37
C TYR C 179 -12.94 22.74 -3.04
N TYR C 180 -13.41 23.05 -4.25
CA TYR C 180 -14.26 22.11 -4.98
C TYR C 180 -13.51 20.83 -5.33
N SER C 181 -12.21 20.96 -5.62
CA SER C 181 -11.38 19.77 -5.76
C SER C 181 -11.23 19.02 -4.44
N GLN C 182 -11.33 19.73 -3.30
CA GLN C 182 -11.28 19.03 -2.02
C GLN C 182 -12.58 18.29 -1.70
N ILE C 183 -13.74 18.85 -2.05
CA ILE C 183 -14.98 18.07 -1.99
C ILE C 183 -14.95 16.87 -2.94
N LEU C 184 -14.43 17.08 -4.16
CA LEU C 184 -14.41 15.94 -5.11
C LEU C 184 -13.39 14.81 -4.76
N THR C 185 -12.73 14.81 -3.60
CA THR C 185 -11.89 13.71 -3.14
C THR C 185 -12.53 12.94 -2.00
N VAL C 186 -13.01 13.64 -0.96
CA VAL C 186 -13.59 12.97 0.20
C VAL C 186 -14.95 12.34 -0.14
N PHE C 187 -15.80 13.06 -0.86
CA PHE C 187 -17.09 12.53 -1.27
C PHE C 187 -17.01 11.89 -2.65
N GLY C 188 -16.05 10.99 -2.82
CA GLY C 188 -15.85 10.28 -4.06
C GLY C 188 -16.64 8.98 -4.14
N PRO C 189 -16.36 8.04 -3.22
CA PRO C 189 -17.18 6.82 -3.16
C PRO C 189 -18.62 7.04 -2.73
N ASN C 190 -18.94 8.19 -2.13
CA ASN C 190 -20.33 8.47 -1.75
C ASN C 190 -21.22 8.75 -2.95
N LEU C 191 -20.64 9.10 -4.10
CA LEU C 191 -21.46 9.41 -5.26
C LEU C 191 -22.09 8.16 -5.89
N ARG C 192 -21.53 6.97 -5.63
CA ARG C 192 -22.09 5.74 -6.16
C ARG C 192 -23.42 5.41 -5.47
N ASP C 193 -23.45 5.47 -4.14
CA ASP C 193 -24.66 5.15 -3.38
C ASP C 193 -24.57 5.90 -2.06
N PRO C 194 -25.19 7.09 -1.95
CA PRO C 194 -24.96 7.94 -0.78
C PRO C 194 -25.83 7.61 0.42
N ALA C 195 -26.02 6.33 0.73
CA ALA C 195 -26.72 5.94 1.94
C ALA C 195 -26.05 4.82 2.71
N THR C 196 -25.20 4.01 2.09
CA THR C 196 -24.61 2.84 2.71
C THR C 196 -23.10 2.96 2.89
N VAL C 197 -22.49 4.00 2.35
CA VAL C 197 -21.04 4.17 2.40
C VAL C 197 -20.71 5.14 3.52
N PRO C 198 -19.99 4.73 4.55
CA PRO C 198 -19.65 5.64 5.65
C PRO C 198 -18.46 6.53 5.28
N VAL C 199 -18.24 7.53 6.12
CA VAL C 199 -17.17 8.51 5.92
C VAL C 199 -16.26 8.45 7.14
N SER C 200 -14.97 8.19 6.90
CA SER C 200 -13.99 8.23 7.97
C SER C 200 -13.72 9.67 8.40
N ILE C 201 -13.38 9.84 9.67
CA ILE C 201 -13.21 11.18 10.21
C ILE C 201 -11.90 11.81 9.74
N GLN C 202 -10.93 11.01 9.28
CA GLN C 202 -9.70 11.59 8.73
C GLN C 202 -9.95 12.20 7.36
N ALA C 203 -10.70 11.49 6.51
CA ALA C 203 -11.06 12.03 5.20
C ALA C 203 -11.98 13.24 5.32
N LEU C 204 -12.87 13.23 6.31
CA LEU C 204 -13.71 14.40 6.57
C LEU C 204 -12.90 15.56 7.12
N SER C 205 -11.88 15.27 7.93
CA SER C 205 -11.01 16.32 8.46
C SER C 205 -10.04 16.85 7.42
N GLN C 206 -9.87 16.14 6.31
CA GLN C 206 -9.07 16.66 5.20
C GLN C 206 -9.65 17.92 4.57
N LEU C 207 -10.95 18.18 4.75
CA LEU C 207 -11.54 19.42 4.25
C LEU C 207 -11.06 20.64 5.02
N PHE C 208 -10.71 20.47 6.30
CA PHE C 208 -10.36 21.57 7.19
C PHE C 208 -8.86 21.67 7.43
N GLU C 209 -8.08 21.45 6.37
CA GLU C 209 -6.60 21.47 6.36
C GLU C 209 -6.01 20.48 7.36
N GLY C 210 -6.63 19.30 7.48
CA GLY C 210 -6.14 18.27 8.37
C GLY C 210 -6.26 18.60 9.84
N ASN C 211 -7.45 19.02 10.28
CA ASN C 211 -7.67 19.41 11.66
C ASN C 211 -8.71 18.47 12.26
N LEU C 212 -8.24 17.34 12.79
CA LEU C 212 -9.13 16.36 13.40
C LEU C 212 -9.55 16.75 14.81
N GLU C 213 -8.68 17.44 15.53
CA GLU C 213 -8.98 17.79 16.91
C GLU C 213 -10.06 18.86 17.01
N LEU C 214 -10.20 19.69 15.98
CA LEU C 214 -11.31 20.65 15.94
C LEU C 214 -12.66 19.95 15.86
N LEU C 215 -12.77 18.94 14.99
CA LEU C 215 -14.01 18.17 14.90
C LEU C 215 -14.25 17.31 16.14
N THR C 216 -13.17 16.78 16.73
CA THR C 216 -13.31 15.99 17.96
C THR C 216 -13.78 16.86 19.13
N SER C 217 -13.25 18.08 19.25
CA SER C 217 -13.66 18.97 20.31
C SER C 217 -15.05 19.55 20.08
N SER C 218 -15.39 19.88 18.83
CA SER C 218 -16.71 20.43 18.55
C SER C 218 -17.79 19.36 18.51
N LEU C 219 -17.41 18.09 18.43
CA LEU C 219 -18.38 17.01 18.41
C LEU C 219 -18.82 16.58 19.81
N GLY C 220 -17.93 16.60 20.79
CA GLY C 220 -18.25 16.28 22.17
C GLY C 220 -17.36 15.26 22.83
N ILE C 221 -16.60 14.49 22.06
CA ILE C 221 -15.69 13.50 22.63
C ILE C 221 -14.45 14.22 23.16
N SER C 222 -14.16 14.01 24.43
CA SER C 222 -12.97 14.58 25.07
C SER C 222 -12.19 13.44 25.73
N SER C 223 -11.15 12.96 25.05
CA SER C 223 -10.33 11.89 25.59
C SER C 223 -9.46 12.40 26.73
N THR C 224 -9.34 11.59 27.78
CA THR C 224 -8.57 11.97 28.96
C THR C 224 -7.55 10.93 29.41
N ASP C 225 -7.59 9.71 28.87
CA ASP C 225 -6.63 8.67 29.22
C ASP C 225 -5.72 8.39 28.04
N PHE C 226 -4.72 7.55 28.28
CA PHE C 226 -3.67 7.32 27.29
C PHE C 226 -4.15 6.44 26.14
N ASN C 227 -5.17 5.62 26.36
CA ASN C 227 -5.65 4.72 25.32
C ASN C 227 -6.48 5.44 24.27
N ASP C 228 -7.26 6.45 24.67
CA ASP C 228 -8.21 7.10 23.77
C ASP C 228 -7.60 8.29 23.03
N LEU C 229 -6.35 8.65 23.31
CA LEU C 229 -5.70 9.72 22.56
C LEU C 229 -5.35 9.28 21.15
N LEU C 230 -4.77 8.09 21.00
CA LEU C 230 -4.46 7.57 19.67
C LEU C 230 -5.71 7.12 18.94
N THR C 231 -6.73 6.70 19.68
CA THR C 231 -8.03 6.41 19.07
C THR C 231 -8.67 7.71 18.61
N GLY C 232 -9.32 7.67 17.45
CA GLY C 232 -9.87 8.86 16.86
C GLY C 232 -9.61 8.94 15.37
N LYS C 233 -9.11 7.84 14.80
CA LYS C 233 -9.03 7.67 13.36
C LYS C 233 -10.07 6.66 12.86
N LEU C 234 -11.04 6.30 13.70
CA LEU C 234 -12.00 5.25 13.38
C LEU C 234 -13.44 5.65 13.72
N ILE C 235 -13.70 6.95 13.88
CA ILE C 235 -15.05 7.45 14.12
C ILE C 235 -15.72 7.61 12.76
N THR C 236 -16.70 6.75 12.47
CA THR C 236 -17.36 6.76 11.18
C THR C 236 -18.62 7.62 11.21
N GLY C 237 -19.12 7.95 10.02
CA GLY C 237 -20.31 8.75 9.90
C GLY C 237 -20.92 8.62 8.52
N SER C 238 -22.24 8.80 8.45
CA SER C 238 -22.98 8.66 7.22
C SER C 238 -23.89 9.86 7.00
N ILE C 239 -24.26 10.10 5.74
CA ILE C 239 -25.11 11.22 5.37
C ILE C 239 -26.56 10.85 5.63
N ILE C 240 -27.32 11.76 6.22
CA ILE C 240 -28.75 11.57 6.37
C ILE C 240 -29.57 12.62 5.60
N TRP C 241 -29.00 13.77 5.23
CA TRP C 241 -29.75 14.70 4.41
C TRP C 241 -28.79 15.49 3.52
N ALA C 242 -29.29 15.89 2.36
CA ALA C 242 -28.49 16.50 1.30
C ALA C 242 -29.19 17.72 0.71
N ASP C 243 -29.55 18.68 1.58
CA ASP C 243 -30.46 19.76 1.19
C ASP C 243 -29.81 20.70 0.18
N THR C 244 -30.58 21.03 -0.87
CA THR C 244 -30.09 21.75 -2.04
C THR C 244 -30.37 23.25 -1.99
N GLN C 245 -31.29 23.71 -1.13
CA GLN C 245 -31.59 25.13 -1.08
C GLN C 245 -30.47 25.90 -0.38
N GLY C 246 -30.12 25.50 0.83
CA GLY C 246 -28.97 26.06 1.51
C GLY C 246 -27.64 25.43 1.14
N HIS C 247 -27.67 24.41 0.29
CA HIS C 247 -26.50 23.64 -0.18
C HIS C 247 -25.71 23.07 0.99
N TYR C 248 -26.40 22.31 1.83
CA TYR C 248 -25.75 21.76 3.02
C TYR C 248 -26.08 20.28 3.16
N LEU C 249 -25.24 19.61 3.95
CA LEU C 249 -25.35 18.18 4.20
C LEU C 249 -25.52 17.97 5.70
N ILE C 250 -26.61 17.32 6.08
CA ILE C 250 -26.81 16.91 7.47
C ILE C 250 -26.25 15.50 7.62
N LEU C 251 -25.29 15.36 8.53
CA LEU C 251 -24.49 14.16 8.70
C LEU C 251 -24.70 13.60 10.10
N ARG C 252 -24.64 12.29 10.23
CA ARG C 252 -24.81 11.62 11.52
C ARG C 252 -23.60 10.74 11.79
N VAL C 253 -22.96 10.95 12.95
CA VAL C 253 -21.78 10.20 13.32
C VAL C 253 -22.07 9.40 14.59
N ASN C 254 -21.22 8.41 14.84
CA ASN C 254 -21.37 7.51 15.97
C ASN C 254 -20.24 7.77 16.96
N ILE C 255 -20.60 8.09 18.20
CA ILE C 255 -19.63 8.25 19.28
C ILE C 255 -19.16 6.85 19.69
N PRO C 256 -17.87 6.56 19.60
CA PRO C 256 -17.39 5.21 19.92
C PRO C 256 -17.29 4.97 21.42
N ASP C 257 -17.45 3.70 21.78
CA ASP C 257 -17.29 3.24 23.15
C ASP C 257 -16.46 1.97 23.14
N LEU C 258 -15.39 1.95 23.92
CA LEU C 258 -14.46 0.83 23.93
C LEU C 258 -14.92 -0.17 24.97
N ILE C 259 -15.39 -1.33 24.52
CA ILE C 259 -15.80 -2.41 25.42
C ILE C 259 -14.68 -3.44 25.43
N GLU C 260 -14.60 -4.20 26.52
CA GLU C 260 -13.56 -5.21 26.69
C GLU C 260 -14.19 -6.59 26.59
N VAL C 261 -13.66 -7.41 25.70
CA VAL C 261 -14.08 -8.82 25.63
C VAL C 261 -13.59 -9.55 26.87
N PRO C 262 -14.43 -10.32 27.55
CA PRO C 262 -13.99 -10.94 28.83
C PRO C 262 -13.08 -12.14 28.60
N GLY C 263 -11.98 -12.16 29.35
CA GLY C 263 -11.07 -13.30 29.38
C GLY C 263 -10.30 -13.57 28.11
N ALA C 264 -9.86 -12.53 27.40
CA ALA C 264 -9.07 -12.67 26.19
C ALA C 264 -7.74 -11.98 26.37
N VAL C 265 -6.65 -12.69 26.07
CA VAL C 265 -5.30 -12.18 26.23
C VAL C 265 -4.58 -12.27 24.88
N ILE C 266 -4.01 -11.16 24.43
CA ILE C 266 -3.18 -11.13 23.24
C ILE C 266 -1.74 -11.37 23.65
N GLN C 267 -1.08 -12.33 23.00
CA GLN C 267 0.29 -12.72 23.33
C GLN C 267 1.18 -12.53 22.11
N GLU C 268 2.34 -11.93 22.31
CA GLU C 268 3.32 -11.71 21.27
C GLU C 268 4.49 -12.68 21.43
N PHE C 269 5.22 -12.88 20.33
CA PHE C 269 6.36 -13.78 20.32
C PHE C 269 7.51 -13.14 19.57
N ILE C 270 8.72 -13.31 20.09
CA ILE C 270 9.94 -12.82 19.46
C ILE C 270 10.65 -14.02 18.83
N LYS C 271 10.99 -13.89 17.55
CA LYS C 271 11.65 -14.96 16.82
C LYS C 271 13.13 -14.65 16.68
N ILE C 272 13.97 -15.58 17.10
CA ILE C 272 15.42 -15.47 16.93
C ILE C 272 15.87 -16.57 15.97
N GLY C 273 17.07 -16.39 15.44
CA GLY C 273 17.65 -17.33 14.48
C GLY C 273 18.60 -18.27 15.16
N TYR C 274 18.46 -19.56 14.85
CA TYR C 274 19.31 -20.60 15.42
C TYR C 274 20.14 -21.23 14.30
N ASN C 275 21.35 -21.67 14.68
CA ASN C 275 22.31 -22.23 13.75
C ASN C 275 22.23 -23.75 13.81
N PHE C 276 21.69 -24.35 12.75
CA PHE C 276 21.58 -25.80 12.64
C PHE C 276 21.91 -26.21 11.22
N GLY C 277 22.58 -27.35 11.09
CA GLY C 277 22.95 -27.87 9.78
C GLY C 277 23.91 -27.02 8.99
N GLY C 278 24.68 -26.17 9.67
CA GLY C 278 25.49 -25.21 8.96
C GLY C 278 24.70 -24.07 8.35
N SER C 279 23.50 -23.78 8.87
CA SER C 279 22.66 -22.75 8.29
C SER C 279 21.86 -22.04 9.37
N LEU C 280 21.34 -20.88 9.04
CA LEU C 280 20.57 -20.05 9.96
C LEU C 280 19.09 -20.20 9.66
N TRP C 281 18.32 -20.58 10.68
CA TRP C 281 16.90 -20.85 10.52
C TRP C 281 16.10 -20.10 11.58
N MET C 282 14.84 -19.83 11.26
CA MET C 282 13.89 -19.43 12.30
C MET C 282 12.64 -20.30 12.20
N PRO C 283 11.98 -20.59 13.31
CA PRO C 283 10.68 -21.26 13.24
C PRO C 283 9.61 -20.36 12.63
N THR C 284 8.67 -20.98 11.94
CA THR C 284 7.60 -20.26 11.25
C THR C 284 6.34 -20.31 12.11
N ILE C 285 6.21 -19.33 12.99
CA ILE C 285 5.06 -19.23 13.88
C ILE C 285 4.46 -17.83 13.73
N PRO C 286 3.15 -17.66 13.89
CA PRO C 286 2.58 -16.31 13.89
C PRO C 286 2.99 -15.54 15.13
N ASN C 287 3.10 -14.22 14.98
CA ASN C 287 3.56 -13.38 16.07
C ASN C 287 2.49 -13.20 17.14
N LYS C 288 1.24 -13.03 16.73
CA LYS C 288 0.14 -12.70 17.63
C LYS C 288 -0.74 -13.92 17.84
N ILE C 289 -1.01 -14.25 19.10
CA ILE C 289 -1.89 -15.36 19.47
C ILE C 289 -2.91 -14.84 20.46
N ILE C 290 -4.19 -15.01 20.15
CA ILE C 290 -5.28 -14.69 21.07
C ILE C 290 -5.64 -15.94 21.87
N ILE C 291 -5.68 -15.81 23.18
CA ILE C 291 -5.98 -16.91 24.09
C ILE C 291 -7.23 -16.54 24.88
N ARG C 292 -8.22 -17.42 24.86
CA ARG C 292 -9.48 -17.17 25.57
C ARG C 292 -10.06 -18.52 25.98
N GLY C 293 -9.86 -18.88 27.25
CA GLY C 293 -10.36 -20.12 27.80
C GLY C 293 -9.73 -21.37 27.19
N TYR C 294 -8.39 -21.35 27.07
CA TYR C 294 -7.59 -22.42 26.44
C TYR C 294 -8.01 -22.67 24.99
N HIS C 295 -8.40 -21.61 24.30
CA HIS C 295 -8.78 -21.68 22.89
C HIS C 295 -7.91 -20.70 22.11
N LEU C 296 -7.17 -21.22 21.14
CA LEU C 296 -6.22 -20.42 20.38
C LEU C 296 -6.79 -20.09 19.00
N SER C 297 -6.65 -18.84 18.60
CA SER C 297 -7.07 -18.38 17.28
C SER C 297 -6.06 -17.37 16.77
N LEU C 298 -6.33 -16.81 15.60
CA LEU C 298 -5.43 -15.88 14.94
C LEU C 298 -6.13 -14.56 14.65
N ILE C 299 -5.40 -13.46 14.82
CA ILE C 299 -5.90 -12.13 14.51
C ILE C 299 -4.89 -11.45 13.59
N ASP C 300 -5.40 -10.48 12.81
CA ASP C 300 -4.58 -9.66 11.95
C ASP C 300 -4.68 -8.20 12.38
N SER C 301 -3.54 -7.59 12.66
CA SER C 301 -3.50 -6.19 13.08
C SER C 301 -3.22 -5.27 11.90
N THR C 302 -4.08 -5.38 10.89
CA THR C 302 -3.97 -4.52 9.71
C THR C 302 -4.85 -3.29 9.81
N ASN C 303 -5.86 -3.30 10.68
CA ASN C 303 -6.73 -2.15 10.89
C ASN C 303 -6.82 -1.78 12.37
N CYS C 304 -6.06 -2.44 13.24
CA CYS C 304 -6.14 -2.24 14.68
C CYS C 304 -4.89 -1.51 15.15
N ILE C 305 -5.09 -0.44 15.90
CA ILE C 305 -3.99 0.27 16.52
C ILE C 305 -3.50 -0.51 17.73
N ILE C 306 -2.20 -0.41 18.01
CA ILE C 306 -1.58 -1.11 19.12
C ILE C 306 -1.17 -0.09 20.16
N THR C 307 -1.79 -0.16 21.34
CA THR C 307 -1.44 0.72 22.44
C THR C 307 -0.33 0.07 23.27
N ASP C 308 0.02 0.70 24.39
CA ASP C 308 1.08 0.17 25.23
C ASP C 308 0.64 -1.04 26.03
N ASN C 309 -0.65 -1.14 26.36
CA ASN C 309 -1.15 -2.21 27.21
C ASN C 309 -2.20 -3.10 26.57
N SER C 310 -2.80 -2.70 25.45
CA SER C 310 -3.91 -3.45 24.89
C SER C 310 -4.00 -3.22 23.39
N TYR C 311 -4.75 -4.10 22.73
CA TYR C 311 -5.09 -3.96 21.32
C TYR C 311 -6.47 -3.36 21.20
N VAL C 312 -6.61 -2.34 20.35
CA VAL C 312 -7.89 -1.71 20.07
C VAL C 312 -8.23 -1.99 18.62
N CYS C 313 -9.32 -2.74 18.40
CA CYS C 313 -9.78 -3.10 17.07
C CYS C 313 -11.12 -2.45 16.79
N ASP C 314 -11.33 -2.06 15.53
CA ASP C 314 -12.60 -1.52 15.10
C ASP C 314 -13.69 -2.58 15.13
N ARG C 315 -13.33 -3.83 14.87
CA ARG C 315 -14.28 -4.92 14.79
C ARG C 315 -13.51 -6.21 15.05
N ASP C 316 -14.24 -7.27 15.40
CA ASP C 316 -13.62 -8.56 15.72
C ASP C 316 -12.96 -9.16 14.49
N TYR C 317 -11.72 -9.63 14.66
CA TYR C 317 -10.90 -10.16 13.57
C TYR C 317 -10.35 -11.52 13.95
N SER C 318 -11.22 -12.38 14.48
CA SER C 318 -10.82 -13.72 14.91
C SER C 318 -10.87 -14.67 13.71
N LEU C 319 -9.69 -15.15 13.28
CA LEU C 319 -9.49 -16.10 12.20
C LEU C 319 -9.16 -17.49 12.75
N PRO C 320 -9.58 -18.55 12.08
CA PRO C 320 -9.24 -19.91 12.55
C PRO C 320 -7.80 -20.26 12.26
N MET C 321 -7.36 -21.37 12.86
CA MET C 321 -5.99 -21.84 12.72
C MET C 321 -5.98 -23.35 12.48
N ASN C 322 -4.87 -23.82 11.92
CA ASN C 322 -4.72 -25.24 11.64
C ASN C 322 -4.49 -26.02 12.93
N PRO C 323 -5.03 -27.23 13.04
CA PRO C 323 -4.70 -28.09 14.21
C PRO C 323 -3.23 -28.50 14.27
N ILE C 324 -2.52 -28.51 13.15
CA ILE C 324 -1.07 -28.78 13.17
C ILE C 324 -0.34 -27.63 13.88
N LEU C 325 -0.79 -26.39 13.65
CA LEU C 325 -0.25 -25.26 14.41
C LEU C 325 -0.64 -25.34 15.89
N ARG C 326 -1.82 -25.89 16.19
CA ARG C 326 -2.20 -26.09 17.59
C ARG C 326 -1.30 -27.10 18.28
N GLU C 327 -0.97 -28.20 17.60
CA GLU C 327 -0.01 -29.16 18.14
C GLU C 327 1.39 -28.58 18.22
N CYS C 328 1.74 -27.69 17.28
CA CYS C 328 3.02 -27.00 17.31
C CYS C 328 3.13 -26.09 18.53
N PHE C 329 2.05 -25.39 18.85
CA PHE C 329 2.07 -24.49 20.00
C PHE C 329 1.97 -25.25 21.32
N GLU C 330 1.25 -26.38 21.36
CA GLU C 330 1.03 -27.04 22.64
C GLU C 330 2.22 -27.91 23.06
N GLY C 331 2.48 -28.99 22.34
CA GLY C 331 3.55 -29.89 22.73
C GLY C 331 4.56 -30.29 21.68
N ASN C 332 4.16 -30.26 20.41
CA ASN C 332 4.86 -30.97 19.34
C ASN C 332 5.76 -29.99 18.60
N THR C 333 7.04 -29.91 18.99
CA THR C 333 7.99 -29.11 18.25
C THR C 333 8.40 -29.74 16.93
N SER C 334 8.10 -31.03 16.71
CA SER C 334 8.30 -31.63 15.41
C SER C 334 7.26 -31.17 14.38
N SER C 335 6.14 -30.61 14.84
CA SER C 335 5.11 -30.08 13.95
C SER C 335 5.33 -28.62 13.60
N CYS C 336 6.39 -27.99 14.11
CA CYS C 336 6.70 -26.61 13.80
C CYS C 336 7.74 -26.55 12.69
N GLY C 337 7.49 -25.72 11.69
CA GLY C 337 8.38 -25.61 10.55
C GLY C 337 9.58 -24.73 10.84
N ARG C 338 10.42 -24.57 9.82
CA ARG C 338 11.60 -23.72 9.90
C ARG C 338 11.92 -23.17 8.52
N GLU C 339 12.48 -21.97 8.50
CA GLU C 339 12.84 -21.32 7.24
C GLU C 339 14.28 -20.83 7.32
N MET C 340 14.90 -20.75 6.15
CA MET C 340 16.33 -20.55 5.98
C MET C 340 16.63 -19.11 5.56
N VAL C 341 17.58 -18.47 6.24
CA VAL C 341 18.06 -17.16 5.85
C VAL C 341 19.59 -17.12 5.93
N LEU C 342 20.16 -16.12 5.25
CA LEU C 342 21.58 -15.83 5.34
C LEU C 342 21.86 -14.35 5.53
N ASN C 343 20.82 -13.53 5.72
CA ASN C 343 20.98 -12.09 5.88
C ASN C 343 21.54 -11.76 7.27
N SER C 344 21.95 -10.50 7.43
CA SER C 344 22.67 -10.08 8.63
C SER C 344 21.77 -9.54 9.72
N TYR C 345 20.53 -9.18 9.41
CA TYR C 345 19.64 -8.56 10.40
C TYR C 345 18.76 -9.59 11.11
N ILE C 346 19.38 -10.64 11.60
CA ILE C 346 18.69 -11.66 12.38
C ILE C 346 19.21 -11.58 13.81
N PRO C 347 18.36 -11.26 14.79
CA PRO C 347 18.84 -11.22 16.18
C PRO C 347 19.14 -12.62 16.71
N LEU C 348 20.16 -12.70 17.55
CA LEU C 348 20.65 -13.97 18.06
C LEU C 348 20.54 -14.09 19.57
N TYR C 349 20.02 -13.07 20.25
CA TYR C 349 19.85 -13.11 21.69
C TYR C 349 18.71 -12.20 22.08
N ALA C 350 18.05 -12.55 23.18
CA ALA C 350 16.98 -11.72 23.72
C ALA C 350 16.87 -11.97 25.23
N LEU C 351 16.07 -11.13 25.88
CA LEU C 351 15.93 -11.09 27.32
C LEU C 351 14.47 -11.31 27.68
N SER C 352 14.20 -12.15 28.68
CA SER C 352 12.84 -12.37 29.15
C SER C 352 12.90 -12.73 30.62
N GLU C 353 12.30 -11.85 31.46
CA GLU C 353 12.23 -12.00 32.92
C GLU C 353 13.60 -12.16 33.57
N GLY C 354 14.58 -11.43 33.04
CA GLY C 354 15.95 -11.56 33.53
C GLY C 354 16.69 -12.77 33.06
N VAL C 355 16.13 -13.52 32.11
CA VAL C 355 16.73 -14.75 31.59
C VAL C 355 17.15 -14.49 30.16
N ILE C 356 18.41 -14.81 29.83
CA ILE C 356 18.95 -14.54 28.51
C ILE C 356 18.83 -15.80 27.66
N TYR C 357 18.14 -15.69 26.52
CA TYR C 357 18.13 -16.74 25.52
C TYR C 357 19.06 -16.29 24.39
N ALA C 358 20.20 -16.95 24.25
CA ALA C 358 21.21 -16.51 23.31
C ALA C 358 21.76 -17.71 22.54
N ASN C 359 21.97 -17.52 21.24
CA ASN C 359 22.65 -18.51 20.41
C ASN C 359 24.14 -18.21 20.49
N CYS C 360 24.85 -18.99 21.29
CA CYS C 360 26.28 -18.74 21.53
C CYS C 360 27.18 -19.31 20.45
N LEU C 361 26.62 -19.98 19.44
CA LEU C 361 27.45 -20.48 18.35
C LEU C 361 27.88 -19.34 17.41
N ALA C 362 26.99 -18.38 17.19
CA ALA C 362 27.29 -17.24 16.32
C ALA C 362 27.78 -16.02 17.07
N THR C 363 27.30 -15.81 18.29
CA THR C 363 27.68 -14.66 19.12
C THR C 363 28.56 -15.15 20.25
N SER C 364 29.66 -14.44 20.51
CA SER C 364 30.55 -14.82 21.60
C SER C 364 29.90 -14.54 22.95
N CYS C 365 29.89 -15.55 23.81
CA CYS C 365 29.27 -15.48 25.12
C CYS C 365 30.35 -15.61 26.18
N LYS C 366 30.37 -14.69 27.15
CA LYS C 366 31.35 -14.73 28.22
C LYS C 366 30.70 -14.31 29.52
N CYS C 367 31.42 -14.52 30.62
CA CYS C 367 31.00 -14.07 31.94
C CYS C 367 32.03 -13.09 32.49
N ALA C 368 31.57 -11.94 32.97
CA ALA C 368 32.48 -10.92 33.45
C ALA C 368 33.04 -11.24 34.83
N THR C 369 32.29 -11.97 35.66
CA THR C 369 32.75 -12.24 37.02
C THR C 369 33.87 -13.26 37.09
N THR C 370 34.01 -14.11 36.07
CA THR C 370 35.02 -15.15 36.07
C THR C 370 35.98 -15.10 34.90
N ASN C 371 35.62 -14.42 33.80
CA ASN C 371 36.39 -14.30 32.56
C ASN C 371 36.73 -15.68 31.97
N LYS C 372 35.67 -16.41 31.65
CA LYS C 372 35.79 -17.68 30.94
C LYS C 372 34.75 -17.70 29.82
N PRO C 373 35.07 -18.30 28.68
CA PRO C 373 34.08 -18.37 27.59
C PRO C 373 33.01 -19.40 27.88
N ILE C 374 31.88 -19.23 27.20
CA ILE C 374 30.74 -20.14 27.28
C ILE C 374 30.62 -20.86 25.95
N VAL C 375 30.58 -22.20 26.01
CA VAL C 375 30.56 -23.04 24.82
C VAL C 375 29.16 -23.58 24.63
N GLN C 376 28.78 -23.81 23.36
CA GLN C 376 27.49 -24.39 23.04
C GLN C 376 27.43 -25.85 23.46
N SER C 377 26.38 -26.21 24.19
CA SER C 377 26.14 -27.61 24.49
C SER C 377 25.60 -28.33 23.25
N THR C 378 26.00 -29.59 23.09
CA THR C 378 25.57 -30.36 21.93
C THR C 378 24.13 -30.84 22.05
N SER C 379 23.56 -30.87 23.26
CA SER C 379 22.20 -31.36 23.45
C SER C 379 21.14 -30.29 23.19
N THR C 380 21.54 -29.04 22.99
CA THR C 380 20.60 -27.95 22.74
C THR C 380 21.13 -27.06 21.64
N VAL C 381 20.27 -26.16 21.15
CA VAL C 381 20.63 -25.19 20.13
C VAL C 381 20.67 -23.78 20.67
N ILE C 382 19.68 -23.39 21.47
CA ILE C 382 19.60 -22.08 22.09
C ILE C 382 20.06 -22.21 23.54
N THR C 383 21.01 -21.37 23.94
CA THR C 383 21.61 -21.42 25.26
C THR C 383 20.87 -20.50 26.22
N MET C 384 20.49 -21.05 27.37
CA MET C 384 19.87 -20.29 28.44
C MET C 384 20.95 -19.80 29.39
N ILE C 385 20.80 -18.56 29.86
CA ILE C 385 21.73 -17.94 30.79
C ILE C 385 20.93 -17.31 31.91
N ASP C 386 21.23 -17.69 33.15
CA ASP C 386 20.64 -17.09 34.34
C ASP C 386 21.73 -16.72 35.33
N ASN C 387 21.34 -16.37 36.57
CA ASN C 387 22.32 -16.05 37.60
C ASN C 387 23.05 -17.27 38.13
N SER C 388 22.56 -18.48 37.86
CA SER C 388 23.28 -19.68 38.28
C SER C 388 24.55 -19.89 37.48
N LYS C 389 24.57 -19.46 36.22
CA LYS C 389 25.79 -19.52 35.42
C LYS C 389 26.79 -18.45 35.87
N CYS C 390 26.41 -17.18 35.72
CA CYS C 390 27.24 -16.03 36.07
C CYS C 390 26.36 -14.79 36.12
N PRO C 391 26.60 -13.85 37.05
CA PRO C 391 25.74 -12.66 37.15
C PRO C 391 25.86 -11.69 35.98
N VAL C 392 27.09 -11.29 35.63
CA VAL C 392 27.31 -10.30 34.59
C VAL C 392 27.78 -11.03 33.34
N VAL C 393 27.10 -10.79 32.22
CA VAL C 393 27.26 -11.57 31.01
C VAL C 393 27.74 -10.65 29.89
N GLU C 394 28.78 -11.08 29.18
CA GLU C 394 29.24 -10.44 27.95
C GLU C 394 28.53 -11.11 26.78
N VAL C 395 27.66 -10.36 26.10
CA VAL C 395 26.96 -10.83 24.91
C VAL C 395 27.18 -9.81 23.80
N GLY C 396 27.77 -10.24 22.69
CA GLY C 396 28.07 -9.31 21.62
C GLY C 396 29.20 -8.39 22.03
N LYS C 397 28.85 -7.15 22.38
CA LYS C 397 29.74 -6.25 23.08
C LYS C 397 29.25 -5.92 24.48
N GLN C 398 27.96 -6.13 24.77
CA GLN C 398 27.31 -5.55 25.93
C GLN C 398 27.55 -6.36 27.20
N MET C 399 27.92 -5.65 28.28
CA MET C 399 27.65 -6.08 29.64
C MET C 399 26.14 -6.09 29.89
N ILE C 400 25.62 -7.19 30.44
CA ILE C 400 24.24 -7.25 30.90
C ILE C 400 24.18 -7.96 32.25
N SER C 401 23.16 -7.63 33.03
CA SER C 401 22.84 -8.35 34.26
C SER C 401 21.65 -9.28 34.02
N VAL C 402 21.62 -10.37 34.77
CA VAL C 402 20.54 -11.35 34.69
C VAL C 402 19.85 -11.47 36.04
N GLY C 403 18.79 -12.27 36.09
CA GLY C 403 18.06 -12.43 37.34
C GLY C 403 17.03 -13.53 37.19
N SER C 404 16.32 -13.77 38.31
CA SER C 404 15.26 -14.77 38.50
C SER C 404 15.84 -16.17 38.22
N TYR C 405 15.00 -17.10 37.77
CA TYR C 405 15.45 -18.46 37.49
C TYR C 405 14.53 -19.04 36.42
N LEU C 406 14.61 -20.37 36.24
CA LEU C 406 13.96 -21.01 35.10
C LEU C 406 12.45 -21.02 35.20
N GLY C 407 11.91 -20.91 36.42
CA GLY C 407 10.50 -21.04 36.70
C GLY C 407 10.03 -22.47 36.95
N GLN C 408 9.79 -23.24 35.90
CA GLN C 408 9.43 -24.65 36.12
C GLN C 408 10.36 -25.62 35.39
N VAL C 409 10.50 -25.45 34.07
CA VAL C 409 11.20 -26.39 33.21
C VAL C 409 12.33 -25.64 32.52
N SER C 410 13.47 -26.32 32.30
CA SER C 410 14.63 -25.69 31.68
C SER C 410 14.79 -26.10 30.23
N PRO C 411 14.93 -25.15 29.31
CA PRO C 411 15.25 -25.49 27.91
C PRO C 411 16.69 -25.88 27.68
N ASN C 412 17.56 -25.72 28.68
CA ASN C 412 18.98 -26.02 28.49
C ASN C 412 19.28 -27.51 28.45
N ASN C 413 18.41 -28.34 29.04
CA ASN C 413 18.67 -29.78 29.14
C ASN C 413 17.72 -30.63 28.32
N LEU C 414 16.66 -30.04 27.77
CA LEU C 414 15.62 -30.78 27.08
C LEU C 414 16.13 -31.28 25.72
N THR C 415 15.53 -32.38 25.26
CA THR C 415 15.85 -32.92 23.95
C THR C 415 15.33 -32.01 22.85
N ILE C 416 15.89 -32.18 21.65
CA ILE C 416 15.58 -31.33 20.50
C ILE C 416 14.83 -32.14 19.46
N GLU C 417 13.76 -31.56 18.93
CA GLU C 417 12.87 -32.17 17.94
C GLU C 417 12.58 -31.19 16.81
N ILE C 418 13.64 -30.65 16.20
CA ILE C 418 13.51 -29.74 15.06
C ILE C 418 12.80 -30.45 13.92
N GLY C 419 11.70 -29.88 13.46
CA GLY C 419 10.83 -30.52 12.50
C GLY C 419 11.33 -30.47 11.08
N PRO C 420 10.43 -30.65 10.12
CA PRO C 420 10.85 -30.70 8.71
C PRO C 420 11.23 -29.32 8.22
N PRO C 421 12.20 -29.23 7.31
CA PRO C 421 12.54 -27.94 6.71
C PRO C 421 11.50 -27.50 5.69
N VAL C 422 10.44 -26.83 6.17
CA VAL C 422 9.38 -26.37 5.29
C VAL C 422 9.93 -25.30 4.35
N TYR C 423 9.45 -25.29 3.12
CA TYR C 423 10.01 -24.43 2.10
C TYR C 423 9.23 -23.12 2.07
N THR C 424 9.42 -22.35 1.00
CA THR C 424 8.88 -21.00 0.84
C THR C 424 7.35 -20.94 0.91
N GLU C 425 6.86 -20.18 1.88
CA GLU C 425 5.42 -19.91 2.01
C GLU C 425 4.76 -19.27 0.78
N PRO C 426 5.38 -18.30 0.02
CA PRO C 426 4.71 -17.84 -1.21
C PRO C 426 4.68 -18.85 -2.35
N VAL C 427 4.26 -18.37 -3.52
CA VAL C 427 3.83 -19.20 -4.66
C VAL C 427 4.94 -20.08 -5.24
N ASP C 428 6.21 -19.80 -4.90
CA ASP C 428 7.37 -20.52 -5.45
C ASP C 428 7.34 -22.00 -5.13
N ILE C 429 6.77 -22.39 -3.98
CA ILE C 429 6.64 -23.79 -3.60
C ILE C 429 5.75 -24.55 -4.60
N THR C 430 4.75 -23.86 -5.17
CA THR C 430 3.92 -24.46 -6.22
C THR C 430 4.75 -24.76 -7.46
N ASN C 431 5.72 -23.90 -7.77
CA ASN C 431 6.71 -24.21 -8.80
C ASN C 431 7.49 -25.47 -8.43
N GLN C 432 7.86 -25.59 -7.15
CA GLN C 432 8.38 -26.85 -6.64
C GLN C 432 7.35 -27.96 -6.76
N LEU C 433 6.07 -27.67 -6.44
CA LEU C 433 5.03 -28.65 -6.74
C LEU C 433 4.91 -28.91 -8.23
N GLY C 434 5.23 -27.90 -9.05
CA GLY C 434 5.37 -28.11 -10.49
C GLY C 434 6.39 -29.15 -10.84
N ASN C 435 7.60 -29.06 -10.24
CA ASN C 435 8.51 -30.15 -10.59
C ASN C 435 8.25 -31.39 -9.75
N ILE C 436 7.50 -31.26 -8.65
CA ILE C 436 6.97 -32.44 -8.00
C ILE C 436 5.96 -33.11 -8.92
N ASN C 437 5.19 -32.29 -9.66
CA ASN C 437 4.36 -32.84 -10.73
C ASN C 437 5.23 -33.44 -11.82
N GLU C 438 6.37 -32.82 -12.12
CA GLU C 438 7.33 -33.45 -13.02
C GLU C 438 7.92 -34.69 -12.38
N THR C 439 8.12 -34.66 -11.05
CA THR C 439 8.42 -35.90 -10.33
C THR C 439 7.29 -36.89 -10.50
N LEU C 440 6.05 -36.41 -10.37
CA LEU C 440 4.88 -37.24 -10.69
C LEU C 440 4.92 -37.71 -12.12
N SER C 441 5.38 -36.85 -13.04
CA SER C 441 5.39 -37.20 -14.44
C SER C 441 6.48 -38.22 -14.75
N LYS C 442 7.62 -38.18 -13.99
CA LYS C 442 8.58 -39.33 -14.05
C LYS C 442 8.07 -40.55 -13.31
N THR C 443 7.25 -40.39 -12.24
CA THR C 443 6.63 -41.59 -11.70
C THR C 443 5.55 -42.10 -12.65
N LEU C 444 4.91 -41.19 -13.39
CA LEU C 444 4.10 -41.61 -14.53
C LEU C 444 4.95 -42.34 -15.55
N ASP C 445 6.18 -41.84 -15.78
CA ASP C 445 7.14 -42.58 -16.60
C ASP C 445 7.48 -43.91 -15.93
N LEU C 446 7.61 -43.92 -14.60
CA LEU C 446 7.75 -45.18 -13.88
C LEU C 446 6.49 -46.01 -14.04
N ILE C 447 5.32 -45.37 -14.03
CA ILE C 447 4.08 -46.06 -14.41
C ILE C 447 4.16 -46.54 -15.83
N LYS C 448 4.71 -45.71 -16.73
CA LYS C 448 4.99 -46.17 -18.08
C LYS C 448 6.08 -47.22 -18.12
N GLN C 449 7.05 -47.18 -17.18
CA GLN C 449 7.97 -48.30 -17.05
C GLN C 449 7.24 -49.52 -16.52
N SER C 450 6.27 -49.32 -15.61
CA SER C 450 5.44 -50.46 -15.26
C SER C 450 4.39 -50.75 -16.31
N ASN C 451 4.22 -49.87 -17.31
CA ASN C 451 3.50 -50.29 -18.50
C ASN C 451 4.35 -51.21 -19.36
N SER C 452 5.69 -51.10 -19.23
CA SER C 452 6.61 -52.01 -19.90
C SER C 452 7.03 -53.18 -19.01
N ILE C 453 6.95 -53.04 -17.68
CA ILE C 453 7.14 -54.19 -16.80
C ILE C 453 5.97 -55.16 -16.96
N LEU C 454 4.73 -54.63 -16.96
CA LEU C 454 3.54 -55.44 -17.23
C LEU C 454 3.53 -56.05 -18.63
N ASP C 455 4.28 -55.48 -19.57
CA ASP C 455 4.50 -56.17 -20.84
C ASP C 455 5.35 -57.43 -20.63
N MET C 456 6.48 -57.30 -19.93
CA MET C 456 7.37 -58.45 -19.78
C MET C 456 6.83 -59.42 -18.73
N ILE C 457 5.94 -58.93 -17.87
CA ILE C 457 5.09 -59.80 -17.05
C ILE C 457 4.26 -60.72 -17.93
N THR C 458 3.72 -60.22 -19.05
CA THR C 458 3.06 -61.10 -20.00
C THR C 458 4.04 -61.96 -20.80
N GLY C 459 5.34 -61.70 -20.67
CA GLY C 459 6.36 -62.63 -21.14
C GLY C 459 6.73 -63.67 -20.10
N GLY C 460 5.92 -63.78 -19.04
CA GLY C 460 6.07 -64.85 -18.08
C GLY C 460 5.54 -66.19 -18.52
N LEU C 461 4.89 -66.25 -19.69
CA LEU C 461 4.38 -67.49 -20.25
C LEU C 461 5.50 -68.43 -20.67
C1 NAG D . 2.82 46.08 -8.78
C2 NAG D . 2.90 47.59 -9.02
C3 NAG D . 1.59 48.07 -9.66
C4 NAG D . 1.24 47.26 -10.93
C5 NAG D . 1.41 45.75 -10.67
C6 NAG D . 1.27 44.88 -11.90
C7 NAG D . 4.40 48.93 -7.62
C8 NAG D . 4.55 49.62 -6.29
N2 NAG D . 3.21 48.30 -7.81
O3 NAG D . 1.83 49.45 -9.84
O4 NAG D . -0.10 47.44 -11.39
O5 NAG D . 2.67 45.48 -10.05
O6 NAG D . -0.07 44.90 -12.33
O7 NAG D . 5.29 48.93 -8.45
C1 NAG D . -0.49 48.72 -11.95
C2 NAG D . -0.27 48.84 -13.48
C3 NAG D . -0.90 50.14 -14.02
C4 NAG D . -2.29 50.48 -13.48
C5 NAG D . -2.36 50.22 -11.97
C6 NAG D . -3.73 50.29 -11.32
C7 NAG D . 2.17 49.54 -13.56
C8 NAG D . 3.46 49.14 -14.23
N2 NAG D . 1.11 48.76 -13.91
O3 NAG D . -0.89 50.05 -15.42
O4 NAG D . -2.45 51.85 -13.79
O5 NAG D . -1.86 48.92 -11.71
O6 NAG D . -3.66 49.86 -9.98
O7 NAG D . 2.15 50.49 -12.79
C1 BMA D . -3.69 52.17 -14.48
C2 BMA D . -3.45 53.40 -15.36
C3 BMA D . -4.75 53.80 -16.11
C4 BMA D . -5.81 52.69 -16.32
C5 BMA D . -5.27 51.27 -16.19
C6 BMA D . -4.91 50.64 -17.54
O2 BMA D . -2.38 53.11 -16.23
O3 BMA D . -4.33 54.39 -17.32
O4 BMA D . -6.82 52.94 -15.36
O5 BMA D . -4.16 51.09 -15.29
O6 BMA D . -5.22 49.27 -17.47
C1 NAG E . 24.05 15.40 -30.59
C2 NAG E . 25.47 15.03 -30.15
C3 NAG E . 26.39 16.25 -30.26
C4 NAG E . 26.36 16.88 -31.66
C5 NAG E . 24.89 17.08 -32.10
C6 NAG E . 24.77 17.53 -33.54
C7 NAG E . 25.35 14.84 -27.59
C8 NAG E . 25.43 13.78 -26.53
N2 NAG E . 25.49 14.36 -28.86
O3 NAG E . 27.68 15.82 -29.87
O4 NAG E . 27.03 18.12 -31.61
O5 NAG E . 24.16 15.88 -31.92
O6 NAG E . 25.76 16.87 -34.30
O7 NAG E . 25.15 16.00 -27.27
C1 NAG E . 28.34 18.02 -32.20
C2 NAG E . 28.74 19.41 -32.76
C3 NAG E . 30.20 19.39 -33.22
C4 NAG E . 31.13 18.91 -32.09
C5 NAG E . 30.64 17.52 -31.64
C6 NAG E . 31.44 16.89 -30.53
C7 NAG E . 27.57 19.39 -35.02
C8 NAG E . 26.57 20.20 -35.80
N2 NAG E . 27.85 19.89 -33.79
O3 NAG E . 30.46 20.67 -33.73
O4 NAG E . 32.47 18.84 -32.53
O5 NAG E . 29.28 17.62 -31.24
O6 NAG E . 30.81 15.70 -30.12
O7 NAG E . 28.07 18.38 -35.50
C1 BMA E . 33.20 20.02 -32.11
C2 BMA E . 34.13 19.68 -30.93
C3 BMA E . 34.96 20.93 -30.53
C4 BMA E . 35.21 22.00 -31.63
C5 BMA E . 34.98 21.51 -33.06
C6 BMA E . 36.25 21.02 -33.75
O2 BMA E . 34.94 18.59 -31.30
O3 BMA E . 36.16 20.44 -29.97
O4 BMA E . 34.34 23.07 -31.32
O5 BMA E . 33.96 20.51 -33.20
O6 BMA E . 36.99 22.17 -34.13
C1 FUC E . 25.13 16.04 -35.30
C2 FUC E . 26.16 15.78 -36.41
C3 FUC E . 27.31 14.95 -35.84
C4 FUC E . 26.80 13.63 -35.25
C5 FUC E . 25.72 13.96 -34.20
C6 FUC E . 25.02 12.73 -33.66
O2 FUC E . 26.58 17.02 -36.93
O3 FUC E . 28.24 14.76 -36.88
O4 FUC E . 26.32 12.84 -36.30
O5 FUC E . 24.72 14.81 -34.76
C1 NAG F . 7.70 43.23 17.22
C2 NAG F . 7.92 44.68 17.68
C3 NAG F . 9.13 45.26 16.95
C4 NAG F . 10.39 44.37 17.11
C5 NAG F . 10.01 42.90 16.82
C6 NAG F . 11.12 41.90 17.05
C7 NAG F . 6.18 46.21 18.49
C8 NAG F . 4.96 47.00 18.10
N2 NAG F . 6.74 45.49 17.50
O3 NAG F . 9.23 46.56 17.47
O4 NAG F . 11.46 44.71 16.23
O5 NAG F . 8.86 42.51 17.56
O6 NAG F . 12.13 42.10 16.08
O7 NAG F . 6.62 46.24 19.63
C1 NAG F . 12.24 45.90 16.51
C2 NAG F . 13.44 45.66 17.45
C3 NAG F . 14.36 46.89 17.47
C4 NAG F . 14.66 47.53 16.11
C5 NAG F . 13.36 47.62 15.28
C6 NAG F . 13.55 48.06 13.84
C7 NAG F . 13.13 44.24 19.46
C8 NAG F . 12.64 44.26 20.88
N2 NAG F . 13.05 45.42 18.81
O3 NAG F . 15.54 46.53 18.15
O4 NAG F . 15.19 48.80 16.40
O5 NAG F . 12.74 46.36 15.26
O6 NAG F . 12.38 47.82 13.11
O7 NAG F . 13.55 43.22 18.94
C1 BMA F . 16.52 48.99 15.85
C2 BMA F . 17.18 50.14 16.60
C3 BMA F . 18.63 50.39 16.09
C4 BMA F . 19.34 49.21 15.38
C5 BMA F . 18.73 47.84 15.68
C6 BMA F . 19.48 47.04 16.76
O2 BMA F . 17.15 49.84 17.97
O3 BMA F . 19.36 50.85 17.20
O4 BMA F . 19.26 49.51 14.00
O5 BMA F . 17.33 47.82 15.96
O6 BMA F . 19.64 47.84 17.92
C1 NAG G . 15.03 6.60 38.90
C2 NAG G . 13.84 6.14 39.76
C3 NAG G . 13.57 7.13 40.91
C4 NAG G . 14.82 7.35 41.77
C5 NAG G . 16.03 7.65 40.88
C6 NAG G . 17.33 7.54 41.63
C7 NAG G . 11.66 6.47 38.43
C8 NAG G . 10.66 5.62 37.70
N2 NAG G . 12.68 5.76 38.97
O3 NAG G . 12.49 6.62 41.64
O4 NAG G . 14.57 8.43 42.64
O5 NAG G . 16.10 6.73 39.80
O6 NAG G . 17.29 6.41 42.46
O7 NAG G . 11.50 7.68 38.50
C1 NAG G . 14.38 7.98 44.00
C2 NAG G . 14.90 9.07 44.97
C3 NAG G . 14.50 8.76 46.42
C4 NAG G . 13.02 8.40 46.56
C5 NAG G . 12.68 7.29 45.55
C6 NAG G . 11.23 6.87 45.56
C7 NAG G . 17.37 8.48 45.07
C8 NAG G . 18.71 9.12 44.81
N2 NAG G . 16.32 9.31 44.84
O3 NAG G . 14.86 9.87 47.19
O4 NAG G . 12.79 7.99 47.89
O5 NAG G . 13.02 7.73 44.25
O6 NAG G . 11.00 5.98 44.49
O7 NAG G . 17.29 7.31 45.43
C1 BMA G . 11.99 8.97 48.58
C2 BMA G . 11.18 8.25 49.66
C3 BMA G . 10.40 9.26 50.56
C4 BMA G . 10.97 10.70 50.65
C5 BMA G . 12.44 10.83 50.22
C6 BMA G . 13.43 10.70 51.38
O2 BMA G . 12.05 7.43 50.41
O3 BMA G . 10.29 8.65 51.82
O4 BMA G . 10.14 11.50 49.84
O5 BMA G . 12.84 9.96 49.16
O6 BMA G . 13.28 11.84 52.20
C1 FUC G . 18.42 5.56 42.17
C2 FUC G . 18.83 4.82 43.45
C3 FUC G . 17.73 3.83 43.85
C4 FUC G . 17.43 2.85 42.70
C5 FUC G . 17.08 3.66 41.44
C6 FUC G . 16.90 2.81 40.20
O2 FUC G . 19.08 5.77 44.46
O3 FUC G . 18.14 3.18 45.03
O4 FUC G . 18.55 2.03 42.51
O5 FUC G . 18.11 4.62 41.17
C1 NAG H . -17.93 43.00 8.18
C2 NAG H . -17.97 44.51 8.45
C3 NAG H . -18.24 44.78 9.93
C4 NAG H . -19.36 43.91 10.56
C5 NAG H . -19.39 42.48 9.97
C6 NAG H . -20.65 41.72 10.27
C7 NAG H . -16.65 46.02 7.02
C8 NAG H . -15.27 46.56 6.76
N2 NAG H . -16.74 45.14 8.03
O3 NAG H . -18.49 46.16 9.95
O4 NAG H . -19.14 43.78 11.94
O5 NAG H . -19.18 42.49 8.57
O6 NAG H . -21.72 42.26 9.52
O7 NAG H . -17.61 46.37 6.34
C1 NAG H . -19.56 44.92 12.71
C2 NAG H . -20.65 44.52 13.72
C3 NAG H . -21.04 45.75 14.56
C4 NAG H . -19.82 46.44 15.19
C5 NAG H . -18.76 46.68 14.10
C6 NAG H . -17.46 47.27 14.58
C7 NAG H . -22.36 42.79 13.36
C8 NAG H . -23.59 42.44 12.55
N2 NAG H . -21.82 43.99 13.07
O3 NAG H . -21.98 45.24 15.48
O4 NAG H . -20.15 47.71 15.75
O5 NAG H . -18.48 45.46 13.44
O6 NAG H . -17.59 48.67 14.71
O7 NAG H . -21.92 42.04 14.21
C1 BMA H . -20.66 47.70 17.11
C2 BMA H . -19.72 46.95 18.08
C3 BMA H . -20.36 46.93 19.49
C4 BMA H . -21.28 48.13 19.87
C5 BMA H . -21.16 49.34 18.94
C6 BMA H . -20.19 50.40 19.47
O2 BMA H . -18.46 47.56 18.05
O3 BMA H . -19.30 46.76 20.40
O4 BMA H . -22.60 47.61 19.84
O5 BMA H . -20.82 49.04 17.58
O6 BMA H . -20.91 51.24 20.35
C1 NAG I . -41.46 9.19 -3.71
C2 NAG I . -41.62 9.06 -5.23
C3 NAG I . -42.49 10.22 -5.71
C4 NAG I . -43.85 10.29 -4.98
C5 NAG I . -43.70 10.02 -3.46
C6 NAG I . -44.99 9.68 -2.74
C7 NAG I . -39.35 9.79 -6.09
C8 NAG I . -38.24 9.26 -6.96
N2 NAG I . -40.38 8.93 -5.96
O3 NAG I . -42.58 10.05 -7.11
O4 NAG I . -44.41 11.59 -5.14
O5 NAG I . -42.77 8.98 -3.21
O6 NAG I . -45.87 8.92 -3.54
O7 NAG I . -39.28 10.90 -5.58
C1 NAG I . -45.28 11.66 -6.29
C2 NAG I . -46.51 12.53 -6.00
C3 NAG I . -47.33 12.75 -7.27
C4 NAG I . -46.49 13.18 -8.48
C5 NAG I . -45.28 12.25 -8.61
C6 NAG I . -44.30 12.64 -9.70
C7 NAG I . -48.02 10.86 -4.82
C8 NAG I . -48.77 10.69 -3.52
N2 NAG I . -47.33 12.03 -4.91
O3 NAG I . -48.35 13.67 -6.99
O4 NAG I . -47.32 13.09 -9.62
O5 NAG I . -44.58 12.23 -7.37
O6 NAG I . -43.15 11.82 -9.62
O7 NAG I . -48.06 9.98 -5.67
C1 BMA I . -47.59 14.38 -10.22
C2 BMA I . -48.80 14.18 -11.13
C3 BMA I . -49.36 15.52 -11.68
C4 BMA I . -49.02 16.80 -10.89
C5 BMA I . -48.59 16.55 -9.44
C6 BMA I . -49.76 16.60 -8.45
O2 BMA I . -49.77 13.45 -10.41
O3 BMA I . -50.75 15.33 -11.82
O4 BMA I . -47.98 17.43 -11.62
O5 BMA I . -47.83 15.37 -9.22
O6 BMA I . -50.26 17.91 -8.44
C1 FUC I . -45.71 7.51 -3.26
C2 FUC I . -47.08 6.88 -3.04
C3 FUC I . -47.89 6.89 -4.35
C4 FUC I . -47.11 6.30 -5.53
C5 FUC I . -45.74 6.99 -5.61
C6 FUC I . -44.83 6.39 -6.66
O2 FUC I . -47.73 7.56 -2.00
O3 FUC I . -49.10 6.21 -4.09
O4 FUC I . -47.00 4.91 -5.34
O5 FUC I . -45.07 6.89 -4.36
C1 NAG J . -39.15 -28.08 -6.17
C2 NAG J . -40.20 -27.28 -6.96
C3 NAG J . -41.50 -27.25 -6.16
C4 NAG J . -41.96 -28.68 -5.82
C5 NAG J . -40.81 -29.50 -5.23
C6 NAG J . -41.13 -30.97 -5.01
C7 NAG J . -39.49 -25.51 -8.57
C8 NAG J . -39.76 -26.45 -9.72
N2 NAG J . -39.72 -25.97 -7.32
O3 NAG J . -42.47 -26.55 -6.90
O4 NAG J . -43.03 -28.57 -4.92
O5 NAG J . -39.65 -29.39 -6.06
O6 NAG J . -40.04 -31.60 -4.39
O7 NAG J . -39.08 -24.37 -8.79
C1 NAG K . -20.59 -31.53 -14.11
C2 NAG K . -20.43 -32.99 -13.65
C3 NAG K . -20.74 -33.92 -14.81
C4 NAG K . -22.09 -33.63 -15.45
C5 NAG K . -22.17 -32.14 -15.82
C6 NAG K . -23.52 -31.72 -16.37
C7 NAG K . -18.76 -33.40 -11.83
C8 NAG K . -19.85 -33.27 -10.80
N2 NAG K . -19.11 -33.25 -13.13
O3 NAG K . -20.65 -35.25 -14.34
O4 NAG K . -22.22 -34.46 -16.58
O5 NAG K . -21.88 -31.36 -14.67
O6 NAG K . -23.54 -30.32 -16.54
O7 NAG K . -17.60 -33.63 -11.49
C1 NAG L . 13.27 -36.46 0.19
C2 NAG L . 13.88 -37.73 -0.43
C3 NAG L . 15.41 -37.80 -0.23
C4 NAG L . 16.16 -36.47 -0.35
C5 NAG L . 15.43 -35.40 0.46
C6 NAG L . 16.04 -34.02 0.34
C7 NAG L . 13.33 -39.39 1.43
C8 NAG L . 12.70 -40.74 1.61
N2 NAG L . 13.34 -38.95 0.15
O3 NAG L . 15.92 -38.76 -1.11
O4 NAG L . 17.46 -36.67 0.15
O5 NAG L . 14.13 -35.35 -0.05
O6 NAG L . 15.06 -33.04 0.59
O7 NAG L . 13.77 -38.80 2.42
C1 NAG M . 23.60 -22.14 -35.96
C2 NAG M . 24.90 -21.42 -36.35
C3 NAG M . 24.98 -21.35 -37.89
C4 NAG M . 24.84 -22.74 -38.52
C5 NAG M . 23.60 -23.45 -37.96
C6 NAG M . 23.46 -24.89 -38.42
C7 NAG M . 26.00 -19.71 -34.91
C8 NAG M . 27.07 -20.71 -34.54
N2 NAG M . 25.03 -20.12 -35.76
O3 NAG M . 26.19 -20.74 -38.24
O4 NAG M . 24.76 -22.56 -39.91
O5 NAG M . 23.63 -23.43 -36.53
O6 NAG M . 22.36 -25.49 -37.78
O7 NAG M . 26.04 -18.57 -34.44
C1 NAG N . 21.18 -29.15 -17.08
C2 NAG N . 20.83 -30.53 -17.65
C3 NAG N . 22.02 -31.47 -17.49
C4 NAG N . 23.31 -30.87 -18.06
C5 NAG N . 23.53 -29.46 -17.47
C6 NAG N . 24.72 -28.74 -18.04
C7 NAG N . 18.42 -31.21 -17.51
C8 NAG N . 18.20 -30.72 -18.93
N2 NAG N . 19.66 -31.08 -16.99
O3 NAG N . 21.70 -32.69 -18.10
O4 NAG N . 24.37 -31.75 -17.73
O5 NAG N . 22.37 -28.69 -17.70
O6 NAG N . 24.77 -27.43 -17.54
O7 NAG N . 17.49 -31.70 -16.87
C1 NAG O . -5.65 -38.64 -0.45
C2 NAG O . -4.69 -37.83 0.47
C3 NAG O . -4.90 -38.20 1.94
C4 NAG O . -6.37 -38.08 2.33
C5 NAG O . -7.23 -38.91 1.36
C6 NAG O . -8.70 -38.78 1.67
C7 NAG O . -2.53 -36.98 -0.50
C8 NAG O . -3.18 -35.66 -0.83
N2 NAG O . -3.30 -37.93 0.10
O3 NAG O . -4.08 -37.36 2.73
O4 NAG O . -6.52 -38.51 3.66
O5 NAG O . -6.99 -38.51 0.01
O6 NAG O . -9.48 -39.65 0.87
O7 NAG O . -1.37 -37.18 -0.80
C1 NAG P . 18.48 -29.98 33.70
C2 NAG P . 17.86 -30.15 35.11
C3 NAG P . 18.95 -29.83 36.15
C4 NAG P . 20.24 -30.62 35.91
C5 NAG P . 20.65 -30.52 34.43
C6 NAG P . 21.87 -31.35 34.06
C7 NAG P . 15.40 -29.76 35.32
C8 NAG P . 15.16 -31.25 35.19
N2 NAG P . 16.69 -29.34 35.27
O3 NAG P . 18.41 -30.08 37.42
O4 NAG P . 21.23 -30.06 36.75
O5 NAG P . 19.54 -30.92 33.62
O6 NAG P . 22.31 -30.96 32.78
O7 NAG P . 14.46 -29.00 35.46
C1 NAG Q . 2.92 -34.30 20.92
C2 NAG Q . 3.13 -35.73 20.36
C3 NAG Q . 2.42 -36.73 21.27
C4 NAG Q . 2.84 -36.58 22.74
C5 NAG Q . 2.68 -35.11 23.17
C6 NAG Q . 3.19 -34.83 24.56
C7 NAG Q . 3.32 -36.07 17.88
C8 NAG Q . 4.82 -36.15 18.01
N2 NAG Q . 2.62 -35.88 19.02
O3 NAG Q . 2.69 -38.02 20.79
O4 NAG Q . 2.02 -37.43 23.51
O5 NAG Q . 3.38 -34.29 22.26
O6 NAG Q . 3.32 -33.44 24.75
O7 NAG Q . 2.78 -36.18 16.79
C1 NAG R . 1.83 -32.47 -14.63
C2 NAG R . 1.30 -31.33 -15.51
C3 NAG R . 0.33 -31.90 -16.54
C4 NAG R . 0.95 -33.05 -17.33
C5 NAG R . 1.53 -34.10 -16.36
C6 NAG R . 2.25 -35.23 -17.05
C7 NAG R . 1.22 -29.10 -14.46
C8 NAG R . 0.39 -28.19 -13.59
N2 NAG R . 0.68 -30.31 -14.71
O3 NAG R . -0.07 -30.84 -17.38
O4 NAG R . -0.06 -33.60 -18.14
O5 NAG R . 2.43 -33.45 -15.46
O6 NAG R . 3.32 -34.73 -17.83
O7 NAG R . 2.30 -28.73 -14.92
#